data_9H2V
#
_entry.id   9H2V
#
_cell.length_a   1.00
_cell.length_b   1.00
_cell.length_c   1.00
_cell.angle_alpha   90.00
_cell.angle_beta   90.00
_cell.angle_gamma   90.00
#
_symmetry.space_group_name_H-M   'P 1'
#
loop_
_entity.id
_entity.type
_entity.pdbx_description
1 polymer 'Low conductance mechanosensitive channel YnaI,Small-conductance mechanosensitive channel'
2 non-polymer DODECANE
#
_entity_poly.entity_id   1
_entity_poly.type   'polypeptide(L)'
_entity_poly.pdbx_seq_one_letter_code
;FTNNALNLVIIFGSCAALILMSFWFRRGNRKRKGFLFHAVQFLIYTIIISAVGSIINYVIENYKLKFITPGVIDFICTSL
IAVILTIKLFLLINQFEKQQAAKGRDITSARIMSRIIKITIIVVLVLLYGEHFGVQTASVIAVLGAAGLAVGLALQGSLS
NLAAGVLLVMFRPFRAGEYVDLGGVAGTVLSVQIFSTTMRTADGKIIVIPNGKIIAGNIINFSREPVRRNEFIIGVAYDS
DIDQVKQILTNIIQSEDRILKDREMTVRLNELGASSINFVVRVWSNSGDLQNVYWDVLERIKREFDAAGISFPYPQMDVN
FKRV
;
_entity_poly.pdbx_strand_id   A,B,C,D,E,F,G
#
loop_
_chem_comp.id
_chem_comp.type
_chem_comp.name
_chem_comp.formula
D12 non-polymer DODECANE 'C12 H26'
#
# COMPACT_ATOMS: atom_id res chain seq x y z
N PHE A 1 -54.32 -22.52 -32.28
CA PHE A 1 -55.72 -22.09 -32.26
C PHE A 1 -55.83 -20.58 -32.25
N THR A 2 -56.97 -20.06 -32.71
CA THR A 2 -57.18 -18.62 -32.75
C THR A 2 -57.16 -18.02 -31.36
N ASN A 3 -57.45 -18.82 -30.33
CA ASN A 3 -57.46 -18.30 -28.97
C ASN A 3 -56.08 -17.81 -28.54
N ASN A 4 -55.02 -18.47 -28.98
CA ASN A 4 -53.66 -18.09 -28.63
C ASN A 4 -53.17 -16.93 -29.50
N ALA A 5 -53.94 -15.85 -29.50
CA ALA A 5 -53.59 -14.68 -30.30
C ALA A 5 -52.27 -14.08 -29.86
N LEU A 6 -52.03 -14.01 -28.55
CA LEU A 6 -50.79 -13.44 -28.05
C LEU A 6 -49.59 -14.26 -28.53
N ASN A 7 -49.69 -15.59 -28.43
CA ASN A 7 -48.59 -16.44 -28.88
C ASN A 7 -48.38 -16.31 -30.38
N LEU A 8 -49.47 -16.27 -31.15
CA LEU A 8 -49.33 -16.12 -32.59
C LEU A 8 -48.65 -14.80 -32.93
N VAL A 9 -49.05 -13.72 -32.25
CA VAL A 9 -48.47 -12.41 -32.51
C VAL A 9 -46.99 -12.41 -32.15
N ILE A 10 -46.62 -13.00 -31.02
CA ILE A 10 -45.22 -13.01 -30.61
C ILE A 10 -44.38 -13.80 -31.59
N ILE A 11 -44.87 -14.97 -32.02
CA ILE A 11 -44.11 -15.78 -32.97
C ILE A 11 -43.96 -15.04 -34.30
N PHE A 12 -45.04 -14.42 -34.78
CA PHE A 12 -44.96 -13.68 -36.03
C PHE A 12 -43.99 -12.51 -35.92
N GLY A 13 -44.01 -11.82 -34.78
CA GLY A 13 -43.08 -10.72 -34.58
C GLY A 13 -41.64 -11.17 -34.56
N SER A 14 -41.36 -12.29 -33.89
CA SER A 14 -40.01 -12.83 -33.87
C SER A 14 -39.55 -13.21 -35.27
N CYS A 15 -40.42 -13.88 -36.03
CA CYS A 15 -40.07 -14.26 -37.39
C CYS A 15 -39.81 -13.03 -38.26
N ALA A 16 -40.66 -12.01 -38.14
CA ALA A 16 -40.50 -10.79 -38.92
C ALA A 16 -39.21 -10.07 -38.54
N ALA A 17 -38.89 -10.05 -37.24
CA ALA A 17 -37.64 -9.42 -36.81
C ALA A 17 -36.44 -10.14 -37.38
N LEU A 18 -36.46 -11.47 -37.35
CA LEU A 18 -35.35 -12.23 -37.93
C LEU A 18 -35.22 -11.96 -39.42
N ILE A 19 -36.35 -11.94 -40.14
CA ILE A 19 -36.31 -11.71 -41.58
C ILE A 19 -35.79 -10.31 -41.89
N LEU A 20 -36.25 -9.31 -41.14
CA LEU A 20 -35.81 -7.94 -41.37
C LEU A 20 -34.32 -7.79 -41.06
N MET A 21 -33.85 -8.43 -39.99
CA MET A 21 -32.42 -8.37 -39.68
C MET A 21 -31.60 -9.00 -40.79
N SER A 22 -32.06 -10.14 -41.31
CA SER A 22 -31.37 -10.78 -42.43
C SER A 22 -31.33 -9.86 -43.64
N PHE A 23 -32.47 -9.23 -43.96
CA PHE A 23 -32.52 -8.33 -45.11
C PHE A 23 -31.57 -7.14 -44.92
N TRP A 24 -31.56 -6.55 -43.73
CA TRP A 24 -30.66 -5.43 -43.47
C TRP A 24 -29.21 -5.85 -43.60
N PHE A 25 -28.86 -7.03 -43.09
CA PHE A 25 -27.48 -7.49 -43.16
C PHE A 25 -27.07 -7.77 -44.60
N ARG A 26 -27.99 -8.32 -45.42
CA ARG A 26 -27.68 -8.57 -46.82
C ARG A 26 -27.35 -7.27 -47.54
N ARG A 27 -28.18 -6.23 -47.34
CA ARG A 27 -27.92 -4.95 -47.97
C ARG A 27 -26.64 -4.33 -47.43
N GLY A 28 -26.43 -4.41 -46.13
CA GLY A 28 -25.24 -3.87 -45.50
C GLY A 28 -24.78 -4.68 -44.30
N ASN A 29 -23.48 -4.85 -44.15
CA ASN A 29 -22.96 -5.62 -43.03
C ASN A 29 -23.32 -4.97 -41.71
N ARG A 30 -23.72 -5.79 -40.75
CA ARG A 30 -24.09 -5.29 -39.42
C ARG A 30 -22.86 -4.75 -38.70
N LYS A 31 -23.08 -3.73 -37.87
CA LYS A 31 -22.00 -3.08 -37.14
C LYS A 31 -21.74 -3.87 -35.85
N ARG A 32 -20.87 -3.33 -34.99
CA ARG A 32 -20.51 -3.94 -33.71
C ARG A 32 -19.93 -5.32 -34.01
N LYS A 33 -20.43 -6.38 -33.37
CA LYS A 33 -19.98 -7.74 -33.64
C LYS A 33 -20.79 -8.32 -34.78
N GLY A 34 -20.22 -9.31 -35.47
CA GLY A 34 -20.99 -10.07 -36.45
C GLY A 34 -21.97 -10.99 -35.75
N PHE A 35 -21.79 -11.13 -34.44
CA PHE A 35 -22.65 -11.98 -33.63
C PHE A 35 -24.08 -11.44 -33.53
N LEU A 36 -24.38 -10.32 -34.18
CA LEU A 36 -25.71 -9.73 -34.08
C LEU A 36 -26.78 -10.71 -34.57
N PHE A 37 -26.53 -11.35 -35.72
CA PHE A 37 -27.50 -12.31 -36.24
C PHE A 37 -27.61 -13.56 -35.39
N HIS A 38 -26.56 -13.91 -34.64
CA HIS A 38 -26.65 -15.01 -33.69
C HIS A 38 -27.47 -14.65 -32.46
N ALA A 39 -27.28 -13.43 -31.95
CA ALA A 39 -28.09 -12.97 -30.81
C ALA A 39 -29.55 -12.83 -31.21
N VAL A 40 -29.82 -12.36 -32.42
CA VAL A 40 -31.20 -12.27 -32.90
C VAL A 40 -31.82 -13.65 -32.98
N GLN A 41 -31.07 -14.62 -33.49
CA GLN A 41 -31.57 -15.99 -33.55
C GLN A 41 -31.83 -16.52 -32.15
N PHE A 42 -30.92 -16.25 -31.21
CA PHE A 42 -31.11 -16.70 -29.83
C PHE A 42 -32.40 -16.13 -29.24
N LEU A 43 -32.62 -14.82 -29.43
CA LEU A 43 -33.83 -14.20 -28.88
C LEU A 43 -35.09 -14.75 -29.53
N ILE A 44 -35.04 -14.97 -30.85
CA ILE A 44 -36.21 -15.51 -31.53
C ILE A 44 -36.50 -16.93 -31.05
N TYR A 45 -35.45 -17.71 -30.82
CA TYR A 45 -35.64 -19.07 -30.30
C TYR A 45 -36.22 -19.05 -28.89
N THR A 46 -35.76 -18.10 -28.06
CA THR A 46 -36.35 -17.97 -26.73
C THR A 46 -37.82 -17.61 -26.81
N ILE A 47 -38.18 -16.70 -27.72
CA ILE A 47 -39.58 -16.34 -27.89
C ILE A 47 -40.39 -17.54 -28.35
N ILE A 48 -39.84 -18.32 -29.29
CA ILE A 48 -40.55 -19.49 -29.80
C ILE A 48 -40.74 -20.51 -28.69
N ILE A 49 -39.72 -20.71 -27.84
CA ILE A 49 -39.86 -21.68 -26.76
C ILE A 49 -40.88 -21.20 -25.74
N SER A 50 -40.91 -19.90 -25.45
CA SER A 50 -41.94 -19.39 -24.55
C SER A 50 -43.33 -19.60 -25.13
N ALA A 51 -43.50 -19.34 -26.43
CA ALA A 51 -44.78 -19.56 -27.07
C ALA A 51 -45.17 -21.03 -27.03
N VAL A 52 -44.20 -21.92 -27.24
CA VAL A 52 -44.48 -23.35 -27.20
C VAL A 52 -44.91 -23.77 -25.80
N GLY A 53 -44.24 -23.23 -24.78
CA GLY A 53 -44.67 -23.52 -23.41
C GLY A 53 -46.08 -23.04 -23.14
N SER A 54 -46.42 -21.84 -23.62
CA SER A 54 -47.76 -21.32 -23.44
C SER A 54 -48.79 -22.20 -24.15
N ILE A 55 -48.47 -22.65 -25.37
CA ILE A 55 -49.40 -23.50 -26.10
C ILE A 55 -49.55 -24.85 -25.40
N ILE A 56 -48.46 -25.37 -24.83
CA ILE A 56 -48.55 -26.63 -24.08
C ILE A 56 -49.44 -26.45 -22.86
N ASN A 57 -49.30 -25.34 -22.16
CA ASN A 57 -50.18 -25.07 -21.02
C ASN A 57 -51.64 -24.98 -21.47
N TYR A 58 -51.89 -24.31 -22.58
CA TYR A 58 -53.25 -24.21 -23.11
C TYR A 58 -53.81 -25.59 -23.44
N VAL A 59 -52.99 -26.43 -24.07
CA VAL A 59 -53.43 -27.77 -24.44
C VAL A 59 -53.75 -28.59 -23.18
N ILE A 60 -52.87 -28.52 -22.18
CA ILE A 60 -53.09 -29.29 -20.96
C ILE A 60 -54.35 -28.81 -20.25
N GLU A 61 -54.61 -27.51 -20.25
CA GLU A 61 -55.84 -26.99 -19.66
C GLU A 61 -57.04 -27.12 -20.59
N ASN A 62 -56.82 -27.44 -21.87
CA ASN A 62 -57.91 -27.60 -22.83
C ASN A 62 -57.98 -29.00 -23.39
N TYR A 63 -56.87 -29.53 -23.90
CA TYR A 63 -56.84 -30.84 -24.54
C TYR A 63 -56.29 -31.90 -23.58
N LYS A 64 -56.32 -33.14 -24.03
CA LYS A 64 -55.81 -34.25 -23.22
C LYS A 64 -54.30 -34.14 -23.06
N LEU A 65 -53.82 -34.43 -21.85
CA LEU A 65 -52.39 -34.38 -21.56
C LEU A 65 -51.64 -35.63 -22.03
N LYS A 66 -52.36 -36.70 -22.38
CA LYS A 66 -51.74 -37.95 -22.83
C LYS A 66 -50.78 -38.49 -21.77
N PHE A 67 -51.15 -38.34 -20.49
CA PHE A 67 -50.33 -38.80 -19.38
C PHE A 67 -48.94 -38.18 -19.42
N ILE A 68 -48.87 -36.91 -19.82
CA ILE A 68 -47.62 -36.16 -19.90
C ILE A 68 -47.69 -35.06 -18.86
N THR A 69 -46.82 -35.14 -17.86
CA THR A 69 -46.80 -34.12 -16.82
C THR A 69 -46.30 -32.80 -17.40
N PRO A 70 -47.00 -31.69 -17.16
CA PRO A 70 -46.54 -30.40 -17.67
C PRO A 70 -45.16 -30.06 -17.13
N GLY A 71 -44.26 -29.65 -18.02
CA GLY A 71 -42.91 -29.32 -17.64
C GLY A 71 -41.87 -29.89 -18.58
N VAL A 72 -42.23 -30.96 -19.29
CA VAL A 72 -41.29 -31.56 -20.23
C VAL A 72 -40.96 -30.59 -21.35
N ILE A 73 -41.96 -29.88 -21.87
CA ILE A 73 -41.72 -28.90 -22.92
C ILE A 73 -40.82 -27.78 -22.42
N ASP A 74 -41.07 -27.30 -21.19
CA ASP A 74 -40.24 -26.25 -20.62
C ASP A 74 -38.80 -26.72 -20.45
N PHE A 75 -38.61 -27.95 -19.97
CA PHE A 75 -37.27 -28.49 -19.83
C PHE A 75 -36.57 -28.58 -21.18
N ILE A 76 -37.29 -29.06 -22.20
CA ILE A 76 -36.69 -29.19 -23.53
C ILE A 76 -36.29 -27.83 -24.07
N CYS A 77 -37.17 -26.83 -23.92
CA CYS A 77 -36.87 -25.50 -24.44
C CYS A 77 -35.69 -24.89 -23.71
N THR A 78 -35.64 -25.04 -22.38
CA THR A 78 -34.50 -24.50 -21.62
C THR A 78 -33.20 -25.17 -22.04
N SER A 79 -33.23 -26.50 -22.22
CA SER A 79 -32.03 -27.21 -22.65
C SER A 79 -31.58 -26.75 -24.03
N LEU A 80 -32.54 -26.57 -24.95
CA LEU A 80 -32.19 -26.12 -26.30
C LEU A 80 -31.60 -24.71 -26.27
N ILE A 81 -32.17 -23.82 -25.45
CA ILE A 81 -31.64 -22.47 -25.34
C ILE A 81 -30.23 -22.50 -24.77
N ALA A 82 -30.01 -23.33 -23.75
CA ALA A 82 -28.68 -23.45 -23.17
C ALA A 82 -27.68 -23.99 -24.19
N VAL A 83 -28.10 -24.97 -24.99
CA VAL A 83 -27.22 -25.53 -26.02
C VAL A 83 -26.85 -24.45 -27.03
N ILE A 84 -27.83 -23.65 -27.46
CA ILE A 84 -27.53 -22.60 -28.43
C ILE A 84 -26.58 -21.57 -27.83
N LEU A 85 -26.82 -21.20 -26.58
CA LEU A 85 -25.93 -20.24 -25.91
C LEU A 85 -24.52 -20.77 -25.83
N THR A 86 -24.37 -22.05 -25.47
CA THR A 86 -23.05 -22.66 -25.37
C THR A 86 -22.38 -22.71 -26.72
N ILE A 87 -23.12 -23.04 -27.77
CA ILE A 87 -22.54 -23.08 -29.11
C ILE A 87 -22.04 -21.71 -29.52
N LYS A 88 -22.83 -20.67 -29.25
CA LYS A 88 -22.41 -19.32 -29.59
C LYS A 88 -21.17 -18.91 -28.79
N LEU A 89 -21.15 -19.25 -27.50
CA LEU A 89 -19.98 -18.94 -26.68
C LEU A 89 -18.74 -19.64 -27.20
N PHE A 90 -18.88 -20.91 -27.59
CA PHE A 90 -17.74 -21.65 -28.13
C PHE A 90 -17.27 -21.07 -29.46
N LEU A 91 -18.19 -20.62 -30.30
CA LEU A 91 -17.79 -19.96 -31.54
C LEU A 91 -17.02 -18.67 -31.25
N LEU A 92 -17.49 -17.91 -30.25
CA LEU A 92 -16.77 -16.70 -29.86
C LEU A 92 -15.37 -17.05 -29.33
N ILE A 93 -15.27 -18.13 -28.54
CA ILE A 93 -13.97 -18.56 -28.04
C ILE A 93 -13.05 -18.92 -29.18
N ASN A 94 -13.57 -19.63 -30.19
CA ASN A 94 -12.77 -20.01 -31.33
C ASN A 94 -12.28 -18.78 -32.11
N GLN A 95 -13.16 -17.80 -32.30
CA GLN A 95 -12.75 -16.57 -32.97
C GLN A 95 -11.65 -15.86 -32.18
N PHE A 96 -11.83 -15.76 -30.86
CA PHE A 96 -10.81 -15.11 -30.03
C PHE A 96 -9.49 -15.86 -30.09
N GLU A 97 -9.53 -17.19 -30.04
CA GLU A 97 -8.32 -17.98 -30.09
C GLU A 97 -7.61 -17.82 -31.42
N LYS A 98 -8.36 -17.80 -32.52
CA LYS A 98 -7.75 -17.57 -33.82
C LYS A 98 -7.10 -16.19 -33.89
N GLN A 99 -7.78 -15.17 -33.37
CA GLN A 99 -7.23 -13.83 -33.38
C GLN A 99 -5.94 -13.75 -32.58
N GLN A 100 -5.94 -14.35 -31.37
CA GLN A 100 -4.73 -14.36 -30.56
C GLN A 100 -3.61 -15.13 -31.25
N ALA A 101 -3.95 -16.28 -31.84
CA ALA A 101 -2.93 -17.10 -32.50
C ALA A 101 -2.28 -16.35 -33.64
N ALA A 102 -3.05 -16.01 -34.66
CA ALA A 102 -2.47 -15.32 -35.83
C ALA A 102 -2.56 -13.81 -35.68
N LYS A 103 -2.21 -13.28 -34.50
CA LYS A 103 -1.90 -11.87 -34.35
C LYS A 103 -0.50 -11.65 -33.82
N GLY A 104 -0.21 -12.14 -32.61
CA GLY A 104 1.14 -12.08 -32.06
C GLY A 104 1.51 -13.28 -31.22
N ARG A 105 0.57 -14.19 -31.00
CA ARG A 105 0.73 -15.26 -30.03
C ARG A 105 1.08 -16.57 -30.69
N ASP A 106 1.52 -17.53 -29.86
CA ASP A 106 1.84 -18.87 -30.32
C ASP A 106 0.61 -19.76 -30.21
N ILE A 107 0.79 -21.07 -30.37
CA ILE A 107 -0.33 -21.99 -30.40
C ILE A 107 -0.65 -22.54 -29.00
N THR A 108 0.37 -22.83 -28.20
CA THR A 108 0.14 -23.41 -26.88
C THR A 108 -0.68 -22.47 -26.00
N SER A 109 -0.30 -21.20 -25.96
CA SER A 109 -1.04 -20.24 -25.14
C SER A 109 -2.47 -20.08 -25.62
N ALA A 110 -2.68 -20.02 -26.94
CA ALA A 110 -4.04 -19.90 -27.47
C ALA A 110 -4.88 -21.10 -27.10
N ARG A 111 -4.32 -22.31 -27.24
CA ARG A 111 -5.07 -23.52 -26.89
C ARG A 111 -5.40 -23.54 -25.41
N ILE A 112 -4.44 -23.14 -24.56
CA ILE A 112 -4.69 -23.14 -23.12
C ILE A 112 -5.79 -22.15 -22.78
N MET A 113 -5.74 -20.96 -23.37
CA MET A 113 -6.79 -19.97 -23.12
C MET A 113 -8.15 -20.49 -23.59
N SER A 114 -8.19 -21.10 -24.77
CA SER A 114 -9.45 -21.61 -25.29
C SER A 114 -10.04 -22.67 -24.38
N ARG A 115 -9.21 -23.61 -23.91
CA ARG A 115 -9.74 -24.69 -23.10
C ARG A 115 -10.10 -24.19 -21.70
N ILE A 116 -9.39 -23.18 -21.20
CA ILE A 116 -9.79 -22.55 -19.95
C ILE A 116 -11.16 -21.91 -20.08
N ILE A 117 -11.39 -21.19 -21.17
CA ILE A 117 -12.69 -20.56 -21.39
C ILE A 117 -13.78 -21.62 -21.53
N LYS A 118 -13.48 -22.72 -22.22
CA LYS A 118 -14.44 -23.80 -22.34
C LYS A 118 -14.79 -24.40 -20.99
N ILE A 119 -13.79 -24.60 -20.13
CA ILE A 119 -14.03 -25.14 -18.80
C ILE A 119 -14.87 -24.17 -17.98
N THR A 120 -14.60 -22.87 -18.11
CA THR A 120 -15.40 -21.88 -17.40
C THR A 120 -16.86 -21.92 -17.85
N ILE A 121 -17.09 -22.05 -19.16
CA ILE A 121 -18.45 -22.11 -19.66
C ILE A 121 -19.14 -23.38 -19.17
N ILE A 122 -18.41 -24.49 -19.13
CA ILE A 122 -18.98 -25.73 -18.62
C ILE A 122 -19.37 -25.57 -17.15
N VAL A 123 -18.51 -24.91 -16.37
CA VAL A 123 -18.81 -24.69 -14.95
C VAL A 123 -20.04 -23.82 -14.79
N VAL A 124 -20.16 -22.77 -15.60
CA VAL A 124 -21.34 -21.91 -15.51
C VAL A 124 -22.60 -22.69 -15.90
N LEU A 125 -22.48 -23.56 -16.91
CA LEU A 125 -23.61 -24.42 -17.25
C LEU A 125 -24.02 -25.30 -16.09
N VAL A 126 -23.05 -25.94 -15.45
CA VAL A 126 -23.36 -26.83 -14.33
C VAL A 126 -24.02 -26.04 -13.20
N LEU A 127 -23.50 -24.85 -12.91
CA LEU A 127 -24.09 -24.03 -11.86
C LEU A 127 -25.52 -23.64 -12.20
N LEU A 128 -25.79 -23.27 -13.45
CA LEU A 128 -27.13 -22.88 -13.84
C LEU A 128 -28.05 -24.09 -13.99
N TYR A 129 -27.49 -25.26 -14.32
CA TYR A 129 -28.30 -26.46 -14.46
C TYR A 129 -28.85 -26.96 -13.13
N GLY A 130 -28.39 -26.42 -12.01
CA GLY A 130 -28.83 -26.88 -10.70
C GLY A 130 -30.29 -26.60 -10.40
N GLU A 131 -30.95 -25.75 -11.19
CA GLU A 131 -32.35 -25.42 -10.94
C GLU A 131 -33.29 -26.60 -11.21
N HIS A 132 -32.77 -27.74 -11.67
CA HIS A 132 -33.59 -28.91 -11.97
C HIS A 132 -33.62 -29.90 -10.82
N PHE A 133 -32.46 -30.33 -10.34
CA PHE A 133 -32.36 -31.27 -9.23
C PHE A 133 -31.40 -30.75 -8.18
N GLY A 134 -31.76 -30.94 -6.92
CA GLY A 134 -30.93 -30.50 -5.81
C GLY A 134 -29.99 -31.57 -5.32
N VAL A 135 -30.12 -32.78 -5.84
CA VAL A 135 -29.28 -33.91 -5.46
C VAL A 135 -28.26 -34.23 -6.54
N GLN A 136 -28.19 -33.43 -7.59
CA GLN A 136 -27.25 -33.63 -8.69
C GLN A 136 -26.11 -32.61 -8.71
N THR A 137 -26.41 -31.34 -8.50
CA THR A 137 -25.41 -30.29 -8.49
C THR A 137 -25.34 -29.51 -7.19
N ALA A 138 -26.45 -29.41 -6.45
CA ALA A 138 -26.42 -28.70 -5.18
C ALA A 138 -25.46 -29.35 -4.20
N SER A 139 -25.43 -30.69 -4.17
CA SER A 139 -24.49 -31.40 -3.31
C SER A 139 -23.05 -31.18 -3.71
N VAL A 140 -22.80 -30.66 -4.91
CA VAL A 140 -21.44 -30.41 -5.38
C VAL A 140 -21.20 -28.94 -5.63
N ILE A 141 -22.25 -28.18 -5.98
CA ILE A 141 -22.08 -26.76 -6.24
C ILE A 141 -21.73 -26.00 -4.97
N ALA A 142 -22.32 -26.39 -3.84
CA ALA A 142 -22.03 -25.71 -2.58
C ALA A 142 -20.55 -25.75 -2.25
N VAL A 143 -19.84 -26.77 -2.72
CA VAL A 143 -18.40 -26.87 -2.50
C VAL A 143 -17.61 -26.25 -3.64
N LEU A 144 -18.06 -26.44 -4.88
CA LEU A 144 -17.35 -25.88 -6.03
C LEU A 144 -17.31 -24.37 -5.97
N GLY A 145 -18.43 -23.73 -5.63
CA GLY A 145 -18.45 -22.28 -5.56
C GLY A 145 -17.50 -21.74 -4.50
N ALA A 146 -17.51 -22.36 -3.31
CA ALA A 146 -16.62 -21.92 -2.25
C ALA A 146 -15.16 -22.12 -2.63
N ALA A 147 -14.84 -23.27 -3.25
CA ALA A 147 -13.47 -23.52 -3.67
C ALA A 147 -13.03 -22.51 -4.72
N GLY A 148 -13.90 -22.22 -5.68
CA GLY A 148 -13.56 -21.23 -6.70
C GLY A 148 -13.36 -19.85 -6.12
N LEU A 149 -14.21 -19.45 -5.17
CA LEU A 149 -14.03 -18.16 -4.53
C LEU A 149 -12.72 -18.09 -3.75
N ALA A 150 -12.39 -19.15 -3.01
CA ALA A 150 -11.14 -19.17 -2.26
C ALA A 150 -9.94 -19.10 -3.20
N VAL A 151 -9.99 -19.86 -4.30
CA VAL A 151 -8.91 -19.80 -5.28
C VAL A 151 -8.77 -18.43 -5.90
N GLY A 152 -9.88 -17.81 -6.29
CA GLY A 152 -9.81 -16.47 -6.84
C GLY A 152 -9.23 -15.47 -5.87
N LEU A 153 -9.61 -15.59 -4.59
CA LEU A 153 -9.01 -14.73 -3.56
C LEU A 153 -7.51 -14.97 -3.46
N ALA A 154 -7.08 -16.24 -3.48
CA ALA A 154 -5.65 -16.53 -3.42
C ALA A 154 -4.99 -16.30 -4.78
N LEU A 155 -5.72 -16.53 -5.86
CA LEU A 155 -5.17 -16.48 -7.22
C LEU A 155 -5.42 -15.14 -7.89
N GLN A 156 -5.80 -14.10 -7.14
CA GLN A 156 -6.12 -12.82 -7.75
C GLN A 156 -5.01 -12.36 -8.69
N GLY A 157 -3.75 -12.55 -8.28
CA GLY A 157 -2.65 -12.19 -9.14
C GLY A 157 -2.66 -12.98 -10.45
N SER A 158 -3.11 -14.23 -10.39
CA SER A 158 -3.19 -15.04 -11.61
C SER A 158 -4.16 -14.43 -12.62
N LEU A 159 -5.35 -14.05 -12.16
CA LEU A 159 -6.31 -13.40 -13.06
C LEU A 159 -5.79 -12.07 -13.55
N SER A 160 -5.12 -11.30 -12.68
CA SER A 160 -4.55 -10.03 -13.13
C SER A 160 -3.54 -10.25 -14.24
N ASN A 161 -2.66 -11.25 -14.07
CA ASN A 161 -1.66 -11.54 -15.10
C ASN A 161 -2.32 -12.01 -16.39
N LEU A 162 -3.37 -12.83 -16.28
CA LEU A 162 -4.06 -13.31 -17.47
C LEU A 162 -4.70 -12.15 -18.23
N ALA A 163 -5.34 -11.23 -17.51
CA ALA A 163 -5.94 -10.07 -18.17
C ALA A 163 -4.89 -9.20 -18.81
N ALA A 164 -3.76 -8.98 -18.12
CA ALA A 164 -2.69 -8.17 -18.70
C ALA A 164 -2.14 -8.82 -19.97
N GLY A 165 -1.99 -10.14 -19.96
CA GLY A 165 -1.52 -10.82 -21.15
C GLY A 165 -2.50 -10.72 -22.29
N VAL A 166 -3.80 -10.85 -22.00
CA VAL A 166 -4.80 -10.70 -23.06
C VAL A 166 -4.73 -9.31 -23.65
N LEU A 167 -4.58 -8.29 -22.80
CA LEU A 167 -4.45 -6.92 -23.30
C LEU A 167 -3.20 -6.76 -24.16
N LEU A 168 -2.08 -7.35 -23.73
CA LEU A 168 -0.84 -7.24 -24.48
C LEU A 168 -0.95 -7.91 -25.84
N VAL A 169 -1.71 -9.01 -25.92
CA VAL A 169 -1.94 -9.63 -27.22
C VAL A 169 -2.86 -8.77 -28.08
N MET A 170 -3.89 -8.16 -27.46
CA MET A 170 -4.80 -7.33 -28.22
C MET A 170 -4.13 -6.03 -28.66
N PHE A 171 -3.72 -5.21 -27.70
CA PHE A 171 -2.89 -4.05 -27.98
C PHE A 171 -1.44 -4.50 -28.01
N ARG A 172 -0.73 -4.20 -29.10
CA ARG A 172 0.62 -4.71 -29.24
C ARG A 172 1.65 -3.61 -29.02
N PRO A 173 1.99 -3.28 -27.78
CA PRO A 173 3.11 -2.36 -27.56
C PRO A 173 4.41 -2.90 -28.09
N PHE A 174 4.60 -4.22 -28.05
CA PHE A 174 5.81 -4.87 -28.55
C PHE A 174 5.44 -6.21 -29.15
N ARG A 175 6.11 -6.55 -30.25
CA ARG A 175 5.93 -7.84 -30.90
C ARG A 175 7.15 -8.73 -30.64
N ALA A 176 6.98 -10.02 -30.92
CA ALA A 176 8.08 -10.95 -30.77
C ALA A 176 9.27 -10.51 -31.64
N GLY A 177 10.46 -10.59 -31.07
CA GLY A 177 11.65 -10.18 -31.77
C GLY A 177 11.92 -8.69 -31.76
N GLU A 178 11.27 -7.95 -30.87
CA GLU A 178 11.44 -6.50 -30.77
C GLU A 178 12.16 -6.18 -29.46
N TYR A 179 13.28 -5.47 -29.56
CA TYR A 179 14.05 -5.11 -28.38
C TYR A 179 13.30 -4.06 -27.57
N VAL A 180 12.94 -4.42 -26.33
CA VAL A 180 12.15 -3.55 -25.48
C VAL A 180 12.78 -3.48 -24.10
N ASP A 181 12.41 -2.44 -23.35
CA ASP A 181 12.84 -2.24 -21.97
C ASP A 181 11.60 -2.12 -21.11
N LEU A 182 11.41 -3.09 -20.21
CA LEU A 182 10.21 -3.18 -19.38
C LEU A 182 10.63 -2.99 -17.92
N GLY A 183 10.57 -1.75 -17.44
CA GLY A 183 10.89 -1.46 -16.06
C GLY A 183 12.32 -1.77 -15.67
N GLY A 184 13.27 -1.37 -16.50
CA GLY A 184 14.68 -1.58 -16.20
C GLY A 184 15.22 -2.94 -16.58
N VAL A 185 14.50 -3.72 -17.37
CA VAL A 185 14.93 -5.04 -17.80
C VAL A 185 14.80 -5.07 -19.31
N ALA A 186 15.90 -4.81 -20.01
CA ALA A 186 15.88 -4.73 -21.47
C ALA A 186 16.34 -6.04 -22.10
N GLY A 187 15.73 -6.38 -23.22
CA GLY A 187 16.10 -7.57 -23.96
C GLY A 187 15.08 -7.89 -25.02
N THR A 188 15.51 -8.72 -25.98
CA THR A 188 14.63 -9.12 -27.07
C THR A 188 13.46 -9.94 -26.54
N VAL A 189 12.26 -9.63 -27.02
CA VAL A 189 11.05 -10.32 -26.59
C VAL A 189 10.89 -11.59 -27.40
N LEU A 190 10.66 -12.70 -26.70
CA LEU A 190 10.51 -14.00 -27.36
C LEU A 190 9.04 -14.33 -27.63
N SER A 191 8.20 -14.24 -26.59
CA SER A 191 6.79 -14.56 -26.75
C SER A 191 5.99 -14.17 -25.53
N VAL A 192 4.75 -13.71 -25.72
CA VAL A 192 3.85 -13.36 -24.63
C VAL A 192 2.99 -14.58 -24.32
N GLN A 193 3.13 -15.12 -23.12
CA GLN A 193 2.39 -16.29 -22.71
C GLN A 193 1.18 -15.89 -21.85
N ILE A 194 0.53 -16.88 -21.24
CA ILE A 194 -0.68 -16.61 -20.48
C ILE A 194 -0.38 -15.72 -19.27
N PHE A 195 0.69 -16.02 -18.53
CA PHE A 195 0.97 -15.35 -17.28
C PHE A 195 2.25 -14.53 -17.29
N SER A 196 3.15 -14.75 -18.25
CA SER A 196 4.42 -14.06 -18.27
C SER A 196 4.98 -14.07 -19.69
N THR A 197 5.88 -13.13 -19.95
CA THR A 197 6.57 -13.03 -21.23
C THR A 197 8.06 -13.17 -20.99
N THR A 198 8.70 -14.06 -21.75
CA THR A 198 10.13 -14.34 -21.60
C THR A 198 10.89 -13.61 -22.69
N MET A 199 11.87 -12.80 -22.30
CA MET A 199 12.73 -12.08 -23.22
C MET A 199 14.18 -12.47 -22.97
N ARG A 200 14.92 -12.69 -24.04
CA ARG A 200 16.34 -13.02 -23.95
C ARG A 200 17.16 -11.74 -24.03
N THR A 201 17.87 -11.43 -22.95
CA THR A 201 18.66 -10.21 -22.92
C THR A 201 19.81 -10.29 -23.91
N ALA A 202 20.58 -9.21 -23.99
CA ALA A 202 21.72 -9.19 -24.91
C ALA A 202 22.74 -10.26 -24.55
N ASP A 203 23.01 -10.46 -23.26
CA ASP A 203 23.99 -11.45 -22.85
C ASP A 203 23.57 -12.84 -23.26
N GLY A 204 22.30 -13.18 -23.07
CA GLY A 204 21.81 -14.50 -23.42
C GLY A 204 21.04 -15.18 -22.31
N LYS A 205 20.73 -14.43 -21.26
CA LYS A 205 19.99 -14.97 -20.13
C LYS A 205 18.50 -14.68 -20.29
N ILE A 206 17.68 -15.72 -20.09
CA ILE A 206 16.24 -15.60 -20.24
C ILE A 206 15.65 -14.91 -19.03
N ILE A 207 14.67 -14.04 -19.26
CA ILE A 207 14.00 -13.29 -18.21
C ILE A 207 12.49 -13.49 -18.35
N VAL A 208 11.83 -13.81 -17.24
CA VAL A 208 10.39 -14.01 -17.22
C VAL A 208 9.78 -12.92 -16.35
N ILE A 209 8.82 -12.18 -16.92
CA ILE A 209 8.18 -11.06 -16.25
C ILE A 209 6.68 -11.29 -16.25
N PRO A 210 6.00 -11.25 -15.11
CA PRO A 210 4.54 -11.35 -15.10
C PRO A 210 3.92 -10.22 -15.91
N ASN A 211 2.83 -10.54 -16.62
CA ASN A 211 2.20 -9.55 -17.48
C ASN A 211 1.61 -8.39 -16.68
N GLY A 212 1.25 -8.63 -15.41
CA GLY A 212 0.65 -7.57 -14.63
C GLY A 212 1.56 -6.37 -14.48
N LYS A 213 2.82 -6.62 -14.10
CA LYS A 213 3.76 -5.51 -13.94
C LYS A 213 4.18 -4.94 -15.29
N ILE A 214 4.17 -5.75 -16.34
CA ILE A 214 4.45 -5.23 -17.67
C ILE A 214 3.41 -4.20 -18.08
N ILE A 215 2.14 -4.51 -17.83
CA ILE A 215 1.06 -3.57 -18.17
C ILE A 215 1.09 -2.37 -17.24
N ALA A 216 1.34 -2.59 -15.95
CA ALA A 216 1.29 -1.50 -14.99
C ALA A 216 2.42 -0.50 -15.15
N GLY A 217 3.50 -0.88 -15.86
CA GLY A 217 4.65 -0.04 -16.01
C GLY A 217 4.78 0.56 -17.40
N ASN A 218 5.90 1.24 -17.61
CA ASN A 218 6.21 1.85 -18.90
C ASN A 218 6.92 0.85 -19.79
N ILE A 219 6.62 0.91 -21.09
CA ILE A 219 7.23 0.05 -22.08
C ILE A 219 7.98 0.94 -23.06
N ILE A 220 9.29 0.77 -23.12
CA ILE A 220 10.14 1.48 -24.07
C ILE A 220 10.47 0.52 -25.21
N ASN A 221 10.10 0.89 -26.43
CA ASN A 221 10.30 0.05 -27.61
C ASN A 221 11.44 0.63 -28.42
N PHE A 222 12.57 -0.07 -28.42
CA PHE A 222 13.76 0.42 -29.13
C PHE A 222 13.64 0.21 -30.63
N SER A 223 13.03 -0.89 -31.07
CA SER A 223 13.00 -1.27 -32.47
C SER A 223 11.67 -1.00 -33.13
N ARG A 224 10.93 0.01 -32.67
CA ARG A 224 9.65 0.36 -33.28
C ARG A 224 9.82 1.39 -34.40
N GLU A 225 10.43 2.53 -34.08
CA GLU A 225 10.66 3.55 -35.10
C GLU A 225 11.78 3.12 -36.03
N PRO A 226 11.62 3.25 -37.35
CA PRO A 226 12.67 2.81 -38.26
C PRO A 226 13.97 3.59 -38.16
N VAL A 227 13.95 4.81 -37.61
CA VAL A 227 15.13 5.66 -37.55
C VAL A 227 15.38 6.07 -36.11
N ARG A 228 16.64 5.96 -35.69
CA ARG A 228 17.06 6.37 -34.35
C ARG A 228 18.28 7.27 -34.46
N ARG A 229 18.60 7.95 -33.37
CA ARG A 229 19.61 9.00 -33.36
C ARG A 229 20.82 8.58 -32.52
N ASN A 230 22.01 8.90 -33.02
CA ASN A 230 23.25 8.70 -32.30
C ASN A 230 23.74 10.02 -31.73
N GLU A 231 24.34 9.96 -30.55
CA GLU A 231 24.90 11.14 -29.90
C GLU A 231 26.35 10.88 -29.54
N PHE A 232 27.21 11.83 -29.90
CA PHE A 232 28.63 11.76 -29.58
C PHE A 232 28.99 12.92 -28.67
N ILE A 233 29.98 12.70 -27.80
CA ILE A 233 30.49 13.72 -26.90
C ILE A 233 32.01 13.69 -27.03
N ILE A 234 32.55 14.53 -27.89
CA ILE A 234 33.99 14.57 -28.15
C ILE A 234 34.58 15.73 -27.34
N GLY A 235 35.49 15.42 -26.43
CA GLY A 235 36.12 16.44 -25.62
C GLY A 235 37.53 16.78 -26.07
N VAL A 236 37.69 17.93 -26.69
CA VAL A 236 38.97 18.38 -27.19
C VAL A 236 39.57 19.39 -26.22
N ALA A 237 40.85 19.68 -26.39
CA ALA A 237 41.52 20.63 -25.51
C ALA A 237 41.02 22.05 -25.78
N TYR A 238 41.25 22.93 -24.80
CA TYR A 238 40.80 24.31 -24.93
C TYR A 238 41.49 25.01 -26.09
N ASP A 239 42.80 24.77 -26.27
CA ASP A 239 43.54 25.42 -27.34
C ASP A 239 43.04 25.05 -28.72
N SER A 240 42.36 23.91 -28.85
CA SER A 240 41.91 23.45 -30.15
C SER A 240 40.98 24.48 -30.79
N ASP A 241 41.21 24.76 -32.07
CA ASP A 241 40.38 25.72 -32.79
C ASP A 241 38.98 25.17 -32.96
N ILE A 242 37.97 25.99 -32.67
CA ILE A 242 36.59 25.55 -32.77
C ILE A 242 36.19 25.32 -34.22
N ASP A 243 36.56 26.24 -35.10
CA ASP A 243 36.15 26.13 -36.50
C ASP A 243 36.72 24.88 -37.14
N GLN A 244 38.00 24.57 -36.88
CA GLN A 244 38.60 23.38 -37.46
C GLN A 244 37.92 22.12 -36.97
N VAL A 245 37.63 22.06 -35.66
CA VAL A 245 36.98 20.88 -35.10
C VAL A 245 35.59 20.69 -35.72
N LYS A 246 34.82 21.78 -35.80
CA LYS A 246 33.48 21.66 -36.38
C LYS A 246 33.55 21.26 -37.85
N GLN A 247 34.50 21.81 -38.60
CA GLN A 247 34.63 21.44 -40.01
C GLN A 247 35.00 19.98 -40.16
N ILE A 248 35.92 19.48 -39.33
CA ILE A 248 36.30 18.08 -39.40
C ILE A 248 35.12 17.18 -39.07
N LEU A 249 34.38 17.52 -38.02
CA LEU A 249 33.23 16.71 -37.63
C LEU A 249 32.16 16.72 -38.71
N THR A 250 31.92 17.87 -39.33
CA THR A 250 30.93 17.94 -40.41
C THR A 250 31.38 17.12 -41.61
N ASN A 251 32.67 17.17 -41.95
CA ASN A 251 33.17 16.36 -43.05
C ASN A 251 33.00 14.88 -42.77
N ILE A 252 33.29 14.46 -41.53
CA ILE A 252 33.11 13.06 -41.17
C ILE A 252 31.64 12.67 -41.26
N ILE A 253 30.74 13.54 -40.79
CA ILE A 253 29.32 13.21 -40.79
C ILE A 253 28.81 13.08 -42.23
N GLN A 254 29.17 14.03 -43.09
CA GLN A 254 28.65 14.03 -44.45
C GLN A 254 29.16 12.85 -45.27
N SER A 255 30.43 12.47 -45.09
CA SER A 255 31.00 11.39 -45.89
C SER A 255 30.38 10.03 -45.58
N GLU A 256 29.62 9.91 -44.50
CA GLU A 256 28.99 8.65 -44.14
C GLU A 256 27.64 8.55 -44.85
N ASP A 257 27.46 7.49 -45.63
CA ASP A 257 26.24 7.32 -46.42
C ASP A 257 25.09 6.71 -45.62
N ARG A 258 25.34 6.20 -44.42
CA ARG A 258 24.31 5.62 -43.59
C ARG A 258 23.68 6.64 -42.65
N ILE A 259 24.07 7.90 -42.72
CA ILE A 259 23.50 8.96 -41.89
C ILE A 259 22.48 9.70 -42.74
N LEU A 260 21.22 9.65 -42.33
CA LEU A 260 20.15 10.28 -43.09
C LEU A 260 20.40 11.78 -43.21
N LYS A 261 20.53 12.25 -44.45
CA LYS A 261 20.78 13.67 -44.69
C LYS A 261 19.54 14.53 -44.48
N ASP A 262 18.35 13.98 -44.75
CA ASP A 262 17.13 14.74 -44.59
C ASP A 262 16.84 15.06 -43.13
N ARG A 263 17.46 14.34 -42.19
CA ARG A 263 17.28 14.62 -40.78
C ARG A 263 18.22 15.75 -40.37
N GLU A 264 18.37 15.97 -39.07
CA GLU A 264 19.18 17.04 -38.52
C GLU A 264 20.55 16.51 -38.13
N MET A 265 21.60 17.13 -38.66
CA MET A 265 22.98 16.78 -38.33
C MET A 265 23.58 17.92 -37.52
N THR A 266 23.63 17.72 -36.20
CA THR A 266 24.05 18.77 -35.28
C THR A 266 25.51 18.59 -34.90
N VAL A 267 26.32 19.61 -35.15
CA VAL A 267 27.71 19.62 -34.68
C VAL A 267 28.02 21.01 -34.12
N ARG A 268 27.89 21.15 -32.80
CA ARG A 268 28.10 22.44 -32.17
C ARG A 268 28.71 22.26 -30.79
N LEU A 269 29.44 23.28 -30.35
CA LEU A 269 30.01 23.26 -29.01
C LEU A 269 28.89 23.24 -27.97
N ASN A 270 28.99 22.33 -27.01
CA ASN A 270 27.91 22.07 -26.07
C ASN A 270 28.21 22.51 -24.65
N GLU A 271 29.44 22.33 -24.17
CA GLU A 271 29.75 22.60 -22.79
C GLU A 271 31.23 22.91 -22.65
N LEU A 272 31.57 23.67 -21.61
CA LEU A 272 32.96 24.00 -21.28
C LEU A 272 33.32 23.20 -20.03
N GLY A 273 33.91 22.03 -20.25
CA GLY A 273 34.20 21.12 -19.16
C GLY A 273 35.33 21.61 -18.27
N ALA A 274 35.61 20.81 -17.25
CA ALA A 274 36.65 21.17 -16.29
C ALA A 274 38.01 21.24 -16.97
N SER A 275 38.32 20.27 -17.83
CA SER A 275 39.61 20.20 -18.50
C SER A 275 39.51 20.10 -20.01
N SER A 276 38.31 20.22 -20.58
CA SER A 276 38.16 20.09 -22.03
C SER A 276 36.77 20.54 -22.48
N ILE A 277 36.72 21.33 -23.55
CA ILE A 277 35.45 21.69 -24.16
C ILE A 277 34.99 20.54 -25.05
N ASN A 278 33.79 20.04 -24.79
CA ASN A 278 33.28 18.86 -25.49
C ASN A 278 32.15 19.25 -26.43
N PHE A 279 32.27 18.81 -27.68
CA PHE A 279 31.26 19.03 -28.70
C PHE A 279 30.22 17.93 -28.66
N VAL A 280 29.09 18.19 -29.32
CA VAL A 280 27.99 17.23 -29.41
C VAL A 280 27.68 17.00 -30.89
N VAL A 281 27.62 15.74 -31.29
CA VAL A 281 27.29 15.36 -32.66
C VAL A 281 26.07 14.46 -32.60
N ARG A 282 25.01 14.86 -33.30
CA ARG A 282 23.76 14.09 -33.34
C ARG A 282 23.41 13.82 -34.79
N VAL A 283 23.28 12.55 -35.14
CA VAL A 283 22.98 12.13 -36.50
C VAL A 283 21.97 10.99 -36.45
N TRP A 284 21.02 11.00 -37.37
CA TRP A 284 19.97 10.00 -37.43
C TRP A 284 20.34 8.92 -38.45
N SER A 285 20.07 7.67 -38.09
CA SER A 285 20.36 6.55 -38.96
C SER A 285 19.29 5.49 -38.79
N ASN A 286 19.20 4.60 -39.78
CA ASN A 286 18.23 3.51 -39.71
C ASN A 286 18.47 2.66 -38.47
N SER A 287 17.38 2.20 -37.85
CA SER A 287 17.49 1.46 -36.61
C SER A 287 18.33 0.20 -36.77
N GLY A 288 18.46 -0.32 -37.98
CA GLY A 288 19.27 -1.49 -38.22
C GLY A 288 20.75 -1.24 -38.06
N ASP A 289 21.32 -0.37 -38.89
CA ASP A 289 22.74 -0.07 -38.87
C ASP A 289 22.98 1.21 -38.06
N LEU A 290 22.76 1.09 -36.75
CA LEU A 290 22.98 2.18 -35.81
C LEU A 290 24.29 2.00 -35.03
N GLN A 291 24.47 0.84 -34.40
CA GLN A 291 25.70 0.59 -33.66
C GLN A 291 26.91 0.60 -34.59
N ASN A 292 26.77 0.03 -35.79
CA ASN A 292 27.86 0.05 -36.75
C ASN A 292 28.22 1.47 -37.14
N VAL A 293 27.21 2.31 -37.37
CA VAL A 293 27.47 3.71 -37.69
C VAL A 293 28.19 4.40 -36.53
N TYR A 294 27.74 4.14 -35.31
CA TYR A 294 28.40 4.74 -34.15
C TYR A 294 29.86 4.37 -34.09
N TRP A 295 30.16 3.07 -34.22
CA TRP A 295 31.54 2.61 -34.11
C TRP A 295 32.40 3.19 -35.23
N ASP A 296 31.89 3.15 -36.46
CA ASP A 296 32.67 3.68 -37.59
C ASP A 296 32.93 5.16 -37.44
N VAL A 297 31.90 5.93 -37.03
CA VAL A 297 32.08 7.37 -36.87
C VAL A 297 33.07 7.66 -35.76
N LEU A 298 33.01 6.92 -34.66
CA LEU A 298 33.94 7.16 -33.56
C LEU A 298 35.37 6.86 -33.98
N GLU A 299 35.59 5.74 -34.66
CA GLU A 299 36.94 5.40 -35.11
C GLU A 299 37.46 6.45 -36.10
N ARG A 300 36.62 6.88 -37.03
CA ARG A 300 37.03 7.87 -38.01
C ARG A 300 37.34 9.21 -37.32
N ILE A 301 36.54 9.57 -36.32
CA ILE A 301 36.79 10.80 -35.57
C ILE A 301 38.15 10.74 -34.91
N LYS A 302 38.45 9.61 -34.25
CA LYS A 302 39.74 9.49 -33.60
C LYS A 302 40.87 9.59 -34.60
N ARG A 303 40.75 8.88 -35.73
CA ARG A 303 41.81 8.91 -36.72
C ARG A 303 42.05 10.31 -37.26
N GLU A 304 40.98 11.01 -37.65
CA GLU A 304 41.14 12.35 -38.21
C GLU A 304 41.70 13.32 -37.16
N PHE A 305 41.20 13.26 -35.92
CA PHE A 305 41.71 14.16 -34.91
C PHE A 305 43.19 13.91 -34.64
N ASP A 306 43.59 12.64 -34.60
CA ASP A 306 45.00 12.33 -34.42
C ASP A 306 45.83 12.87 -35.59
N ALA A 307 45.33 12.69 -36.82
CA ALA A 307 46.07 13.18 -37.98
C ALA A 307 45.97 14.69 -38.11
N ALA A 308 44.78 15.25 -37.88
CA ALA A 308 44.58 16.69 -38.07
C ALA A 308 45.45 17.50 -37.12
N GLY A 309 45.53 17.08 -35.87
CA GLY A 309 46.32 17.80 -34.88
C GLY A 309 45.58 18.01 -33.57
N ILE A 310 44.24 17.87 -33.62
CA ILE A 310 43.46 18.01 -32.40
C ILE A 310 43.89 16.95 -31.39
N SER A 311 43.87 17.32 -30.11
CA SER A 311 44.35 16.45 -29.05
C SER A 311 43.26 16.26 -28.00
N PHE A 312 43.01 15.01 -27.64
CA PHE A 312 42.12 14.71 -26.52
C PHE A 312 42.89 14.87 -25.21
N PRO A 313 42.43 15.71 -24.30
CA PRO A 313 43.24 16.04 -23.11
C PRO A 313 42.97 15.11 -21.93
N TYR A 314 44.06 14.79 -21.23
CA TYR A 314 43.95 14.08 -19.97
C TYR A 314 43.48 15.04 -18.88
N PRO A 315 42.97 14.52 -17.76
CA PRO A 315 42.53 15.40 -16.68
C PRO A 315 43.62 16.37 -16.25
N GLN A 316 43.41 17.66 -16.52
CA GLN A 316 44.44 18.64 -16.20
C GLN A 316 44.29 19.26 -14.83
N MET A 317 45.38 19.34 -14.08
CA MET A 317 45.33 19.96 -12.76
C MET A 317 46.35 21.07 -12.65
N ASP A 318 45.96 22.21 -12.08
CA ASP A 318 46.88 23.31 -11.91
C ASP A 318 47.45 23.30 -10.50
N VAL A 319 48.72 22.94 -10.36
CA VAL A 319 49.34 22.87 -9.05
C VAL A 319 50.27 24.04 -8.81
N ASN A 320 50.13 24.68 -7.65
CA ASN A 320 50.99 25.82 -7.32
C ASN A 320 51.88 25.47 -6.14
N PHE A 321 53.00 26.17 -6.01
CA PHE A 321 53.95 25.84 -4.95
C PHE A 321 54.06 27.01 -3.96
N LYS A 322 54.36 26.67 -2.71
CA LYS A 322 54.56 27.68 -1.68
C LYS A 322 55.73 27.32 -0.78
N ARG A 323 56.48 26.27 -1.15
CA ARG A 323 57.67 25.89 -0.40
C ARG A 323 58.64 25.20 -1.34
N VAL A 324 59.91 25.55 -1.25
CA VAL A 324 60.93 24.97 -2.11
C VAL A 324 61.06 23.47 -1.85
N PHE B 1 -62.70 10.15 -21.31
CA PHE B 1 -63.94 10.43 -20.61
C PHE B 1 -63.72 11.42 -19.48
N THR B 2 -64.78 12.12 -19.08
CA THR B 2 -64.67 13.10 -18.01
C THR B 2 -64.28 12.44 -16.69
N ASN B 3 -64.56 11.15 -16.54
CA ASN B 3 -64.21 10.46 -15.30
C ASN B 3 -62.71 10.46 -15.05
N ASN B 4 -61.92 10.34 -16.12
CA ASN B 4 -60.46 10.31 -15.99
C ASN B 4 -59.89 11.72 -15.85
N ALA B 5 -60.39 12.44 -14.85
CA ALA B 5 -59.95 13.81 -14.62
C ALA B 5 -58.47 13.87 -14.27
N LEU B 6 -58.00 12.92 -13.46
CA LEU B 6 -56.59 12.91 -13.08
C LEU B 6 -55.70 12.72 -14.30
N ASN B 7 -56.06 11.77 -15.17
CA ASN B 7 -55.27 11.54 -16.37
C ASN B 7 -55.31 12.75 -17.29
N LEU B 8 -56.48 13.36 -17.45
CA LEU B 8 -56.57 14.56 -18.29
C LEU B 8 -55.69 15.68 -17.75
N VAL B 9 -55.73 15.87 -16.44
CA VAL B 9 -54.92 16.92 -15.81
C VAL B 9 -53.44 16.64 -15.99
N ILE B 10 -53.02 15.39 -15.81
CA ILE B 10 -51.61 15.07 -15.94
C ILE B 10 -51.14 15.26 -17.38
N ILE B 11 -51.94 14.84 -18.35
CA ILE B 11 -51.56 15.00 -19.75
C ILE B 11 -51.49 16.48 -20.11
N PHE B 12 -52.47 17.27 -19.66
CA PHE B 12 -52.46 18.70 -19.93
C PHE B 12 -51.25 19.37 -19.30
N GLY B 13 -50.91 18.98 -18.06
CA GLY B 13 -49.75 19.54 -17.41
C GLY B 13 -48.46 19.20 -18.12
N SER B 14 -48.32 17.97 -18.58
CA SER B 14 -47.13 17.59 -19.34
C SER B 14 -47.02 18.39 -20.62
N CYS B 15 -48.13 18.53 -21.35
CA CYS B 15 -48.12 19.29 -22.58
C CYS B 15 -47.76 20.75 -22.32
N ALA B 16 -48.34 21.34 -21.28
CA ALA B 16 -48.06 22.73 -20.93
C ALA B 16 -46.60 22.90 -20.54
N ALA B 17 -46.05 21.94 -19.79
CA ALA B 17 -44.64 22.02 -19.40
C ALA B 17 -43.75 21.97 -20.62
N LEU B 18 -44.05 21.07 -21.57
CA LEU B 18 -43.25 20.99 -22.78
C LEU B 18 -43.33 22.29 -23.56
N ILE B 19 -44.54 22.85 -23.69
CA ILE B 19 -44.70 24.09 -24.46
C ILE B 19 -43.96 25.23 -23.79
N LEU B 20 -44.06 25.34 -22.46
CA LEU B 20 -43.37 26.41 -21.74
C LEU B 20 -41.86 26.26 -21.86
N MET B 21 -41.34 25.04 -21.77
CA MET B 21 -39.91 24.81 -21.93
C MET B 21 -39.46 25.23 -23.32
N SER B 22 -40.24 24.88 -24.35
CA SER B 22 -39.90 25.29 -25.70
C SER B 22 -39.88 26.81 -25.81
N PHE B 23 -40.89 27.47 -25.25
CA PHE B 23 -40.95 28.93 -25.31
C PHE B 23 -39.76 29.57 -24.60
N TRP B 24 -39.40 29.06 -23.43
CA TRP B 24 -38.25 29.59 -22.70
C TRP B 24 -36.97 29.40 -23.49
N PHE B 25 -36.81 28.22 -24.12
CA PHE B 25 -35.59 27.97 -24.88
C PHE B 25 -35.52 28.87 -26.12
N ARG B 26 -36.65 29.13 -26.76
CA ARG B 26 -36.66 30.02 -27.91
C ARG B 26 -36.20 31.40 -27.54
N ARG B 27 -36.73 31.95 -26.43
CA ARG B 27 -36.31 33.26 -25.98
C ARG B 27 -34.85 33.26 -25.55
N GLY B 28 -34.44 32.21 -24.84
CA GLY B 28 -33.06 32.09 -24.39
C GLY B 28 -32.60 30.65 -24.33
N ASN B 29 -31.35 30.40 -24.73
CA ASN B 29 -30.82 29.06 -24.72
C ASN B 29 -30.80 28.49 -23.30
N ARG B 30 -31.19 27.23 -23.17
CA ARG B 30 -31.20 26.58 -21.87
C ARG B 30 -29.77 26.37 -21.37
N LYS B 31 -29.62 26.43 -20.05
CA LYS B 31 -28.32 26.28 -19.42
C LYS B 31 -28.00 24.79 -19.24
N ARG B 32 -26.90 24.50 -18.54
CA ARG B 32 -26.46 23.13 -18.27
C ARG B 32 -26.26 22.43 -19.62
N LYS B 33 -26.84 21.25 -19.84
CA LYS B 33 -26.76 20.56 -21.12
C LYS B 33 -27.87 21.05 -22.03
N GLY B 34 -27.66 20.91 -23.34
CA GLY B 34 -28.73 21.16 -24.29
C GLY B 34 -29.74 20.04 -24.24
N PHE B 35 -29.37 18.94 -23.56
CA PHE B 35 -30.24 17.79 -23.42
C PHE B 35 -31.48 18.08 -22.57
N LEU B 36 -31.64 19.31 -22.08
CA LEU B 36 -32.77 19.64 -21.23
C LEU B 36 -34.09 19.38 -21.96
N PHE B 37 -34.19 19.82 -23.21
CA PHE B 37 -35.43 19.59 -23.95
C PHE B 37 -35.65 18.12 -24.29
N HIS B 38 -34.59 17.32 -24.35
CA HIS B 38 -34.75 15.88 -24.53
C HIS B 38 -35.24 15.20 -23.26
N ALA B 39 -34.70 15.62 -22.10
CA ALA B 39 -35.19 15.08 -20.83
C ALA B 39 -36.63 15.48 -20.58
N VAL B 40 -36.99 16.71 -20.93
CA VAL B 40 -38.38 17.14 -20.78
C VAL B 40 -39.30 16.29 -21.65
N GLN B 41 -38.87 16.04 -22.89
CA GLN B 41 -39.66 15.17 -23.76
C GLN B 41 -39.77 13.77 -23.20
N PHE B 42 -38.67 13.24 -22.65
CA PHE B 42 -38.71 11.91 -22.05
C PHE B 42 -39.72 11.85 -20.90
N LEU B 43 -39.69 12.85 -20.02
CA LEU B 43 -40.61 12.87 -18.89
C LEU B 43 -42.06 13.01 -19.35
N ILE B 44 -42.30 13.86 -20.35
CA ILE B 44 -43.66 14.02 -20.85
C ILE B 44 -44.15 12.72 -21.48
N TYR B 45 -43.27 12.02 -22.20
CA TYR B 45 -43.66 10.74 -22.79
C TYR B 45 -43.96 9.71 -21.72
N THR B 46 -43.17 9.70 -20.64
CA THR B 46 -43.47 8.79 -19.53
C THR B 46 -44.83 9.10 -18.92
N ILE B 47 -45.13 10.39 -18.74
CA ILE B 47 -46.42 10.77 -18.19
C ILE B 47 -47.54 10.34 -19.12
N ILE B 48 -47.36 10.52 -20.43
CA ILE B 48 -48.37 10.14 -21.40
C ILE B 48 -48.59 8.63 -21.39
N ILE B 49 -47.51 7.85 -21.28
CA ILE B 49 -47.65 6.40 -21.26
C ILE B 49 -48.34 5.96 -19.97
N SER B 50 -48.05 6.60 -18.84
CA SER B 50 -48.76 6.26 -17.61
C SER B 50 -50.25 6.58 -17.75
N ALA B 51 -50.58 7.73 -18.34
CA ALA B 51 -51.98 8.08 -18.54
C ALA B 51 -52.66 7.09 -19.48
N VAL B 52 -51.95 6.65 -20.52
CA VAL B 52 -52.53 5.67 -21.45
C VAL B 52 -52.78 4.35 -20.74
N GLY B 53 -51.85 3.93 -19.89
CA GLY B 53 -52.07 2.72 -19.10
C GLY B 53 -53.27 2.85 -18.19
N SER B 54 -53.43 4.01 -17.54
CA SER B 54 -54.58 4.22 -16.67
C SER B 54 -55.88 4.19 -17.47
N ILE B 55 -55.88 4.80 -18.66
CA ILE B 55 -57.10 4.81 -19.48
C ILE B 55 -57.40 3.39 -19.98
N ILE B 56 -56.37 2.60 -20.28
CA ILE B 56 -56.59 1.22 -20.69
C ILE B 56 -57.20 0.43 -19.55
N ASN B 57 -56.70 0.63 -18.33
CA ASN B 57 -57.28 -0.05 -17.17
C ASN B 57 -58.74 0.36 -16.98
N TYR B 58 -59.03 1.65 -17.14
CA TYR B 58 -60.41 2.12 -17.02
C TYR B 58 -61.30 1.47 -18.07
N VAL B 59 -60.82 1.39 -19.30
CA VAL B 59 -61.60 0.78 -20.38
C VAL B 59 -61.85 -0.70 -20.09
N ILE B 60 -60.82 -1.42 -19.64
CA ILE B 60 -60.98 -2.84 -19.36
C ILE B 60 -61.96 -3.05 -18.22
N GLU B 61 -61.92 -2.18 -17.20
CA GLU B 61 -62.89 -2.27 -16.11
C GLU B 61 -64.24 -1.65 -16.45
N ASN B 62 -64.32 -0.90 -17.55
CA ASN B 62 -65.56 -0.28 -17.99
C ASN B 62 -66.04 -0.78 -19.34
N TYR B 63 -65.18 -0.75 -20.35
CA TYR B 63 -65.55 -1.12 -21.70
C TYR B 63 -65.08 -2.55 -22.01
N LYS B 64 -65.45 -3.03 -23.19
CA LYS B 64 -65.06 -4.37 -23.61
C LYS B 64 -63.55 -4.44 -23.85
N LEU B 65 -62.94 -5.55 -23.43
CA LEU B 65 -61.51 -5.75 -23.62
C LEU B 65 -61.15 -6.23 -25.01
N LYS B 66 -62.13 -6.65 -25.81
CA LYS B 66 -61.88 -7.15 -27.17
C LYS B 66 -60.89 -8.32 -27.15
N PHE B 67 -61.00 -9.16 -26.13
CA PHE B 67 -60.11 -10.32 -25.99
C PHE B 67 -58.65 -9.89 -25.94
N ILE B 68 -58.38 -8.75 -25.31
CA ILE B 68 -57.03 -8.22 -25.17
C ILE B 68 -56.66 -8.27 -23.69
N THR B 69 -55.67 -9.08 -23.36
CA THR B 69 -55.24 -9.19 -21.98
C THR B 69 -54.59 -7.89 -21.52
N PRO B 70 -54.98 -7.34 -20.38
CA PRO B 70 -54.34 -6.10 -19.90
C PRO B 70 -52.84 -6.31 -19.70
N GLY B 71 -52.06 -5.38 -20.22
CA GLY B 71 -50.62 -5.46 -20.12
C GLY B 71 -49.91 -5.14 -21.41
N VAL B 72 -50.62 -5.30 -22.54
CA VAL B 72 -50.02 -5.00 -23.83
C VAL B 72 -49.67 -3.52 -23.93
N ILE B 73 -50.58 -2.66 -23.47
CA ILE B 73 -50.32 -1.21 -23.50
C ILE B 73 -49.13 -0.88 -22.62
N ASP B 74 -49.05 -1.48 -21.43
CA ASP B 74 -47.92 -1.23 -20.55
C ASP B 74 -46.61 -1.67 -21.19
N PHE B 75 -46.61 -2.85 -21.82
CA PHE B 75 -45.41 -3.32 -22.49
C PHE B 75 -45.00 -2.37 -23.60
N ILE B 76 -45.97 -1.91 -24.39
CA ILE B 76 -45.67 -1.01 -25.50
C ILE B 76 -45.08 0.29 -24.97
N CYS B 77 -45.68 0.85 -23.91
CA CYS B 77 -45.19 2.11 -23.37
C CYS B 77 -43.80 1.96 -22.79
N THR B 78 -43.55 0.86 -22.07
CA THR B 78 -42.21 0.63 -21.53
C THR B 78 -41.19 0.49 -22.63
N SER B 79 -41.53 -0.25 -23.70
CA SER B 79 -40.60 -0.40 -24.82
C SER B 79 -40.33 0.93 -25.49
N LEU B 80 -41.36 1.75 -25.67
CA LEU B 80 -41.16 3.06 -26.30
C LEU B 80 -40.29 3.96 -25.43
N ILE B 81 -40.50 3.94 -24.11
CA ILE B 81 -39.68 4.74 -23.22
C ILE B 81 -38.23 4.27 -23.26
N ALA B 82 -38.01 2.95 -23.27
CA ALA B 82 -36.66 2.43 -23.37
C ALA B 82 -36.00 2.83 -24.68
N VAL B 83 -36.76 2.79 -25.78
CA VAL B 83 -36.22 3.18 -27.08
C VAL B 83 -35.80 4.65 -27.05
N ILE B 84 -36.65 5.51 -26.48
CA ILE B 84 -36.31 6.93 -26.42
C ILE B 84 -35.06 7.14 -25.56
N LEU B 85 -34.98 6.45 -24.42
CA LEU B 85 -33.81 6.58 -23.55
C LEU B 85 -32.56 6.14 -24.28
N THR B 86 -32.63 5.03 -25.02
CA THR B 86 -31.48 4.55 -25.76
C THR B 86 -31.07 5.53 -26.86
N ILE B 87 -32.05 6.11 -27.54
CA ILE B 87 -31.74 7.08 -28.59
C ILE B 87 -31.03 8.29 -28.00
N LYS B 88 -31.53 8.78 -26.86
CA LYS B 88 -30.89 9.92 -26.21
C LYS B 88 -29.47 9.58 -25.76
N LEU B 89 -29.28 8.38 -25.20
CA LEU B 89 -27.95 7.95 -24.77
C LEU B 89 -27.01 7.87 -25.96
N PHE B 90 -27.48 7.34 -27.08
CA PHE B 90 -26.65 7.24 -28.27
C PHE B 90 -26.31 8.61 -28.83
N LEU B 91 -27.24 9.56 -28.78
CA LEU B 91 -26.92 10.92 -29.20
C LEU B 91 -25.86 11.54 -28.30
N LEU B 92 -25.97 11.30 -26.99
CA LEU B 92 -24.95 11.79 -26.07
C LEU B 92 -23.59 11.14 -26.38
N ILE B 93 -23.58 9.85 -26.68
CA ILE B 93 -22.34 9.17 -27.04
C ILE B 93 -21.74 9.78 -28.29
N ASN B 94 -22.58 10.08 -29.28
CA ASN B 94 -22.08 10.68 -30.52
C ASN B 94 -21.49 12.06 -30.25
N GLN B 95 -22.16 12.86 -29.42
CA GLN B 95 -21.61 14.17 -29.07
C GLN B 95 -20.27 14.03 -28.38
N PHE B 96 -20.17 13.10 -27.41
CA PHE B 96 -18.92 12.90 -26.70
C PHE B 96 -17.81 12.44 -27.65
N GLU B 97 -18.15 11.53 -28.56
CA GLU B 97 -17.14 11.02 -29.50
C GLU B 97 -16.67 12.13 -30.43
N LYS B 98 -17.59 12.98 -30.90
CA LYS B 98 -17.17 14.10 -31.73
C LYS B 98 -16.26 15.06 -30.96
N GLN B 99 -16.61 15.35 -29.70
CA GLN B 99 -15.79 16.24 -28.90
C GLN B 99 -14.39 15.67 -28.70
N GLN B 100 -14.31 14.37 -28.37
CA GLN B 100 -13.01 13.74 -28.19
C GLN B 100 -12.22 13.73 -29.49
N ALA B 101 -12.89 13.43 -30.62
CA ALA B 101 -12.22 13.37 -31.90
C ALA B 101 -11.63 14.72 -32.27
N ALA B 102 -12.48 15.72 -32.46
CA ALA B 102 -11.98 17.04 -32.85
C ALA B 102 -11.72 17.93 -31.65
N LYS B 103 -11.05 17.38 -30.62
CA LYS B 103 -10.42 18.20 -29.60
C LYS B 103 -8.93 17.93 -29.49
N GLY B 104 -8.54 16.69 -29.15
CA GLY B 104 -7.15 16.31 -29.14
C GLY B 104 -6.89 14.88 -29.57
N ARG B 105 -7.95 14.12 -29.83
CA ARG B 105 -7.86 12.68 -30.03
C ARG B 105 -7.93 12.31 -31.50
N ASP B 106 -7.58 11.07 -31.78
CA ASP B 106 -7.63 10.52 -33.12
C ASP B 106 -8.99 9.86 -33.35
N ILE B 107 -9.12 9.12 -34.45
CA ILE B 107 -10.41 8.54 -34.81
C ILE B 107 -10.58 7.13 -34.24
N THR B 108 -9.52 6.33 -34.23
CA THR B 108 -9.64 4.96 -33.74
C THR B 108 -10.07 4.92 -32.28
N SER B 109 -9.43 5.74 -31.44
CA SER B 109 -9.78 5.75 -30.02
C SER B 109 -11.20 6.22 -29.81
N ALA B 110 -11.62 7.26 -30.55
CA ALA B 110 -12.99 7.76 -30.42
C ALA B 110 -14.00 6.70 -30.82
N ARG B 111 -13.75 6.00 -31.93
CA ARG B 111 -14.66 4.95 -32.37
C ARG B 111 -14.73 3.82 -31.35
N ILE B 112 -13.57 3.43 -30.80
CA ILE B 112 -13.55 2.35 -29.81
C ILE B 112 -14.33 2.75 -28.58
N MET B 113 -14.14 3.99 -28.10
CA MET B 113 -14.89 4.46 -26.94
C MET B 113 -16.38 4.49 -27.23
N SER B 114 -16.77 4.97 -28.42
CA SER B 114 -18.18 5.05 -28.76
C SER B 114 -18.81 3.66 -28.77
N ARG B 115 -18.13 2.68 -29.39
CA ARG B 115 -18.74 1.37 -29.51
C ARG B 115 -18.73 0.64 -28.16
N ILE B 116 -17.74 0.93 -27.32
CA ILE B 116 -17.76 0.40 -25.95
C ILE B 116 -18.97 0.94 -25.19
N ILE B 117 -19.23 2.25 -25.31
CA ILE B 117 -20.37 2.83 -24.62
C ILE B 117 -21.67 2.25 -25.17
N LYS B 118 -21.73 2.04 -26.48
CA LYS B 118 -22.93 1.43 -27.07
C LYS B 118 -23.15 0.02 -26.53
N ILE B 119 -22.08 -0.77 -26.43
CA ILE B 119 -22.19 -2.13 -25.90
C ILE B 119 -22.65 -2.09 -24.45
N THR B 120 -22.13 -1.14 -23.67
CA THR B 120 -22.55 -1.02 -22.28
C THR B 120 -24.05 -0.68 -22.19
N ILE B 121 -24.52 0.22 -23.05
CA ILE B 121 -25.94 0.57 -23.04
C ILE B 121 -26.79 -0.63 -23.44
N ILE B 122 -26.32 -1.40 -24.43
CA ILE B 122 -27.04 -2.60 -24.83
C ILE B 122 -27.11 -3.59 -23.68
N VAL B 123 -26.02 -3.75 -22.94
CA VAL B 123 -26.00 -4.67 -21.81
C VAL B 123 -26.97 -4.21 -20.73
N VAL B 124 -27.00 -2.91 -20.45
CA VAL B 124 -27.94 -2.40 -19.45
C VAL B 124 -29.37 -2.61 -19.91
N LEU B 125 -29.63 -2.42 -21.20
CA LEU B 125 -30.96 -2.70 -21.73
C LEU B 125 -31.34 -4.16 -21.51
N VAL B 126 -30.44 -5.08 -21.85
CA VAL B 126 -30.73 -6.51 -21.69
C VAL B 126 -30.99 -6.83 -20.22
N LEU B 127 -30.18 -6.26 -19.32
CA LEU B 127 -30.38 -6.51 -17.89
C LEU B 127 -31.74 -5.99 -17.43
N LEU B 128 -32.12 -4.80 -17.89
CA LEU B 128 -33.41 -4.23 -17.47
C LEU B 128 -34.58 -4.91 -18.18
N TYR B 129 -34.35 -5.44 -19.39
CA TYR B 129 -35.42 -6.12 -20.12
C TYR B 129 -35.82 -7.44 -19.49
N GLY B 130 -35.06 -7.93 -18.52
CA GLY B 130 -35.36 -9.21 -17.89
C GLY B 130 -36.63 -9.25 -17.08
N GLU B 131 -37.23 -8.09 -16.80
CA GLU B 131 -38.46 -8.04 -16.01
C GLU B 131 -39.66 -8.60 -16.76
N HIS B 132 -39.49 -9.01 -18.02
CA HIS B 132 -40.58 -9.55 -18.83
C HIS B 132 -40.62 -11.07 -18.81
N PHE B 133 -39.51 -11.73 -19.13
CA PHE B 133 -39.44 -13.18 -19.13
C PHE B 133 -38.21 -13.63 -18.36
N GLY B 134 -38.37 -14.71 -17.60
CA GLY B 134 -37.28 -15.26 -16.81
C GLY B 134 -36.52 -16.34 -17.53
N VAL B 135 -37.01 -16.76 -18.70
CA VAL B 135 -36.37 -17.78 -19.51
C VAL B 135 -35.65 -17.19 -20.71
N GLN B 136 -35.59 -15.87 -20.82
CA GLN B 136 -34.92 -15.19 -21.92
C GLN B 136 -33.62 -14.52 -21.52
N THR B 137 -33.61 -13.83 -20.39
CA THR B 137 -32.41 -13.16 -19.90
C THR B 137 -31.94 -13.62 -18.53
N ALA B 138 -32.85 -14.10 -17.68
CA ALA B 138 -32.45 -14.59 -16.37
C ALA B 138 -31.49 -15.77 -16.49
N SER B 139 -31.76 -16.67 -17.45
CA SER B 139 -30.85 -17.80 -17.67
C SER B 139 -29.49 -17.36 -18.17
N VAL B 140 -29.35 -16.12 -18.63
CA VAL B 140 -28.08 -15.62 -19.13
C VAL B 140 -27.56 -14.45 -18.28
N ILE B 141 -28.47 -13.69 -17.67
CA ILE B 141 -28.05 -12.55 -16.86
C ILE B 141 -27.32 -13.03 -15.60
N ALA B 142 -27.78 -14.12 -15.01
CA ALA B 142 -27.13 -14.62 -13.79
C ALA B 142 -25.66 -14.91 -14.03
N VAL B 143 -25.28 -15.24 -15.27
CA VAL B 143 -23.88 -15.49 -15.59
C VAL B 143 -23.19 -14.23 -16.09
N LEU B 144 -23.89 -13.41 -16.88
CA LEU B 144 -23.29 -12.19 -17.42
C LEU B 144 -22.90 -11.23 -16.29
N GLY B 145 -23.79 -11.06 -15.31
CA GLY B 145 -23.48 -10.16 -14.21
C GLY B 145 -22.27 -10.61 -13.42
N ALA B 146 -22.20 -11.90 -13.10
CA ALA B 146 -21.05 -12.43 -12.37
C ALA B 146 -19.77 -12.29 -13.17
N ALA B 147 -19.82 -12.59 -14.47
CA ALA B 147 -18.63 -12.45 -15.30
C ALA B 147 -18.18 -11.00 -15.35
N GLY B 148 -19.12 -10.07 -15.51
CA GLY B 148 -18.76 -8.66 -15.55
C GLY B 148 -18.16 -8.19 -14.24
N LEU B 149 -18.72 -8.63 -13.12
CA LEU B 149 -18.15 -8.26 -11.82
C LEU B 149 -16.75 -8.82 -11.64
N ALA B 150 -16.53 -10.07 -12.03
CA ALA B 150 -15.20 -10.66 -11.91
C ALA B 150 -14.21 -9.93 -12.80
N VAL B 151 -14.60 -9.59 -14.03
CA VAL B 151 -13.73 -8.83 -14.91
C VAL B 151 -13.41 -7.46 -14.35
N GLY B 152 -14.42 -6.74 -13.84
CA GLY B 152 -14.15 -5.45 -13.25
C GLY B 152 -13.20 -5.54 -12.07
N LEU B 153 -13.37 -6.57 -11.24
CA LEU B 153 -12.43 -6.78 -10.15
C LEU B 153 -11.02 -7.03 -10.67
N ALA B 154 -10.89 -7.85 -11.71
CA ALA B 154 -9.57 -8.10 -12.29
C ALA B 154 -9.13 -6.95 -13.17
N LEU B 155 -10.07 -6.27 -13.82
CA LEU B 155 -9.77 -5.22 -14.78
C LEU B 155 -9.83 -3.83 -14.19
N GLN B 156 -9.84 -3.70 -12.85
CA GLN B 156 -9.98 -2.39 -12.23
C GLN B 156 -8.97 -1.41 -12.80
N GLY B 157 -7.74 -1.85 -13.02
CA GLY B 157 -6.75 -0.98 -13.63
C GLY B 157 -7.17 -0.51 -15.01
N SER B 158 -7.87 -1.38 -15.76
CA SER B 158 -8.33 -0.99 -17.09
C SER B 158 -9.31 0.17 -17.02
N LEU B 159 -10.29 0.10 -16.11
CA LEU B 159 -11.23 1.21 -15.96
C LEU B 159 -10.52 2.46 -15.45
N SER B 160 -9.56 2.30 -14.54
CA SER B 160 -8.81 3.46 -14.07
C SER B 160 -8.09 4.14 -15.21
N ASN B 161 -7.42 3.36 -16.07
CA ASN B 161 -6.71 3.93 -17.21
C ASN B 161 -7.69 4.59 -18.18
N LEU B 162 -8.85 3.98 -18.41
CA LEU B 162 -9.82 4.57 -19.32
C LEU B 162 -10.32 5.91 -18.79
N ALA B 163 -10.61 5.98 -17.49
CA ALA B 163 -11.05 7.24 -16.91
C ALA B 163 -9.96 8.30 -16.98
N ALA B 164 -8.72 7.91 -16.69
CA ALA B 164 -7.61 8.86 -16.78
C ALA B 164 -7.45 9.38 -18.19
N GLY B 165 -7.59 8.50 -19.19
CA GLY B 165 -7.50 8.95 -20.57
C GLY B 165 -8.62 9.89 -20.95
N VAL B 166 -9.84 9.59 -20.50
CA VAL B 166 -10.96 10.49 -20.76
C VAL B 166 -10.69 11.86 -20.16
N LEU B 167 -10.18 11.89 -18.93
CA LEU B 167 -9.84 13.17 -18.30
C LEU B 167 -8.76 13.90 -19.09
N LEU B 168 -7.74 13.18 -19.55
CA LEU B 168 -6.65 13.81 -20.29
C LEU B 168 -7.15 14.39 -21.60
N VAL B 169 -8.12 13.73 -22.24
CA VAL B 169 -8.71 14.31 -23.44
C VAL B 169 -9.56 15.53 -23.11
N MET B 170 -10.30 15.47 -22.00
CA MET B 170 -11.14 16.60 -21.61
C MET B 170 -10.30 17.78 -21.14
N PHE B 171 -9.55 17.60 -20.06
CA PHE B 171 -8.55 18.57 -19.63
C PHE B 171 -7.26 18.28 -20.38
N ARG B 172 -6.71 19.28 -21.06
CA ARG B 172 -5.54 19.04 -21.90
C ARG B 172 -4.29 19.59 -21.25
N PRO B 173 -3.67 18.88 -20.30
CA PRO B 173 -2.35 19.30 -19.82
C PRO B 173 -1.31 19.33 -20.92
N PHE B 174 -1.41 18.43 -21.90
CA PHE B 174 -0.47 18.37 -23.01
C PHE B 174 -1.22 17.94 -24.27
N ARG B 175 -0.85 18.53 -25.39
CA ARG B 175 -1.41 18.18 -26.68
C ARG B 175 -0.40 17.38 -27.49
N ALA B 176 -0.89 16.75 -28.56
CA ALA B 176 0.00 16.01 -29.45
C ALA B 176 1.07 16.94 -30.01
N GLY B 177 2.31 16.45 -30.04
CA GLY B 177 3.42 17.24 -30.52
C GLY B 177 4.00 18.20 -29.52
N GLU B 178 3.69 18.04 -28.23
CA GLU B 178 4.18 18.90 -27.18
C GLU B 178 5.17 18.13 -26.31
N TYR B 179 6.38 18.66 -26.18
CA TYR B 179 7.41 18.00 -25.39
C TYR B 179 7.06 18.08 -23.91
N VAL B 180 6.86 16.92 -23.28
CA VAL B 180 6.44 16.86 -21.88
C VAL B 180 7.31 15.87 -21.13
N ASP B 181 7.29 15.98 -19.81
CA ASP B 181 8.00 15.07 -18.91
C ASP B 181 6.99 14.52 -17.93
N LEU B 182 6.75 13.21 -18.01
CA LEU B 182 5.74 12.53 -17.21
C LEU B 182 6.43 11.56 -16.27
N GLY B 183 6.73 12.01 -15.06
CA GLY B 183 7.34 11.16 -14.06
C GLY B 183 8.72 10.64 -14.44
N GLY B 184 9.57 11.53 -14.94
CA GLY B 184 10.93 11.15 -15.29
C GLY B 184 11.09 10.53 -16.66
N VAL B 185 10.09 10.63 -17.52
CA VAL B 185 10.14 10.07 -18.87
C VAL B 185 9.74 11.19 -19.82
N ALA B 186 10.72 11.88 -20.39
CA ALA B 186 10.48 13.02 -21.24
C ALA B 186 10.53 12.63 -22.71
N GLY B 187 9.67 13.26 -23.50
CA GLY B 187 9.63 13.03 -24.93
C GLY B 187 8.39 13.64 -25.55
N THR B 188 8.46 13.80 -26.87
CA THR B 188 7.34 14.37 -27.60
C THR B 188 6.13 13.44 -27.54
N VAL B 189 4.96 14.01 -27.28
CA VAL B 189 3.72 13.25 -27.16
C VAL B 189 3.14 13.02 -28.55
N LEU B 190 2.81 11.77 -28.85
CA LEU B 190 2.27 11.40 -30.15
C LEU B 190 0.74 11.41 -30.16
N SER B 191 0.14 10.71 -29.20
CA SER B 191 -1.32 10.62 -29.14
C SER B 191 -1.79 9.97 -27.85
N VAL B 192 -2.91 10.43 -27.31
CA VAL B 192 -3.50 9.85 -26.11
C VAL B 192 -4.54 8.83 -26.54
N GLN B 193 -4.31 7.56 -26.21
CA GLN B 193 -5.21 6.48 -26.59
C GLN B 193 -6.12 6.12 -25.42
N ILE B 194 -6.86 5.02 -25.56
CA ILE B 194 -7.83 4.63 -24.55
C ILE B 194 -7.13 4.30 -23.23
N PHE B 195 -6.04 3.53 -23.28
CA PHE B 195 -5.41 3.03 -22.07
C PHE B 195 -4.00 3.56 -21.85
N SER B 196 -3.36 4.14 -22.87
CA SER B 196 -1.98 4.59 -22.73
C SER B 196 -1.71 5.65 -23.80
N THR B 197 -0.68 6.45 -23.54
CA THR B 197 -0.22 7.47 -24.46
C THR B 197 1.22 7.18 -24.84
N THR B 198 1.51 7.17 -26.14
CA THR B 198 2.85 6.86 -26.64
C THR B 198 3.54 8.16 -27.03
N MET B 199 4.73 8.38 -26.46
CA MET B 199 5.54 9.54 -26.78
C MET B 199 6.90 9.09 -27.29
N ARG B 200 7.38 9.74 -28.34
CA ARG B 200 8.68 9.43 -28.91
C ARG B 200 9.74 10.33 -28.28
N THR B 201 10.67 9.72 -27.56
CA THR B 201 11.70 10.49 -26.88
C THR B 201 12.61 11.17 -27.90
N ALA B 202 13.58 11.93 -27.39
CA ALA B 202 14.50 12.63 -28.27
C ALA B 202 15.32 11.64 -29.09
N ASP B 203 15.76 10.54 -28.49
CA ASP B 203 16.57 9.57 -29.21
C ASP B 203 15.78 8.96 -30.38
N GLY B 204 14.52 8.61 -30.14
CA GLY B 204 13.71 8.02 -31.18
C GLY B 204 13.02 6.73 -30.75
N LYS B 205 13.06 6.44 -29.45
CA LYS B 205 12.43 5.24 -28.92
C LYS B 205 11.04 5.56 -28.40
N ILE B 206 10.07 4.74 -28.78
CA ILE B 206 8.68 4.94 -28.40
C ILE B 206 8.47 4.49 -26.96
N ILE B 207 7.69 5.25 -26.21
CA ILE B 207 7.39 4.96 -24.82
C ILE B 207 5.88 4.95 -24.63
N VAL B 208 5.37 3.91 -23.97
CA VAL B 208 3.94 3.77 -23.70
C VAL B 208 3.75 3.85 -22.18
N ILE B 209 2.89 4.77 -21.76
CA ILE B 209 2.63 5.02 -20.34
C ILE B 209 1.13 4.87 -20.09
N PRO B 210 0.70 4.05 -19.14
CA PRO B 210 -0.73 3.99 -18.81
C PRO B 210 -1.22 5.34 -18.32
N ASN B 211 -2.45 5.68 -18.71
CA ASN B 211 -3.00 6.99 -18.36
C ASN B 211 -3.18 7.15 -16.86
N GLY B 212 -3.35 6.05 -16.13
CA GLY B 212 -3.56 6.16 -14.69
C GLY B 212 -2.39 6.83 -13.99
N LYS B 213 -1.17 6.37 -14.27
CA LYS B 213 -0.01 6.97 -13.65
C LYS B 213 0.28 8.35 -14.20
N ILE B 214 -0.08 8.61 -15.45
CA ILE B 214 0.06 9.96 -16.00
C ILE B 214 -0.79 10.95 -15.21
N ILE B 215 -2.04 10.57 -14.93
CA ILE B 215 -2.91 11.45 -14.18
C ILE B 215 -2.46 11.55 -12.72
N ALA B 216 -2.06 10.42 -12.13
CA ALA B 216 -1.70 10.42 -10.72
C ALA B 216 -0.42 11.19 -10.43
N GLY B 217 0.40 11.46 -11.44
CA GLY B 217 1.67 12.12 -11.25
C GLY B 217 1.68 13.56 -11.75
N ASN B 218 2.87 14.16 -11.70
CA ASN B 218 3.07 15.52 -12.16
C ASN B 218 3.37 15.53 -13.65
N ILE B 219 2.87 16.55 -14.34
CA ILE B 219 3.09 16.73 -15.77
C ILE B 219 3.83 18.03 -15.97
N ILE B 220 5.05 17.95 -16.49
CA ILE B 220 5.85 19.13 -16.82
C ILE B 220 5.75 19.35 -18.31
N ASN B 221 5.26 20.52 -18.71
CA ASN B 221 5.06 20.85 -20.13
C ASN B 221 6.14 21.83 -20.55
N PHE B 222 7.08 21.36 -21.36
CA PHE B 222 8.20 22.20 -21.79
C PHE B 222 7.78 23.20 -22.87
N SER B 223 6.88 22.80 -23.76
CA SER B 223 6.53 23.62 -24.91
C SER B 223 5.17 24.31 -24.76
N ARG B 224 4.77 24.63 -23.54
CA ARG B 224 3.51 25.33 -23.32
C ARG B 224 3.70 26.85 -23.33
N GLU B 225 4.58 27.36 -22.48
CA GLU B 225 4.84 28.79 -22.46
C GLU B 225 5.67 29.19 -23.68
N PRO B 226 5.31 30.28 -24.36
CA PRO B 226 6.06 30.67 -25.57
C PRO B 226 7.49 31.09 -25.30
N VAL B 227 7.83 31.49 -24.07
CA VAL B 227 9.16 31.98 -23.75
C VAL B 227 9.75 31.16 -22.60
N ARG B 228 11.01 30.77 -22.76
CA ARG B 228 11.73 30.01 -21.75
C ARG B 228 13.08 30.68 -21.51
N ARG B 229 13.73 30.31 -20.41
CA ARG B 229 14.92 30.98 -19.93
C ARG B 229 16.14 30.06 -20.03
N ASN B 230 17.26 30.64 -20.45
CA ASN B 230 18.54 29.95 -20.49
C ASN B 230 19.40 30.38 -19.31
N GLU B 231 20.17 29.45 -18.76
CA GLU B 231 21.07 29.73 -17.66
C GLU B 231 22.47 29.28 -18.02
N PHE B 232 23.45 30.16 -17.83
CA PHE B 232 24.85 29.86 -18.06
C PHE B 232 25.61 29.93 -16.74
N ILE B 233 26.66 29.12 -16.63
CA ILE B 233 27.54 29.12 -15.46
C ILE B 233 28.96 29.17 -16.00
N ILE B 234 29.52 30.38 -16.08
CA ILE B 234 30.86 30.58 -16.61
C ILE B 234 31.82 30.73 -15.43
N GLY B 235 32.79 29.83 -15.34
CA GLY B 235 33.76 29.89 -14.26
C GLY B 235 35.10 30.44 -14.70
N VAL B 236 35.39 31.67 -14.30
CA VAL B 236 36.64 32.31 -14.66
C VAL B 236 37.60 32.25 -13.48
N ALA B 237 38.87 32.56 -13.72
CA ALA B 237 39.87 32.52 -12.68
C ALA B 237 39.65 33.66 -11.69
N TYR B 238 40.23 33.50 -10.49
CA TYR B 238 40.07 34.51 -9.46
C TYR B 238 40.69 35.84 -9.88
N ASP B 239 41.85 35.79 -10.54
CA ASP B 239 42.52 37.02 -10.95
C ASP B 239 41.70 37.82 -11.95
N SER B 240 40.79 37.18 -12.67
CA SER B 240 40.02 37.86 -13.69
C SER B 240 39.25 39.02 -13.10
N ASP B 241 39.29 40.17 -13.78
CA ASP B 241 38.59 41.36 -13.30
C ASP B 241 37.09 41.13 -13.43
N ILE B 242 36.35 41.47 -12.37
CA ILE B 242 34.91 41.26 -12.36
C ILE B 242 34.22 42.21 -13.33
N ASP B 243 34.63 43.48 -13.33
CA ASP B 243 33.97 44.46 -14.19
C ASP B 243 34.12 44.11 -15.66
N GLN B 244 35.33 43.70 -16.07
CA GLN B 244 35.55 43.34 -17.46
C GLN B 244 34.71 42.14 -17.86
N VAL B 245 34.64 41.13 -17.00
CA VAL B 245 33.87 39.94 -17.32
C VAL B 245 32.38 40.29 -17.45
N LYS B 246 31.87 41.09 -16.51
CA LYS B 246 30.46 41.45 -16.58
C LYS B 246 30.17 42.29 -17.83
N GLN B 247 31.07 43.22 -18.17
CA GLN B 247 30.86 44.03 -19.37
C GLN B 247 30.87 43.17 -20.63
N ILE B 248 31.80 42.21 -20.71
CA ILE B 248 31.85 41.34 -21.88
C ILE B 248 30.58 40.51 -21.97
N LEU B 249 30.13 39.94 -20.86
CA LEU B 249 28.92 39.14 -20.87
C LEU B 249 27.71 39.97 -21.27
N THR B 250 27.60 41.20 -20.75
CA THR B 250 26.49 42.06 -21.12
C THR B 250 26.53 42.41 -22.60
N ASN B 251 27.72 42.70 -23.13
CA ASN B 251 27.82 43.00 -24.56
C ASN B 251 27.40 41.80 -25.39
N ILE B 252 27.80 40.60 -24.99
CA ILE B 252 27.38 39.39 -25.72
C ILE B 252 25.88 39.23 -25.66
N ILE B 253 25.28 39.45 -24.47
CA ILE B 253 23.84 39.25 -24.31
C ILE B 253 23.07 40.25 -25.17
N GLN B 254 23.48 41.52 -25.15
CA GLN B 254 22.73 42.55 -25.86
C GLN B 254 22.82 42.38 -27.38
N SER B 255 23.98 41.99 -27.89
CA SER B 255 24.16 41.87 -29.33
C SER B 255 23.34 40.76 -29.94
N GLU B 256 22.77 39.86 -29.14
CA GLU B 256 21.94 38.77 -29.63
C GLU B 256 20.51 39.25 -29.78
N ASP B 257 19.97 39.15 -30.99
CA ASP B 257 18.62 39.63 -31.27
C ASP B 257 17.52 38.65 -30.88
N ARG B 258 17.87 37.41 -30.56
CA ARG B 258 16.90 36.41 -30.16
C ARG B 258 16.68 36.37 -28.65
N ILE B 259 17.32 37.26 -27.90
CA ILE B 259 17.15 37.34 -26.46
C ILE B 259 16.18 38.47 -26.16
N LEU B 260 15.03 38.14 -25.58
CA LEU B 260 14.01 39.15 -25.32
C LEU B 260 14.55 40.22 -24.40
N LYS B 261 14.56 41.47 -24.87
CA LYS B 261 15.06 42.57 -24.06
C LYS B 261 14.08 42.99 -22.97
N ASP B 262 12.77 42.84 -23.22
CA ASP B 262 11.80 43.24 -22.21
C ASP B 262 11.85 42.36 -20.97
N ARG B 263 12.45 41.17 -21.07
CA ARG B 263 12.60 40.29 -19.92
C ARG B 263 13.82 40.71 -19.11
N GLU B 264 14.23 39.87 -18.17
CA GLU B 264 15.35 40.17 -17.29
C GLU B 264 16.61 39.51 -17.80
N MET B 265 17.66 40.30 -17.98
CA MET B 265 18.97 39.81 -18.42
C MET B 265 19.93 39.94 -17.24
N THR B 266 20.17 38.83 -16.56
CA THR B 266 20.97 38.82 -15.33
C THR B 266 22.39 38.40 -15.64
N VAL B 267 23.35 39.25 -15.29
CA VAL B 267 24.77 38.90 -15.37
C VAL B 267 25.46 39.37 -14.10
N ARG B 268 25.61 38.48 -13.12
CA ARG B 268 26.20 38.86 -11.85
C ARG B 268 26.98 37.68 -11.27
N LEU B 269 27.99 38.02 -10.46
CA LEU B 269 28.76 36.99 -9.79
C LEU B 269 27.88 36.21 -8.83
N ASN B 270 27.94 34.89 -8.90
CA ASN B 270 27.01 34.02 -8.19
C ASN B 270 27.64 33.24 -7.06
N GLU B 271 28.88 32.75 -7.23
CA GLU B 271 29.48 31.88 -6.24
C GLU B 271 30.99 31.97 -6.35
N LEU B 272 31.66 31.68 -5.24
CA LEU B 272 33.12 31.63 -5.18
C LEU B 272 33.51 30.16 -5.06
N GLY B 273 33.80 29.55 -6.21
CA GLY B 273 34.07 28.13 -6.26
C GLY B 273 35.41 27.78 -5.66
N ALA B 274 35.69 26.47 -5.65
CA ALA B 274 36.93 25.98 -5.09
C ALA B 274 38.14 26.51 -5.85
N SER B 275 38.06 26.54 -7.18
CA SER B 275 39.19 26.96 -8.00
C SER B 275 38.80 28.04 -9.01
N SER B 276 37.56 28.56 -8.96
CA SER B 276 37.13 29.57 -9.92
C SER B 276 35.82 30.22 -9.49
N ILE B 277 35.75 31.55 -9.59
CA ILE B 277 34.50 32.26 -9.36
C ILE B 277 33.66 32.17 -10.62
N ASN B 278 32.44 31.66 -10.49
CA ASN B 278 31.58 31.42 -11.63
C ASN B 278 30.41 32.39 -11.64
N PHE B 279 30.21 33.03 -12.78
CA PHE B 279 29.11 33.96 -12.99
C PHE B 279 27.87 33.22 -13.47
N VAL B 280 26.73 33.90 -13.40
CA VAL B 280 25.45 33.35 -13.84
C VAL B 280 24.85 34.31 -14.84
N VAL B 281 24.45 33.79 -15.99
CA VAL B 281 23.80 34.56 -17.04
C VAL B 281 22.44 33.94 -17.31
N ARG B 282 21.39 34.73 -17.17
CA ARG B 282 20.02 34.28 -17.40
C ARG B 282 19.37 35.20 -18.42
N VAL B 283 18.90 34.62 -19.53
CA VAL B 283 18.29 35.37 -20.61
C VAL B 283 17.09 34.59 -21.12
N TRP B 284 16.01 35.30 -21.42
CA TRP B 284 14.77 34.69 -21.89
C TRP B 284 14.70 34.75 -23.40
N SER B 285 14.23 33.67 -24.01
CA SER B 285 14.12 33.57 -25.46
C SER B 285 12.89 32.76 -25.81
N ASN B 286 12.44 32.91 -27.05
CA ASN B 286 11.29 32.15 -27.52
C ASN B 286 11.55 30.66 -27.41
N SER B 287 10.52 29.92 -27.05
CA SER B 287 10.69 28.48 -26.83
C SER B 287 11.19 27.76 -28.07
N GLY B 288 10.99 28.33 -29.25
CA GLY B 288 11.47 27.73 -30.48
C GLY B 288 12.98 27.77 -30.61
N ASP B 289 13.56 28.96 -30.67
CA ASP B 289 14.99 29.13 -30.82
C ASP B 289 15.64 29.35 -29.46
N LEU B 290 15.64 28.29 -28.66
CA LEU B 290 16.25 28.30 -27.34
C LEU B 290 17.60 27.58 -27.33
N GLN B 291 17.64 26.34 -27.82
CA GLN B 291 18.91 25.61 -27.88
C GLN B 291 19.90 26.30 -28.79
N ASN B 292 19.43 26.83 -29.93
CA ASN B 292 20.32 27.56 -30.83
C ASN B 292 20.90 28.78 -30.15
N VAL B 293 20.07 29.52 -29.41
CA VAL B 293 20.56 30.68 -28.68
C VAL B 293 21.61 30.25 -27.66
N TYR B 294 21.34 29.17 -26.93
CA TYR B 294 22.30 28.69 -25.94
C TYR B 294 23.63 28.38 -26.60
N TRP B 295 23.61 27.62 -27.69
CA TRP B 295 24.87 27.23 -28.34
C TRP B 295 25.62 28.43 -28.87
N ASP B 296 24.90 29.36 -29.54
CA ASP B 296 25.56 30.53 -30.09
C ASP B 296 26.16 31.39 -28.99
N VAL B 297 25.42 31.60 -27.90
CA VAL B 297 25.93 32.42 -26.81
C VAL B 297 27.14 31.77 -26.18
N LEU B 298 27.11 30.46 -25.99
CA LEU B 298 28.25 29.77 -25.37
C LEU B 298 29.49 29.88 -26.25
N GLU B 299 29.34 29.66 -27.56
CA GLU B 299 30.48 29.77 -28.46
C GLU B 299 31.03 31.18 -28.49
N ARG B 300 30.14 32.18 -28.54
CA ARG B 300 30.59 33.57 -28.55
C ARG B 300 31.29 33.92 -27.24
N ILE B 301 30.78 33.42 -26.12
CA ILE B 301 31.42 33.66 -24.82
C ILE B 301 32.83 33.11 -24.83
N LYS B 302 32.99 31.87 -25.31
CA LYS B 302 34.32 31.28 -25.34
C LYS B 302 35.25 32.09 -26.23
N ARG B 303 34.77 32.48 -27.41
CA ARG B 303 35.63 33.23 -28.33
C ARG B 303 36.07 34.56 -27.72
N GLU B 304 35.12 35.32 -27.17
CA GLU B 304 35.46 36.61 -26.59
C GLU B 304 36.39 36.47 -25.39
N PHE B 305 36.12 35.51 -24.52
CA PHE B 305 36.99 35.33 -23.35
C PHE B 305 38.40 34.94 -23.78
N ASP B 306 38.52 34.07 -24.79
CA ASP B 306 39.84 33.72 -25.30
C ASP B 306 40.54 34.94 -25.87
N ALA B 307 39.81 35.76 -26.64
CA ALA B 307 40.42 36.95 -27.23
C ALA B 307 40.63 38.04 -26.19
N ALA B 308 39.65 38.26 -25.32
CA ALA B 308 39.74 39.34 -24.35
C ALA B 308 40.91 39.15 -23.39
N GLY B 309 41.12 37.93 -22.93
CA GLY B 309 42.20 37.66 -22.00
C GLY B 309 41.77 36.81 -20.82
N ILE B 310 40.46 36.78 -20.56
CA ILE B 310 39.94 35.95 -19.48
C ILE B 310 40.30 34.50 -19.72
N SER B 311 40.60 33.78 -18.64
CA SER B 311 41.06 32.40 -18.72
C SER B 311 40.15 31.50 -17.90
N PHE B 312 39.71 30.40 -18.49
CA PHE B 312 38.99 29.37 -17.76
C PHE B 312 39.99 28.48 -17.03
N PRO B 313 39.88 28.35 -15.71
CA PRO B 313 40.94 27.67 -14.95
C PRO B 313 40.71 26.18 -14.79
N TYR B 314 41.79 25.42 -14.89
CA TYR B 314 41.76 24.00 -14.56
C TYR B 314 41.71 23.83 -13.05
N PRO B 315 41.31 22.65 -12.58
CA PRO B 315 41.27 22.42 -11.13
C PRO B 315 42.59 22.72 -10.45
N GLN B 316 42.63 23.76 -9.64
CA GLN B 316 43.90 24.17 -9.02
C GLN B 316 44.11 23.54 -7.66
N MET B 317 45.31 23.02 -7.43
CA MET B 317 45.63 22.43 -6.13
C MET B 317 46.88 23.07 -5.55
N ASP B 318 46.84 23.40 -4.27
CA ASP B 318 48.00 23.99 -3.62
C ASP B 318 48.79 22.91 -2.89
N VAL B 319 49.95 22.57 -3.41
CA VAL B 319 50.76 21.52 -2.81
C VAL B 319 51.96 22.10 -2.07
N ASN B 320 52.17 21.65 -0.84
CA ASN B 320 53.29 22.14 -0.05
C ASN B 320 54.28 21.02 0.20
N PHE B 321 55.53 21.37 0.48
CA PHE B 321 56.56 20.35 0.65
C PHE B 321 57.10 20.37 2.08
N LYS B 322 57.53 19.21 2.55
CA LYS B 322 58.12 19.08 3.88
C LYS B 322 59.34 18.16 3.86
N ARG B 323 59.76 17.75 2.67
CA ARG B 323 60.95 16.92 2.53
C ARG B 323 61.55 17.16 1.17
N VAL B 324 62.88 17.31 1.12
CA VAL B 324 63.58 17.57 -0.13
C VAL B 324 63.43 16.38 -1.07
N PHE C 1 -61.62 23.51 11.39
CA PHE C 1 -62.63 23.17 12.38
C PHE C 1 -62.00 22.97 13.76
N THR C 2 -62.80 23.14 14.81
CA THR C 2 -62.29 22.96 16.16
C THR C 2 -61.83 21.53 16.40
N ASN C 3 -62.34 20.57 15.64
CA ASN C 3 -61.94 19.18 15.83
C ASN C 3 -60.46 18.98 15.56
N ASN C 4 -59.91 19.70 14.58
CA ASN C 4 -58.50 19.56 14.23
C ASN C 4 -57.62 20.37 15.19
N ALA C 5 -57.77 20.09 16.48
CA ALA C 5 -57.01 20.81 17.50
C ALA C 5 -55.52 20.56 17.34
N LEU C 6 -55.13 19.33 17.04
CA LEU C 6 -53.70 19.02 16.87
C LEU C 6 -53.11 19.81 15.72
N ASN C 7 -53.81 19.85 14.58
CA ASN C 7 -53.32 20.62 13.43
C ASN C 7 -53.25 22.10 13.75
N LEU C 8 -54.27 22.63 14.43
CA LEU C 8 -54.26 24.05 14.78
C LEU C 8 -53.07 24.35 15.69
N VAL C 9 -52.83 23.49 16.67
CA VAL C 9 -51.71 23.70 17.61
C VAL C 9 -50.39 23.64 16.87
N ILE C 10 -50.22 22.67 15.96
CA ILE C 10 -48.95 22.54 15.25
C ILE C 10 -48.72 23.77 14.36
N ILE C 11 -49.75 24.22 13.65
CA ILE C 11 -49.58 25.39 12.79
C ILE C 11 -49.26 26.63 13.63
N PHE C 12 -49.95 26.81 14.75
CA PHE C 12 -49.69 27.95 15.61
C PHE C 12 -48.27 27.89 16.16
N GLY C 13 -47.82 26.70 16.55
CA GLY C 13 -46.46 26.57 17.06
C GLY C 13 -45.42 26.88 16.00
N SER C 14 -45.64 26.41 14.78
CA SER C 14 -44.70 26.72 13.69
C SER C 14 -44.65 28.22 13.43
N CYS C 15 -45.82 28.87 13.39
CA CYS C 15 -45.85 30.31 13.17
C CYS C 15 -45.15 31.06 14.29
N ALA C 16 -45.39 30.65 15.54
CA ALA C 16 -44.76 31.30 16.68
C ALA C 16 -43.25 31.10 16.65
N ALA C 17 -42.80 29.90 16.28
CA ALA C 17 -41.37 29.64 16.18
C ALA C 17 -40.72 30.53 15.12
N LEU C 18 -41.37 30.65 13.95
CA LEU C 18 -40.84 31.52 12.92
C LEU C 18 -40.77 32.97 13.39
N ILE C 19 -41.83 33.44 14.05
CA ILE C 19 -41.86 34.83 14.51
C ILE C 19 -40.77 35.06 15.56
N LEU C 20 -40.62 34.12 16.50
CA LEU C 20 -39.59 34.27 17.53
C LEU C 20 -38.20 34.25 16.94
N MET C 21 -37.95 33.37 15.95
CA MET C 21 -36.66 33.34 15.30
C MET C 21 -36.38 34.66 14.59
N SER C 22 -37.38 35.21 13.91
CA SER C 22 -37.20 36.50 13.26
C SER C 22 -36.88 37.59 14.29
N PHE C 23 -37.60 37.60 15.40
CA PHE C 23 -37.36 38.60 16.45
C PHE C 23 -35.94 38.47 17.01
N TRP C 24 -35.51 37.24 17.29
CA TRP C 24 -34.17 37.03 17.81
C TRP C 24 -33.12 37.49 16.81
N PHE C 25 -33.32 37.20 15.53
CA PHE C 25 -32.35 37.60 14.53
C PHE C 25 -32.29 39.11 14.37
N ARG C 26 -33.45 39.78 14.48
CA ARG C 26 -33.46 41.24 14.39
C ARG C 26 -32.64 41.85 15.52
N ARG C 27 -32.85 41.38 16.74
CA ARG C 27 -32.08 41.90 17.88
C ARG C 27 -30.60 41.55 17.73
N GLY C 28 -30.30 40.32 17.31
CA GLY C 28 -28.93 39.89 17.12
C GLY C 28 -28.78 38.90 15.98
N ASN C 29 -27.71 39.03 15.21
CA ASN C 29 -27.49 38.13 14.08
C ASN C 29 -27.35 36.70 14.56
N ARG C 30 -27.98 35.77 13.83
CA ARG C 30 -27.90 34.36 14.18
C ARG C 30 -26.48 33.83 13.95
N LYS C 31 -26.10 32.87 14.78
CA LYS C 31 -24.77 32.29 14.71
C LYS C 31 -24.76 31.17 13.66
N ARG C 32 -23.64 30.45 13.57
CA ARG C 32 -23.46 29.34 12.62
C ARG C 32 -23.66 29.90 11.21
N LYS C 33 -24.52 29.31 10.39
CA LYS C 33 -24.81 29.82 9.06
C LYS C 33 -25.94 30.84 9.14
N GLY C 34 -25.99 31.74 8.16
CA GLY C 34 -27.12 32.63 8.03
C GLY C 34 -28.33 31.87 7.54
N PHE C 35 -28.10 30.64 7.08
CA PHE C 35 -29.15 29.79 6.57
C PHE C 35 -30.13 29.34 7.66
N LEU C 36 -29.93 29.78 8.90
CA LEU C 36 -30.81 29.36 9.99
C LEU C 36 -32.25 29.76 9.72
N PHE C 37 -32.48 30.99 9.27
CA PHE C 37 -33.84 31.42 8.99
C PHE C 37 -34.43 30.72 7.77
N HIS C 38 -33.60 30.23 6.85
CA HIS C 38 -34.09 29.42 5.73
C HIS C 38 -34.49 28.02 6.19
N ALA C 39 -33.68 27.41 7.07
CA ALA C 39 -34.04 26.10 7.60
C ALA C 39 -35.29 26.18 8.46
N VAL C 40 -35.44 27.26 9.23
CA VAL C 40 -36.65 27.45 10.03
C VAL C 40 -37.86 27.54 9.12
N GLN C 41 -37.74 28.32 8.03
CA GLN C 41 -38.83 28.43 7.07
C GLN C 41 -39.14 27.08 6.45
N PHE C 42 -38.11 26.31 6.11
CA PHE C 42 -38.33 24.99 5.53
C PHE C 42 -39.11 24.09 6.48
N LEU C 43 -38.71 24.09 7.76
CA LEU C 43 -39.38 23.24 8.73
C LEU C 43 -40.83 23.70 8.96
N ILE C 44 -41.06 25.01 9.01
CA ILE C 44 -42.41 25.50 9.19
C ILE C 44 -43.27 25.14 7.99
N TYR C 45 -42.71 25.22 6.78
CA TYR C 45 -43.46 24.84 5.58
C TYR C 45 -43.79 23.36 5.60
N THR C 46 -42.85 22.52 6.05
CA THR C 46 -43.12 21.10 6.17
C THR C 46 -44.26 20.84 7.16
N ILE C 47 -44.24 21.55 8.29
CA ILE C 47 -45.30 21.40 9.27
C ILE C 47 -46.63 21.84 8.69
N ILE C 48 -46.65 22.95 7.95
CA ILE C 48 -47.88 23.43 7.34
C ILE C 48 -48.41 22.44 6.32
N ILE C 49 -47.52 21.85 5.52
CA ILE C 49 -47.97 20.88 4.53
C ILE C 49 -48.51 19.62 5.20
N SER C 50 -47.88 19.18 6.29
CA SER C 50 -48.43 18.04 7.02
C SER C 50 -49.81 18.37 7.58
N ALA C 51 -49.97 19.56 8.13
CA ALA C 51 -51.28 19.96 8.65
C ALA C 51 -52.32 20.02 7.53
N VAL C 52 -51.92 20.52 6.37
CA VAL C 52 -52.84 20.60 5.23
C VAL C 52 -53.24 19.19 4.79
N GLY C 53 -52.29 18.26 4.76
CA GLY C 53 -52.64 16.89 4.43
C GLY C 53 -53.60 16.29 5.43
N SER C 54 -53.38 16.55 6.72
CA SER C 54 -54.29 16.05 7.75
C SER C 54 -55.69 16.64 7.58
N ILE C 55 -55.77 17.95 7.29
CA ILE C 55 -57.07 18.58 7.10
C ILE C 55 -57.76 18.03 5.86
N ILE C 56 -57.00 17.75 4.81
CA ILE C 56 -57.58 17.15 3.61
C ILE C 56 -58.13 15.77 3.92
N ASN C 57 -57.39 14.97 4.69
CA ASN C 57 -57.90 13.67 5.10
C ASN C 57 -59.18 13.80 5.92
N TYR C 58 -59.20 14.76 6.84
CA TYR C 58 -60.40 14.99 7.64
C TYR C 58 -61.58 15.37 6.76
N VAL C 59 -61.35 16.24 5.78
CA VAL C 59 -62.42 16.67 4.88
C VAL C 59 -62.93 15.49 4.06
N ILE C 60 -62.02 14.68 3.53
CA ILE C 60 -62.44 13.53 2.72
C ILE C 60 -63.22 12.54 3.56
N GLU C 61 -62.83 12.34 4.82
CA GLU C 61 -63.58 11.46 5.71
C GLU C 61 -64.80 12.14 6.31
N ASN C 62 -64.91 13.47 6.20
CA ASN C 62 -66.05 14.21 6.73
C ASN C 62 -66.85 14.91 5.65
N TYR C 63 -66.19 15.69 4.78
CA TYR C 63 -66.87 16.47 3.76
C TYR C 63 -66.77 15.77 2.41
N LYS C 64 -67.45 16.34 1.42
CA LYS C 64 -67.43 15.79 0.07
C LYS C 64 -66.04 15.91 -0.54
N LEU C 65 -65.63 14.87 -1.26
CA LEU C 65 -64.33 14.85 -1.92
C LEU C 65 -64.34 15.60 -3.24
N LYS C 66 -65.51 15.93 -3.78
CA LYS C 66 -65.61 16.64 -5.07
C LYS C 66 -64.91 15.85 -6.18
N PHE C 67 -65.01 14.53 -6.13
CA PHE C 67 -64.39 13.65 -7.11
C PHE C 67 -62.88 13.89 -7.19
N ILE C 68 -62.27 14.16 -6.04
CA ILE C 68 -60.83 14.38 -5.94
C ILE C 68 -60.23 13.23 -5.14
N THR C 69 -59.40 12.43 -5.81
CA THR C 69 -58.77 11.31 -5.13
C THR C 69 -57.78 11.81 -4.09
N PRO C 70 -57.84 11.31 -2.86
CA PRO C 70 -56.87 11.75 -1.84
C PRO C 70 -55.45 11.45 -2.28
N GLY C 71 -54.58 12.45 -2.14
CA GLY C 71 -53.19 12.30 -2.54
C GLY C 71 -52.67 13.48 -3.32
N VAL C 72 -53.58 14.23 -3.96
CA VAL C 72 -53.17 15.40 -4.72
C VAL C 72 -52.53 16.43 -3.80
N ILE C 73 -53.13 16.66 -2.63
CA ILE C 73 -52.57 17.62 -1.68
C ILE C 73 -51.20 17.18 -1.21
N ASP C 74 -51.05 15.88 -0.93
CA ASP C 74 -49.75 15.36 -0.49
C ASP C 74 -48.70 15.54 -1.58
N PHE C 75 -49.07 15.25 -2.83
CA PHE C 75 -48.14 15.43 -3.94
C PHE C 75 -47.73 16.90 -4.06
N ILE C 76 -48.71 17.81 -3.95
CA ILE C 76 -48.41 19.23 -4.08
C ILE C 76 -47.47 19.67 -2.96
N CYS C 77 -47.75 19.25 -1.73
CA CYS C 77 -46.90 19.66 -0.61
C CYS C 77 -45.49 19.10 -0.74
N THR C 78 -45.38 17.84 -1.16
CA THR C 78 -44.05 17.26 -1.35
C THR C 78 -43.29 18.00 -2.44
N SER C 79 -43.96 18.32 -3.55
CA SER C 79 -43.30 19.06 -4.62
C SER C 79 -42.86 20.44 -4.15
N LEU C 80 -43.71 21.13 -3.39
CA LEU C 80 -43.34 22.45 -2.89
C LEU C 80 -42.16 22.37 -1.94
N ILE C 81 -42.14 21.36 -1.06
CA ILE C 81 -41.02 21.19 -0.14
C ILE C 81 -39.74 20.92 -0.92
N ALA C 82 -39.81 20.06 -1.94
CA ALA C 82 -38.64 19.78 -2.76
C ALA C 82 -38.16 21.03 -3.48
N VAL C 83 -39.09 21.84 -3.99
CA VAL C 83 -38.70 23.08 -4.67
C VAL C 83 -37.99 24.01 -3.70
N ILE C 84 -38.51 24.15 -2.48
CA ILE C 84 -37.86 25.02 -1.51
C ILE C 84 -36.47 24.50 -1.16
N LEU C 85 -36.35 23.19 -0.96
CA LEU C 85 -35.04 22.61 -0.66
C LEU C 85 -34.06 22.86 -1.78
N THR C 86 -34.51 22.69 -3.03
CA THR C 86 -33.63 22.92 -4.17
C THR C 86 -33.22 24.38 -4.26
N ILE C 87 -34.15 25.30 -3.99
CA ILE C 87 -33.82 26.72 -4.04
C ILE C 87 -32.78 27.06 -2.99
N LYS C 88 -32.95 26.52 -1.78
CA LYS C 88 -31.97 26.77 -0.72
C LYS C 88 -30.61 26.19 -1.09
N LEU C 89 -30.59 24.98 -1.65
CA LEU C 89 -29.33 24.36 -2.06
C LEU C 89 -28.65 25.20 -3.13
N PHE C 90 -29.42 25.70 -4.09
CA PHE C 90 -28.84 26.53 -5.14
C PHE C 90 -28.31 27.85 -4.59
N LEU C 91 -29.00 28.45 -3.62
CA LEU C 91 -28.48 29.64 -2.98
C LEU C 91 -27.16 29.36 -2.26
N LEU C 92 -27.08 28.21 -1.58
CA LEU C 92 -25.83 27.82 -0.94
C LEU C 92 -24.72 27.63 -1.97
N ILE C 93 -25.06 27.01 -3.10
CA ILE C 93 -24.07 26.82 -4.16
C ILE C 93 -23.58 28.17 -4.67
N ASN C 94 -24.49 29.11 -4.86
CA ASN C 94 -24.11 30.44 -5.33
C ASN C 94 -23.19 31.13 -4.33
N GLN C 95 -23.52 31.03 -3.04
CA GLN C 95 -22.64 31.62 -2.02
C GLN C 95 -21.26 30.99 -2.06
N PHE C 96 -21.21 29.66 -2.15
CA PHE C 96 -19.91 28.97 -2.20
C PHE C 96 -19.13 29.38 -3.44
N GLU C 97 -19.80 29.47 -4.59
CA GLU C 97 -19.11 29.85 -5.82
C GLU C 97 -18.58 31.27 -5.74
N LYS C 98 -19.36 32.19 -5.15
CA LYS C 98 -18.86 33.56 -4.98
C LYS C 98 -17.65 33.58 -4.06
N GLN C 99 -17.70 32.82 -2.96
CA GLN C 99 -16.58 32.78 -2.03
C GLN C 99 -15.32 32.24 -2.72
N GLN C 100 -15.46 31.15 -3.46
CA GLN C 100 -14.32 30.59 -4.18
C GLN C 100 -13.79 31.57 -5.22
N ALA C 101 -14.70 32.22 -5.95
CA ALA C 101 -14.29 33.15 -7.00
C ALA C 101 -13.50 34.31 -6.42
N ALA C 102 -14.12 35.11 -5.56
CA ALA C 102 -13.44 36.27 -5.00
C ALA C 102 -12.77 35.93 -3.68
N LYS C 103 -12.07 34.80 -3.61
CA LYS C 103 -11.11 34.55 -2.54
C LYS C 103 -9.72 34.27 -3.09
N GLY C 104 -9.56 33.22 -3.88
CA GLY C 104 -8.30 32.93 -4.54
C GLY C 104 -8.44 32.32 -5.93
N ARG C 105 -9.67 32.04 -6.33
CA ARG C 105 -9.93 31.24 -7.52
C ARG C 105 -10.33 32.12 -8.70
N ASP C 106 -10.31 31.51 -9.89
CA ASP C 106 -10.72 32.17 -11.11
C ASP C 106 -12.21 31.92 -11.36
N ILE C 107 -12.69 32.28 -12.55
CA ILE C 107 -14.11 32.18 -12.84
C ILE C 107 -14.48 30.83 -13.44
N THR C 108 -13.64 30.29 -14.31
CA THR C 108 -13.96 29.03 -14.97
C THR C 108 -14.13 27.90 -13.96
N SER C 109 -13.19 27.78 -13.02
CA SER C 109 -13.27 26.72 -12.03
C SER C 109 -14.51 26.89 -11.15
N ALA C 110 -14.81 28.12 -10.75
CA ALA C 110 -15.99 28.36 -9.92
C ALA C 110 -17.26 27.99 -10.67
N ARG C 111 -17.36 28.37 -11.94
CA ARG C 111 -18.55 28.03 -12.73
C ARG C 111 -18.68 26.52 -12.88
N ILE C 112 -17.56 25.84 -13.14
CA ILE C 112 -17.60 24.39 -13.31
C ILE C 112 -18.05 23.72 -12.02
N MET C 113 -17.50 24.16 -10.88
CA MET C 113 -17.92 23.60 -9.60
C MET C 113 -19.40 23.85 -9.34
N SER C 114 -19.87 25.07 -9.63
CA SER C 114 -21.28 25.39 -9.40
C SER C 114 -22.18 24.51 -10.25
N ARG C 115 -21.85 24.32 -11.53
CA ARG C 115 -22.73 23.55 -12.38
C ARG C 115 -22.65 22.07 -12.06
N ILE C 116 -21.49 21.60 -11.60
CA ILE C 116 -21.38 20.22 -11.12
C ILE C 116 -22.29 20.01 -9.91
N ILE C 117 -22.28 20.95 -8.97
CA ILE C 117 -23.14 20.83 -7.79
C ILE C 117 -24.60 20.87 -8.20
N LYS C 118 -24.95 21.73 -9.15
CA LYS C 118 -26.32 21.80 -9.63
C LYS C 118 -26.74 20.48 -10.27
N ILE C 119 -25.86 19.87 -11.06
CA ILE C 119 -26.18 18.58 -11.68
C ILE C 119 -26.36 17.51 -10.62
N THR C 120 -25.51 17.54 -9.58
CA THR C 120 -25.65 16.57 -8.49
C THR C 120 -27.00 16.74 -7.79
N ILE C 121 -27.41 17.97 -7.53
CA ILE C 121 -28.69 18.21 -6.88
C ILE C 121 -29.84 17.75 -7.77
N ILE C 122 -29.72 17.98 -9.08
CA ILE C 122 -30.76 17.51 -10.00
C ILE C 122 -30.84 15.98 -9.98
N VAL C 123 -29.68 15.32 -9.94
CA VAL C 123 -29.67 13.86 -9.89
C VAL C 123 -30.32 13.36 -8.62
N VAL C 124 -30.01 13.99 -7.48
CA VAL C 124 -30.62 13.57 -6.22
C VAL C 124 -32.13 13.79 -6.27
N LEU C 125 -32.57 14.90 -6.87
CA LEU C 125 -34.00 15.13 -7.04
C LEU C 125 -34.64 14.01 -7.86
N VAL C 126 -34.04 13.66 -8.98
CA VAL C 126 -34.59 12.61 -9.83
C VAL C 126 -34.66 11.29 -9.07
N LEU C 127 -33.60 10.97 -8.32
CA LEU C 127 -33.60 9.73 -7.54
C LEU C 127 -34.71 9.73 -6.50
N LEU C 128 -34.90 10.86 -5.81
CA LEU C 128 -35.94 10.93 -4.79
C LEU C 128 -37.33 11.04 -5.40
N TYR C 129 -37.44 11.60 -6.60
CA TYR C 129 -38.73 11.73 -7.26
C TYR C 129 -39.29 10.38 -7.71
N GLY C 130 -38.51 9.32 -7.66
CA GLY C 130 -38.95 8.01 -8.12
C GLY C 130 -40.05 7.39 -7.27
N GLU C 131 -40.31 7.94 -6.09
CA GLU C 131 -41.36 7.38 -5.22
C GLU C 131 -42.76 7.60 -5.76
N HIS C 132 -42.91 8.28 -6.90
CA HIS C 132 -44.21 8.55 -7.50
C HIS C 132 -44.58 7.54 -8.58
N PHE C 133 -43.71 7.35 -9.56
CA PHE C 133 -43.95 6.40 -10.64
C PHE C 133 -42.73 5.51 -10.83
N GLY C 134 -43.00 4.23 -11.08
CA GLY C 134 -41.93 3.27 -11.28
C GLY C 134 -41.55 3.10 -12.74
N VAL C 135 -42.32 3.72 -13.63
CA VAL C 135 -42.08 3.65 -15.07
C VAL C 135 -41.47 4.93 -15.60
N GLN C 136 -41.14 5.88 -14.72
CA GLN C 136 -40.56 7.16 -15.11
C GLN C 136 -39.08 7.28 -14.74
N THR C 137 -38.72 6.87 -13.52
CA THR C 137 -37.34 6.93 -13.06
C THR C 137 -36.76 5.58 -12.67
N ALA C 138 -37.58 4.64 -12.22
CA ALA C 138 -37.07 3.32 -11.87
C ALA C 138 -36.43 2.63 -13.07
N SER C 139 -37.04 2.77 -14.24
CA SER C 139 -36.46 2.19 -15.46
C SER C 139 -35.15 2.85 -15.84
N VAL C 140 -34.82 4.01 -15.27
CA VAL C 140 -33.58 4.70 -15.57
C VAL C 140 -32.69 4.81 -14.34
N ILE C 141 -33.28 4.86 -13.15
CA ILE C 141 -32.48 4.98 -11.92
C ILE C 141 -31.67 3.71 -11.68
N ALA C 142 -32.25 2.55 -11.97
CA ALA C 142 -31.51 1.30 -11.75
C ALA C 142 -30.20 1.28 -12.52
N VAL C 143 -30.13 1.99 -13.64
CA VAL C 143 -28.90 2.06 -14.42
C VAL C 143 -28.05 3.26 -14.01
N LEU C 144 -28.68 4.40 -13.72
CA LEU C 144 -27.93 5.59 -13.35
C LEU C 144 -27.16 5.37 -12.05
N GLY C 145 -27.79 4.74 -11.05
CA GLY C 145 -27.11 4.49 -9.79
C GLY C 145 -25.90 3.59 -9.97
N ALA C 146 -26.07 2.50 -10.73
CA ALA C 146 -24.95 1.59 -10.95
C ALA C 146 -23.83 2.28 -11.72
N ALA C 147 -24.17 3.07 -12.75
CA ALA C 147 -23.14 3.77 -13.49
C ALA C 147 -22.40 4.77 -12.60
N GLY C 148 -23.14 5.51 -11.77
CA GLY C 148 -22.49 6.44 -10.86
C GLY C 148 -21.58 5.75 -9.87
N LEU C 149 -22.03 4.62 -9.32
CA LEU C 149 -21.17 3.87 -8.40
C LEU C 149 -19.91 3.37 -9.09
N ALA C 150 -20.05 2.83 -10.30
CA ALA C 150 -18.88 2.35 -11.03
C ALA C 150 -17.91 3.49 -11.32
N VAL C 151 -18.44 4.65 -11.74
CA VAL C 151 -17.59 5.79 -12.00
C VAL C 151 -16.89 6.26 -10.73
N GLY C 152 -17.60 6.36 -9.61
CA GLY C 152 -16.96 6.75 -8.37
C GLY C 152 -15.87 5.79 -7.96
N LEU C 153 -16.10 4.49 -8.14
CA LEU C 153 -15.05 3.52 -7.87
C LEU C 153 -13.85 3.74 -8.78
N ALA C 154 -14.08 3.98 -10.06
CA ALA C 154 -12.98 4.25 -10.98
C ALA C 154 -12.44 5.67 -10.81
N LEU C 155 -13.32 6.61 -10.47
CA LEU C 155 -12.98 8.03 -10.40
C LEU C 155 -12.62 8.48 -8.99
N GLN C 156 -12.38 7.55 -8.06
CA GLN C 156 -12.11 7.94 -6.68
C GLN C 156 -11.04 9.01 -6.59
N GLY C 157 -9.99 8.87 -7.40
CA GLY C 157 -8.95 9.89 -7.43
C GLY C 157 -9.50 11.25 -7.84
N SER C 158 -10.49 11.26 -8.74
CA SER C 158 -11.08 12.52 -9.18
C SER C 158 -11.75 13.24 -8.02
N LEU C 159 -12.56 12.51 -7.23
CA LEU C 159 -13.18 13.13 -6.07
C LEU C 159 -12.15 13.55 -5.03
N SER C 160 -11.11 12.75 -4.85
CA SER C 160 -10.05 13.14 -3.91
C SER C 160 -9.41 14.45 -4.34
N ASN C 161 -9.09 14.58 -5.63
CA ASN C 161 -8.48 15.81 -6.13
C ASN C 161 -9.43 16.98 -5.99
N LEU C 162 -10.73 16.77 -6.27
CA LEU C 162 -11.69 17.85 -6.13
C LEU C 162 -11.78 18.33 -4.69
N ALA C 163 -11.83 17.41 -3.74
CA ALA C 163 -11.88 17.79 -2.33
C ALA C 163 -10.61 18.52 -1.92
N ALA C 164 -9.45 18.03 -2.36
CA ALA C 164 -8.20 18.71 -2.03
C ALA C 164 -8.18 20.12 -2.60
N GLY C 165 -8.67 20.31 -3.82
CA GLY C 165 -8.74 21.64 -4.39
C GLY C 165 -9.67 22.55 -3.63
N VAL C 166 -10.83 22.03 -3.23
CA VAL C 166 -11.76 22.83 -2.43
C VAL C 166 -11.10 23.27 -1.13
N LEU C 167 -10.38 22.35 -0.48
CA LEU C 167 -9.68 22.70 0.75
C LEU C 167 -8.62 23.76 0.49
N LEU C 168 -7.86 23.63 -0.61
CA LEU C 168 -6.81 24.60 -0.93
C LEU C 168 -7.39 25.97 -1.19
N VAL C 169 -8.59 26.03 -1.79
CA VAL C 169 -9.24 27.33 -1.97
C VAL C 169 -9.73 27.88 -0.64
N MET C 170 -10.26 27.01 0.23
CA MET C 170 -10.75 27.47 1.52
C MET C 170 -9.60 27.87 2.43
N PHE C 171 -8.74 26.93 2.77
CA PHE C 171 -7.49 27.23 3.47
C PHE C 171 -6.45 27.59 2.42
N ARG C 172 -5.82 28.76 2.58
CA ARG C 172 -4.90 29.21 1.56
C ARG C 172 -3.45 29.08 2.01
N PRO C 173 -2.85 27.89 1.91
CA PRO C 173 -1.42 27.79 2.16
C PRO C 173 -0.60 28.62 1.19
N PHE C 174 -1.06 28.78 -0.04
CA PHE C 174 -0.38 29.57 -1.04
C PHE C 174 -1.40 30.24 -1.94
N ARG C 175 -1.12 31.49 -2.32
CA ARG C 175 -1.96 32.24 -3.24
C ARG C 175 -1.30 32.33 -4.60
N ALA C 176 -2.10 32.72 -5.60
CA ALA C 176 -1.56 32.91 -6.94
C ALA C 176 -0.42 33.92 -6.92
N GLY C 177 0.65 33.61 -7.65
CA GLY C 177 1.81 34.49 -7.68
C GLY C 177 2.75 34.35 -6.51
N GLU C 178 2.64 33.27 -5.74
CA GLU C 178 3.49 33.03 -4.58
C GLU C 178 4.42 31.87 -4.87
N TYR C 179 5.72 32.10 -4.74
CA TYR C 179 6.71 31.05 -5.01
C TYR C 179 6.65 30.00 -3.93
N VAL C 180 6.32 28.76 -4.31
CA VAL C 180 6.14 27.67 -3.36
C VAL C 180 6.89 26.44 -3.86
N ASP C 181 7.14 25.52 -2.93
CA ASP C 181 7.78 24.25 -3.22
C ASP C 181 6.85 23.14 -2.73
N LEU C 182 6.33 22.34 -3.66
CA LEU C 182 5.34 21.31 -3.36
C LEU C 182 5.96 19.94 -3.67
N GLY C 183 6.57 19.33 -2.66
CA GLY C 183 7.15 18.01 -2.82
C GLY C 183 8.28 17.95 -3.81
N GLY C 184 9.22 18.89 -3.73
CA GLY C 184 10.36 18.90 -4.61
C GLY C 184 10.15 19.53 -5.96
N VAL C 185 9.05 20.26 -6.16
CA VAL C 185 8.75 20.91 -7.43
C VAL C 185 8.44 22.38 -7.10
N ALA C 186 9.44 23.24 -7.23
CA ALA C 186 9.29 24.64 -6.86
C ALA C 186 9.00 25.49 -8.08
N GLY C 187 8.17 26.51 -7.89
CA GLY C 187 7.83 27.44 -8.95
C GLY C 187 6.67 28.32 -8.56
N THR C 188 6.54 29.43 -9.28
CA THR C 188 5.45 30.36 -9.02
C THR C 188 4.11 29.71 -9.31
N VAL C 189 3.16 29.92 -8.41
CA VAL C 189 1.83 29.33 -8.54
C VAL C 189 0.97 30.24 -9.43
N LEU C 190 0.33 29.65 -10.43
CA LEU C 190 -0.50 30.40 -11.36
C LEU C 190 -1.96 30.42 -10.93
N SER C 191 -2.53 29.24 -10.67
CA SER C 191 -3.94 29.16 -10.29
C SER C 191 -4.31 27.76 -9.83
N VAL C 192 -5.19 27.66 -8.83
CA VAL C 192 -5.67 26.38 -8.34
C VAL C 192 -6.97 26.05 -9.07
N GLN C 193 -6.96 24.98 -9.84
CA GLN C 193 -8.12 24.56 -10.62
C GLN C 193 -8.88 23.45 -9.88
N ILE C 194 -9.84 22.84 -10.56
CA ILE C 194 -10.68 21.83 -9.94
C ILE C 194 -9.85 20.62 -9.53
N PHE C 195 -8.99 20.13 -10.43
CA PHE C 195 -8.27 18.90 -10.20
C PHE C 195 -6.76 19.06 -10.08
N SER C 196 -6.21 20.20 -10.48
CA SER C 196 -4.76 20.38 -10.44
C SER C 196 -4.45 21.87 -10.43
N THR C 197 -3.25 22.19 -9.97
CA THR C 197 -2.74 23.56 -9.94
C THR C 197 -1.49 23.64 -10.79
N THR C 198 -1.44 24.61 -11.69
CA THR C 198 -0.32 24.77 -12.61
C THR C 198 0.57 25.90 -12.11
N MET C 199 1.86 25.61 -11.91
CA MET C 199 2.84 26.60 -11.50
C MET C 199 3.95 26.68 -12.54
N ARG C 200 4.36 27.90 -12.86
CA ARG C 200 5.45 28.12 -13.80
C ARG C 200 6.76 28.21 -13.04
N THR C 201 7.66 27.26 -13.29
CA THR C 201 8.93 27.23 -12.60
C THR C 201 9.78 28.44 -13.00
N ALA C 202 10.96 28.54 -12.40
CA ALA C 202 11.84 29.66 -12.69
C ALA C 202 12.27 29.64 -14.16
N ASP C 203 12.55 28.46 -14.70
CA ASP C 203 12.99 28.37 -16.09
C ASP C 203 11.91 28.84 -17.04
N GLY C 204 10.66 28.46 -16.79
CA GLY C 204 9.57 28.86 -17.66
C GLY C 204 8.71 27.70 -18.12
N LYS C 205 8.91 26.52 -17.53
CA LYS C 205 8.14 25.34 -17.89
C LYS C 205 6.96 25.18 -16.94
N ILE C 206 5.79 24.94 -17.52
CA ILE C 206 4.57 24.80 -16.73
C ILE C 206 4.52 23.42 -16.09
N ILE C 207 4.06 23.36 -14.86
CA ILE C 207 3.95 22.10 -14.11
C ILE C 207 2.53 21.97 -13.58
N VAL C 208 1.93 20.80 -13.77
CA VAL C 208 0.58 20.51 -13.30
C VAL C 208 0.68 19.43 -12.23
N ILE C 209 0.13 19.70 -11.06
CA ILE C 209 0.18 18.79 -9.92
C ILE C 209 -1.24 18.54 -9.45
N PRO C 210 -1.67 17.27 -9.33
CA PRO C 210 -2.99 17.00 -8.77
C PRO C 210 -3.09 17.53 -7.34
N ASN C 211 -4.27 18.05 -6.99
CA ASN C 211 -4.45 18.65 -5.67
C ASN C 211 -4.33 17.61 -4.56
N GLY C 212 -4.60 16.34 -4.85
CA GLY C 212 -4.52 15.33 -3.81
C GLY C 212 -3.14 15.22 -3.21
N LYS C 213 -2.11 15.14 -4.06
CA LYS C 213 -0.75 15.03 -3.56
C LYS C 213 -0.27 16.36 -2.98
N ILE C 214 -0.80 17.47 -3.47
CA ILE C 214 -0.45 18.77 -2.89
C ILE C 214 -0.92 18.82 -1.45
N ILE C 215 -2.15 18.38 -1.19
CA ILE C 215 -2.67 18.40 0.18
C ILE C 215 -1.96 17.35 1.04
N ALA C 216 -1.71 16.17 0.48
CA ALA C 216 -1.12 15.09 1.26
C ALA C 216 0.33 15.36 1.64
N GLY C 217 1.00 16.29 0.97
CA GLY C 217 2.40 16.57 1.22
C GLY C 217 2.62 17.88 1.95
N ASN C 218 3.91 18.23 2.08
CA ASN C 218 4.31 19.46 2.73
C ASN C 218 4.35 20.60 1.71
N ILE C 219 3.95 21.79 2.15
CA ILE C 219 3.96 22.98 1.33
C ILE C 219 4.92 23.97 1.95
N ILE C 220 5.98 24.31 1.21
CA ILE C 220 6.94 25.32 1.64
C ILE C 220 6.64 26.60 0.88
N ASN C 221 6.36 27.68 1.61
CA ASN C 221 5.99 28.96 1.02
C ASN C 221 7.16 29.91 1.17
N PHE C 222 7.82 30.21 0.04
CA PHE C 222 9.00 31.07 0.09
C PHE C 222 8.63 32.54 0.25
N SER C 223 7.51 32.97 -0.35
CA SER C 223 7.15 34.38 -0.40
C SER C 223 6.04 34.73 0.58
N ARG C 224 5.93 34.01 1.69
CA ARG C 224 4.92 34.32 2.69
C ARG C 224 5.42 35.32 3.73
N GLU C 225 6.52 35.00 4.40
CA GLU C 225 7.09 35.91 5.38
C GLU C 225 7.76 37.09 4.68
N PRO C 226 7.53 38.32 5.13
CA PRO C 226 8.12 39.48 4.44
C PRO C 226 9.64 39.53 4.52
N VAL C 227 10.27 38.86 5.48
CA VAL C 227 11.70 38.93 5.67
C VAL C 227 12.29 37.52 5.64
N ARG C 228 13.39 37.37 4.90
CA ARG C 228 14.10 36.10 4.79
C ARG C 228 15.58 36.34 5.05
N ARG C 229 16.31 35.27 5.30
CA ARG C 229 17.69 35.33 5.74
C ARG C 229 18.64 34.79 4.68
N ASN C 230 19.77 35.48 4.52
CA ASN C 230 20.85 35.05 3.64
C ASN C 230 21.97 34.43 4.46
N GLU C 231 22.60 33.40 3.91
CA GLU C 231 23.72 32.74 4.56
C GLU C 231 24.91 32.71 3.61
N PHE C 232 26.07 33.12 4.10
CA PHE C 232 27.31 33.09 3.35
C PHE C 232 28.29 32.13 4.02
N ILE C 233 29.14 31.51 3.21
CA ILE C 233 30.18 30.62 3.69
C ILE C 233 31.47 31.04 3.00
N ILE C 234 32.25 31.89 3.66
CA ILE C 234 33.49 32.41 3.10
C ILE C 234 34.65 31.60 3.69
N GLY C 235 35.41 30.94 2.83
CA GLY C 235 36.54 30.15 3.27
C GLY C 235 37.87 30.83 3.02
N VAL C 236 38.49 31.32 4.08
CA VAL C 236 39.76 32.01 3.98
C VAL C 236 40.87 31.06 4.42
N ALA C 237 42.11 31.44 4.12
CA ALA C 237 43.25 30.61 4.47
C ALA C 237 43.46 30.60 5.98
N TYR C 238 44.19 29.59 6.46
CA TYR C 238 44.44 29.47 7.89
C TYR C 238 45.25 30.65 8.42
N ASP C 239 46.25 31.10 7.65
CA ASP C 239 47.08 32.21 8.09
C ASP C 239 46.29 33.50 8.27
N SER C 240 45.15 33.63 7.60
CA SER C 240 44.38 34.87 7.67
C SER C 240 43.99 35.18 9.11
N ASP C 241 44.16 36.44 9.49
CA ASP C 241 43.83 36.86 10.85
C ASP C 241 42.32 36.83 11.03
N ILE C 242 41.87 36.25 12.15
CA ILE C 242 40.45 36.12 12.39
C ILE C 242 39.82 37.49 12.67
N ASP C 243 40.48 38.32 13.48
CA ASP C 243 39.90 39.60 13.84
C ASP C 243 39.73 40.49 12.60
N GLN C 244 40.73 40.52 11.72
CA GLN C 244 40.62 41.34 10.52
C GLN C 244 39.48 40.87 9.64
N VAL C 245 39.34 39.56 9.46
CA VAL C 245 38.28 39.03 8.61
C VAL C 245 36.92 39.37 9.20
N LYS C 246 36.75 39.18 10.51
CA LYS C 246 35.46 39.49 11.12
C LYS C 246 35.15 40.98 11.03
N GLN C 247 36.16 41.85 11.23
CA GLN C 247 35.92 43.27 11.13
C GLN C 247 35.53 43.67 9.71
N ILE C 248 36.19 43.10 8.70
CA ILE C 248 35.85 43.41 7.31
C ILE C 248 34.44 42.96 7.01
N LEU C 249 34.08 41.74 7.43
CA LEU C 249 32.73 41.24 7.17
C LEU C 249 31.69 42.09 7.87
N THR C 250 31.94 42.50 9.10
CA THR C 250 30.99 43.35 9.82
C THR C 250 30.85 44.71 9.13
N ASN C 251 31.96 45.29 8.67
CA ASN C 251 31.88 46.56 7.95
C ASN C 251 31.06 46.42 6.69
N ILE C 252 31.26 45.31 5.95
CA ILE C 252 30.47 45.10 4.74
C ILE C 252 28.99 44.95 5.07
N ILE C 253 28.67 44.20 6.13
CA ILE C 253 27.28 43.97 6.50
C ILE C 253 26.61 45.28 6.90
N GLN C 254 27.28 46.08 7.73
CA GLN C 254 26.66 47.31 8.23
C GLN C 254 26.44 48.33 7.14
N SER C 255 27.39 48.46 6.20
CA SER C 255 27.28 49.47 5.16
C SER C 255 26.13 49.21 4.19
N GLU C 256 25.54 48.02 4.21
CA GLU C 256 24.42 47.70 3.33
C GLU C 256 23.12 48.14 3.99
N ASP C 257 22.36 48.99 3.31
CA ASP C 257 21.13 49.54 3.86
C ASP C 257 19.94 48.61 3.70
N ARG C 258 20.06 47.55 2.90
CA ARG C 258 18.97 46.60 2.70
C ARG C 258 19.01 45.44 3.68
N ILE C 259 19.95 45.44 4.61
CA ILE C 259 20.07 44.40 5.63
C ILE C 259 19.43 44.94 6.91
N LEU C 260 18.36 44.30 7.35
CA LEU C 260 17.64 44.75 8.53
C LEU C 260 18.55 44.75 9.74
N LYS C 261 18.75 45.93 10.35
CA LYS C 261 19.61 46.03 11.51
C LYS C 261 18.96 45.49 12.78
N ASP C 262 17.63 45.58 12.88
CA ASP C 262 16.95 45.10 14.07
C ASP C 262 17.03 43.59 14.20
N ARG C 263 17.32 42.87 13.11
CA ARG C 263 17.48 41.43 13.16
C ARG C 263 18.89 41.08 13.63
N GLU C 264 19.26 39.82 13.50
CA GLU C 264 20.56 39.33 13.96
C GLU C 264 21.54 39.27 12.80
N MET C 265 22.68 39.91 12.97
CA MET C 265 23.76 39.92 11.98
C MET C 265 24.91 39.10 12.55
N THR C 266 25.02 37.85 12.10
CA THR C 266 26.00 36.91 12.64
C THR C 266 27.23 36.86 11.74
N VAL C 267 28.39 37.14 12.32
CA VAL C 267 29.66 36.96 11.62
C VAL C 267 30.65 36.30 12.57
N ARG C 268 30.77 34.98 12.49
CA ARG C 268 31.64 34.25 13.41
C ARG C 268 32.24 33.04 12.71
N LEU C 269 33.42 32.63 13.17
CA LEU C 269 34.06 31.45 12.63
C LEU C 269 33.21 30.23 12.92
N ASN C 270 32.98 29.42 11.89
CA ASN C 270 32.01 28.32 11.98
C ASN C 270 32.65 26.94 11.94
N GLU C 271 33.69 26.74 11.14
CA GLU C 271 34.26 25.42 10.96
C GLU C 271 35.72 25.54 10.53
N LEU C 272 36.48 24.51 10.84
CA LEU C 272 37.89 24.41 10.43
C LEU C 272 37.97 23.36 9.33
N GLY C 273 37.91 23.82 8.09
CA GLY C 273 37.85 22.93 6.95
C GLY C 273 39.18 22.24 6.70
N ALA C 274 39.16 21.38 5.68
CA ALA C 274 40.35 20.61 5.33
C ALA C 274 41.48 21.53 4.90
N SER C 275 41.18 22.55 4.10
CA SER C 275 42.20 23.45 3.59
C SER C 275 41.89 24.92 3.84
N SER C 276 40.83 25.22 4.59
CA SER C 276 40.47 26.61 4.83
C SER C 276 39.42 26.74 5.94
N ILE C 277 39.62 27.67 6.86
CA ILE C 277 38.62 27.99 7.87
C ILE C 277 37.57 28.88 7.24
N ASN C 278 36.31 28.46 7.30
CA ASN C 278 35.23 29.18 6.64
C ASN C 278 34.32 29.83 7.67
N PHE C 279 34.06 31.11 7.48
CA PHE C 279 33.18 31.89 8.33
C PHE C 279 31.74 31.78 7.83
N VAL C 280 30.81 32.18 8.69
CA VAL C 280 29.38 32.17 8.37
C VAL C 280 28.83 33.56 8.60
N VAL C 281 28.13 34.10 7.61
CA VAL C 281 27.50 35.41 7.70
C VAL C 281 26.01 35.21 7.45
N ARG C 282 25.20 35.64 8.41
CA ARG C 282 23.74 35.53 8.31
C ARG C 282 23.14 36.90 8.51
N VAL C 283 22.37 37.36 7.54
CA VAL C 283 21.75 38.68 7.58
C VAL C 283 20.34 38.57 7.02
N TRP C 284 19.40 39.27 7.65
CA TRP C 284 18.00 39.24 7.26
C TRP C 284 17.68 40.43 6.36
N SER C 285 16.90 40.17 5.32
CA SER C 285 16.52 41.22 4.37
C SER C 285 15.09 40.96 3.90
N ASN C 286 14.47 42.01 3.36
CA ASN C 286 13.12 41.89 2.84
C ASN C 286 13.08 40.82 1.75
N SER C 287 11.98 40.06 1.72
CA SER C 287 11.87 38.96 0.77
C SER C 287 11.98 39.42 -0.67
N GLY C 288 11.71 40.70 -0.94
CA GLY C 288 11.83 41.23 -2.29
C GLY C 288 13.25 41.33 -2.76
N ASP C 289 14.06 42.16 -2.09
CA ASP C 289 15.45 42.37 -2.48
C ASP C 289 16.36 41.48 -1.63
N LEU C 290 16.26 40.18 -1.90
CA LEU C 290 17.09 39.18 -1.23
C LEU C 290 18.23 38.69 -2.12
N GLN C 291 17.91 38.25 -3.34
CA GLN C 291 18.96 37.81 -4.25
C GLN C 291 19.91 38.94 -4.60
N ASN C 292 19.37 40.15 -4.81
CA ASN C 292 20.22 41.29 -5.10
C ASN C 292 21.16 41.58 -3.95
N VAL C 293 20.65 41.51 -2.71
CA VAL C 293 21.50 41.71 -1.55
C VAL C 293 22.60 40.65 -1.50
N TYR C 294 22.23 39.38 -1.76
CA TYR C 294 23.23 38.32 -1.75
C TYR C 294 24.33 38.60 -2.76
N TRP C 295 23.95 38.92 -4.00
CA TRP C 295 24.95 39.15 -5.04
C TRP C 295 25.84 40.34 -4.71
N ASP C 296 25.24 41.45 -4.26
CA ASP C 296 26.03 42.63 -3.94
C ASP C 296 26.99 42.35 -2.78
N VAL C 297 26.51 41.68 -1.75
CA VAL C 297 27.37 41.38 -0.60
C VAL C 297 28.50 40.47 -1.01
N LEU C 298 28.22 39.46 -1.84
CA LEU C 298 29.27 38.55 -2.27
C LEU C 298 30.34 39.26 -3.09
N GLU C 299 29.91 40.11 -4.03
CA GLU C 299 30.87 40.85 -4.84
C GLU C 299 31.70 41.79 -3.97
N ARG C 300 31.06 42.49 -3.04
CA ARG C 300 31.79 43.39 -2.16
C ARG C 300 32.77 42.63 -1.28
N ILE C 301 32.36 41.46 -0.80
CA ILE C 301 33.25 40.63 0.01
C ILE C 301 34.49 40.26 -0.78
N LYS C 302 34.29 39.81 -2.03
CA LYS C 302 35.44 39.44 -2.85
C LYS C 302 36.36 40.63 -3.08
N ARG C 303 35.77 41.79 -3.40
CA ARG C 303 36.59 42.97 -3.68
C ARG C 303 37.41 43.37 -2.45
N GLU C 304 36.76 43.45 -1.29
CA GLU C 304 37.47 43.86 -0.08
C GLU C 304 38.55 42.85 0.31
N PHE C 305 38.23 41.55 0.24
CA PHE C 305 39.23 40.55 0.60
C PHE C 305 40.42 40.61 -0.35
N ASP C 306 40.17 40.80 -1.64
CA ASP C 306 41.27 40.95 -2.58
C ASP C 306 42.11 42.18 -2.26
N ALA C 307 41.46 43.30 -1.95
CA ALA C 307 42.20 44.51 -1.63
C ALA C 307 42.82 44.44 -0.24
N ALA C 308 42.07 43.92 0.75
CA ALA C 308 42.56 43.91 2.12
C ALA C 308 43.82 43.04 2.26
N GLY C 309 43.83 41.89 1.61
CA GLY C 309 44.98 41.00 1.69
C GLY C 309 44.58 39.56 1.95
N ILE C 310 43.36 39.35 2.44
CA ILE C 310 42.88 38.01 2.67
C ILE C 310 42.87 37.23 1.36
N SER C 311 43.18 35.94 1.43
CA SER C 311 43.30 35.10 0.25
C SER C 311 42.38 33.90 0.38
N PHE C 312 41.62 33.63 -0.68
CA PHE C 312 40.82 32.41 -0.76
C PHE C 312 41.72 31.27 -1.21
N PRO C 313 41.83 30.18 -0.46
CA PRO C 313 42.83 29.16 -0.77
C PRO C 313 42.31 28.06 -1.69
N TYR C 314 43.17 27.63 -2.60
CA TYR C 314 42.89 26.45 -3.41
C TYR C 314 43.07 25.19 -2.57
N PRO C 315 42.51 24.07 -3.02
CA PRO C 315 42.68 22.82 -2.26
C PRO C 315 44.13 22.50 -1.99
N GLN C 316 44.54 22.56 -0.73
CA GLN C 316 45.95 22.35 -0.39
C GLN C 316 46.25 20.90 -0.06
N MET C 317 47.34 20.38 -0.63
CA MET C 317 47.74 19.01 -0.32
C MET C 317 49.18 18.98 0.15
N ASP C 318 49.44 18.22 1.22
CA ASP C 318 50.80 18.10 1.72
C ASP C 318 51.44 16.84 1.18
N VAL C 319 52.40 17.00 0.27
CA VAL C 319 53.06 15.85 -0.33
C VAL C 319 54.46 15.65 0.23
N ASN C 320 54.78 14.42 0.62
CA ASN C 320 56.11 14.14 1.16
C ASN C 320 56.85 13.21 0.23
N PHE C 321 58.18 13.21 0.30
CA PHE C 321 58.97 12.41 -0.61
C PHE C 321 59.74 11.33 0.15
N LYS C 322 59.99 10.22 -0.51
CA LYS C 322 60.76 9.12 0.06
C LYS C 322 61.72 8.53 -0.95
N ARG C 323 61.83 9.15 -2.12
CA ARG C 323 62.78 8.70 -3.14
C ARG C 323 63.17 9.89 -3.99
N VAL C 324 64.46 10.01 -4.29
CA VAL C 324 64.97 11.11 -5.08
C VAL C 324 64.40 11.06 -6.48
N PHE D 1 -52.02 7.01 41.09
CA PHE D 1 -52.89 6.05 41.74
C PHE D 1 -52.09 4.86 42.27
N THR D 2 -52.64 4.17 43.26
CA THR D 2 -51.95 3.02 43.84
C THR D 2 -51.77 1.91 42.83
N ASN D 3 -52.60 1.87 41.79
CA ASN D 3 -52.49 0.82 40.77
C ASN D 3 -51.15 0.90 40.05
N ASN D 4 -50.63 2.11 39.81
CA ASN D 4 -49.36 2.28 39.11
C ASN D 4 -48.18 2.08 40.06
N ALA D 5 -48.16 0.90 40.69
CA ALA D 5 -47.10 0.59 41.64
C ALA D 5 -45.74 0.55 40.96
N LEU D 6 -45.68 -0.03 39.75
CA LEU D 6 -44.41 -0.10 39.03
C LEU D 6 -43.87 1.29 38.72
N ASN D 7 -44.74 2.18 38.25
CA ASN D 7 -44.30 3.54 37.95
C ASN D 7 -43.87 4.27 39.22
N LEU D 8 -44.61 4.10 40.30
CA LEU D 8 -44.23 4.74 41.56
C LEU D 8 -42.87 4.25 42.02
N VAL D 9 -42.65 2.93 41.93
CA VAL D 9 -41.38 2.36 42.35
C VAL D 9 -40.24 2.87 41.49
N ILE D 10 -40.45 2.94 40.17
CA ILE D 10 -39.38 3.40 39.29
C ILE D 10 -39.05 4.86 39.56
N ILE D 11 -40.07 5.70 39.74
CA ILE D 11 -39.81 7.12 40.02
C ILE D 11 -39.09 7.29 41.35
N PHE D 12 -39.52 6.55 42.37
CA PHE D 12 -38.87 6.63 43.67
C PHE D 12 -37.42 6.17 43.58
N GLY D 13 -37.17 5.09 42.83
CA GLY D 13 -35.81 4.61 42.66
C GLY D 13 -34.92 5.62 41.95
N SER D 14 -35.45 6.25 40.91
CA SER D 14 -34.68 7.27 40.20
C SER D 14 -34.36 8.44 41.13
N CYS D 15 -35.34 8.89 41.89
CA CYS D 15 -35.11 10.00 42.82
C CYS D 15 -34.07 9.62 43.87
N ALA D 16 -34.18 8.40 44.42
CA ALA D 16 -33.22 7.96 45.42
C ALA D 16 -31.82 7.84 44.84
N ALA D 17 -31.71 7.35 43.61
CA ALA D 17 -30.41 7.26 42.97
C ALA D 17 -29.80 8.64 42.77
N LEU D 18 -30.60 9.60 42.32
CA LEU D 18 -30.08 10.95 42.16
C LEU D 18 -29.62 11.53 43.50
N ILE D 19 -30.42 11.34 44.55
CA ILE D 19 -30.08 11.88 45.86
C ILE D 19 -28.80 11.23 46.39
N LEU D 20 -28.68 9.91 46.24
CA LEU D 20 -27.49 9.22 46.71
C LEU D 20 -26.25 9.64 45.93
N MET D 21 -26.38 9.82 44.61
CA MET D 21 -25.26 10.29 43.83
C MET D 21 -24.83 11.69 44.27
N SER D 22 -25.79 12.56 44.53
CA SER D 22 -25.47 13.90 45.03
C SER D 22 -24.74 13.82 46.36
N PHE D 23 -25.23 12.97 47.27
CA PHE D 23 -24.60 12.83 48.58
C PHE D 23 -23.17 12.30 48.45
N TRP D 24 -22.97 11.30 47.60
CA TRP D 24 -21.63 10.75 47.40
C TRP D 24 -20.69 11.81 46.83
N PHE D 25 -21.19 12.60 45.86
CA PHE D 25 -20.34 13.62 45.26
C PHE D 25 -19.99 14.71 46.27
N ARG D 26 -20.93 15.08 47.14
CA ARG D 26 -20.65 16.09 48.16
C ARG D 26 -19.54 15.62 49.08
N ARG D 27 -19.62 14.38 49.55
CA ARG D 27 -18.57 13.84 50.42
C ARG D 27 -17.25 13.73 49.67
N GLY D 28 -17.31 13.25 48.43
CA GLY D 28 -16.12 13.12 47.61
C GLY D 28 -16.38 13.34 46.14
N ASN D 29 -15.46 14.02 45.46
CA ASN D 29 -15.63 14.29 44.04
C ASN D 29 -15.72 12.99 43.25
N ARG D 30 -16.65 12.95 42.30
CA ARG D 30 -16.81 11.78 41.46
C ARG D 30 -15.61 11.60 40.53
N LYS D 31 -15.29 10.34 40.24
CA LYS D 31 -14.15 10.01 39.40
C LYS D 31 -14.56 10.10 37.92
N ARG D 32 -13.65 9.69 37.04
CA ARG D 32 -13.89 9.69 35.58
C ARG D 32 -14.21 11.13 35.18
N LYS D 33 -15.30 11.38 34.46
CA LYS D 33 -15.72 12.73 34.09
C LYS D 33 -16.56 13.33 35.21
N GLY D 34 -16.59 14.66 35.27
CA GLY D 34 -17.52 15.34 36.15
C GLY D 34 -18.93 15.23 35.62
N PHE D 35 -19.05 14.80 34.36
CA PHE D 35 -20.34 14.63 33.71
C PHE D 35 -21.18 13.51 34.33
N LEU D 36 -20.67 12.85 35.38
CA LEU D 36 -21.41 11.75 35.99
C LEU D 36 -22.77 12.21 36.51
N PHE D 37 -22.80 13.36 37.19
CA PHE D 37 -24.07 13.85 37.70
C PHE D 37 -25.00 14.33 36.59
N HIS D 38 -24.47 14.71 35.44
CA HIS D 38 -25.30 15.04 34.30
C HIS D 38 -25.90 13.79 33.66
N ALA D 39 -25.11 12.73 33.53
CA ALA D 39 -25.63 11.47 33.01
C ALA D 39 -26.67 10.88 33.95
N VAL D 40 -26.44 10.98 35.25
CA VAL D 40 -27.43 10.50 36.22
C VAL D 40 -28.73 11.27 36.07
N GLN D 41 -28.64 12.59 35.92
CA GLN D 41 -29.83 13.40 35.71
C GLN D 41 -30.53 13.01 34.42
N PHE D 42 -29.76 12.77 33.36
CA PHE D 42 -30.35 12.35 32.08
C PHE D 42 -31.13 11.05 32.25
N LEU D 43 -30.52 10.06 32.92
CA LEU D 43 -31.18 8.78 33.09
C LEU D 43 -32.43 8.91 33.96
N ILE D 44 -32.36 9.72 35.02
CA ILE D 44 -33.53 9.91 35.87
C ILE D 44 -34.65 10.59 35.10
N TYR D 45 -34.30 11.56 34.25
CA TYR D 45 -35.31 12.23 33.43
C TYR D 45 -35.94 11.26 32.44
N THR D 46 -35.13 10.37 31.85
CA THR D 46 -35.68 9.36 30.96
C THR D 46 -36.66 8.44 31.71
N ILE D 47 -36.28 8.04 32.92
CA ILE D 47 -37.17 7.19 33.72
C ILE D 47 -38.46 7.94 34.03
N ILE D 48 -38.36 9.21 34.40
CA ILE D 48 -39.55 10.00 34.71
C ILE D 48 -40.44 10.14 33.50
N ILE D 49 -39.85 10.36 32.31
CA ILE D 49 -40.67 10.49 31.12
C ILE D 49 -41.34 9.17 30.76
N SER D 50 -40.65 8.04 30.95
CA SER D 50 -41.28 6.75 30.72
C SER D 50 -42.44 6.54 31.69
N ALA D 51 -42.25 6.90 32.96
CA ALA D 51 -43.33 6.77 33.93
C ALA D 51 -44.51 7.67 33.57
N VAL D 52 -44.23 8.87 33.09
CA VAL D 52 -45.29 9.79 32.69
C VAL D 52 -46.06 9.22 31.50
N GLY D 53 -45.34 8.65 30.54
CA GLY D 53 -46.02 8.00 29.42
C GLY D 53 -46.91 6.85 29.88
N SER D 54 -46.41 6.04 30.81
CA SER D 54 -47.21 4.94 31.34
C SER D 54 -48.46 5.45 32.05
N ILE D 55 -48.31 6.52 32.85
CA ILE D 55 -49.45 7.08 33.55
C ILE D 55 -50.45 7.67 32.56
N ILE D 56 -49.97 8.29 31.49
CA ILE D 56 -50.87 8.82 30.47
C ILE D 56 -51.64 7.69 29.80
N ASN D 57 -50.96 6.57 29.50
CA ASN D 57 -51.66 5.43 28.93
C ASN D 57 -52.71 4.89 29.90
N TYR D 58 -52.37 4.81 31.19
CA TYR D 58 -53.33 4.35 32.18
C TYR D 58 -54.54 5.28 32.24
N VAL D 59 -54.31 6.60 32.20
CA VAL D 59 -55.40 7.56 32.25
C VAL D 59 -56.28 7.41 31.02
N ILE D 60 -55.68 7.29 29.84
CA ILE D 60 -56.46 7.17 28.61
C ILE D 60 -57.28 5.89 28.63
N GLU D 61 -56.73 4.80 29.15
CA GLU D 61 -57.48 3.56 29.28
C GLU D 61 -58.39 3.54 30.48
N ASN D 62 -58.25 4.49 31.41
CA ASN D 62 -59.09 4.57 32.60
C ASN D 62 -59.89 5.85 32.66
N TYR D 63 -59.25 7.01 32.51
CA TYR D 63 -59.91 8.30 32.64
C TYR D 63 -60.20 8.87 31.25
N LYS D 64 -60.90 10.00 31.24
CA LYS D 64 -61.24 10.67 30.00
C LYS D 64 -60.00 11.21 29.32
N LEU D 65 -59.95 11.08 27.99
CA LEU D 65 -58.82 11.57 27.21
C LEU D 65 -58.89 13.07 26.94
N LYS D 66 -60.05 13.70 27.16
CA LYS D 66 -60.22 15.13 26.91
C LYS D 66 -59.90 15.46 25.45
N PHE D 67 -60.29 14.57 24.54
CA PHE D 67 -60.04 14.75 23.11
C PHE D 67 -58.56 14.96 22.82
N ILE D 68 -57.71 14.25 23.56
CA ILE D 68 -56.26 14.31 23.40
C ILE D 68 -55.79 12.96 22.87
N THR D 69 -55.27 12.94 21.66
CA THR D 69 -54.78 11.70 21.07
C THR D 69 -53.55 11.24 21.83
N PRO D 70 -53.49 9.96 22.24
CA PRO D 70 -52.29 9.47 22.92
C PRO D 70 -51.07 9.61 22.04
N GLY D 71 -50.00 10.15 22.62
CA GLY D 71 -48.77 10.34 21.88
C GLY D 71 -48.15 11.71 22.11
N VAL D 72 -48.98 12.68 22.52
CA VAL D 72 -48.46 14.02 22.79
C VAL D 72 -47.47 13.98 23.94
N ILE D 73 -47.79 13.24 25.00
CA ILE D 73 -46.89 13.14 26.15
C ILE D 73 -45.58 12.48 25.73
N ASP D 74 -45.66 11.43 24.91
CA ASP D 74 -44.45 10.76 24.45
C ASP D 74 -43.59 11.70 23.61
N PHE D 75 -44.23 12.46 22.72
CA PHE D 75 -43.48 13.42 21.91
C PHE D 75 -42.81 14.46 22.79
N ILE D 76 -43.52 14.96 23.79
CA ILE D 76 -42.96 15.98 24.67
C ILE D 76 -41.76 15.42 25.43
N CYS D 77 -41.91 14.20 25.96
CA CYS D 77 -40.81 13.62 26.73
C CYS D 77 -39.60 13.34 25.85
N THR D 78 -39.83 12.84 24.63
CA THR D 78 -38.71 12.62 23.72
C THR D 78 -38.01 13.92 23.37
N SER D 79 -38.78 14.97 23.11
CA SER D 79 -38.18 16.27 22.80
C SER D 79 -37.38 16.80 23.98
N LEU D 80 -37.91 16.67 25.19
CA LEU D 80 -37.20 17.14 26.37
C LEU D 80 -35.91 16.36 26.58
N ILE D 81 -35.95 15.04 26.38
CA ILE D 81 -34.75 14.23 26.52
C ILE D 81 -33.71 14.64 25.47
N ALA D 82 -34.16 14.86 24.24
CA ALA D 82 -33.23 15.29 23.19
C ALA D 82 -32.62 16.65 23.54
N VAL D 83 -33.43 17.56 24.07
CA VAL D 83 -32.92 18.88 24.45
C VAL D 83 -31.86 18.75 25.53
N ILE D 84 -32.12 17.91 26.53
CA ILE D 84 -31.14 17.73 27.60
C ILE D 84 -29.85 17.12 27.05
N LEU D 85 -29.98 16.12 26.18
CA LEU D 85 -28.79 15.50 25.58
C LEU D 85 -27.99 16.52 24.79
N THR D 86 -28.67 17.37 24.02
CA THR D 86 -27.99 18.38 23.24
C THR D 86 -27.30 19.40 24.14
N ILE D 87 -27.95 19.80 25.23
CA ILE D 87 -27.34 20.74 26.15
C ILE D 87 -26.08 20.15 26.76
N LYS D 88 -26.14 18.88 27.17
CA LYS D 88 -24.96 18.24 27.74
C LYS D 88 -23.85 18.13 26.71
N LEU D 89 -24.18 17.78 25.47
CA LEU D 89 -23.17 17.69 24.42
C LEU D 89 -22.53 19.04 24.17
N PHE D 90 -23.33 20.12 24.16
CA PHE D 90 -22.79 21.45 23.95
C PHE D 90 -21.90 21.87 25.10
N LEU D 91 -22.26 21.51 26.34
CA LEU D 91 -21.39 21.81 27.48
C LEU D 91 -20.06 21.07 27.35
N LEU D 92 -20.11 19.81 26.92
CA LEU D 92 -18.88 19.05 26.69
C LEU D 92 -18.04 19.71 25.60
N ILE D 93 -18.69 20.18 24.52
CA ILE D 93 -17.97 20.86 23.45
C ILE D 93 -17.30 22.12 23.97
N ASN D 94 -18.01 22.88 24.82
CA ASN D 94 -17.43 24.09 25.38
C ASN D 94 -16.24 23.77 26.27
N GLN D 95 -16.33 22.73 27.08
CA GLN D 95 -15.20 22.33 27.91
C GLN D 95 -14.01 21.94 27.04
N PHE D 96 -14.25 21.15 26.00
CA PHE D 96 -13.17 20.74 25.10
C PHE D 96 -12.54 21.95 24.41
N GLU D 97 -13.37 22.88 23.95
CA GLU D 97 -12.84 24.07 23.27
C GLU D 97 -12.02 24.91 24.21
N LYS D 98 -12.47 25.08 25.47
CA LYS D 98 -11.67 25.82 26.43
C LYS D 98 -10.34 25.13 26.69
N GLN D 99 -10.35 23.80 26.84
CA GLN D 99 -9.12 23.07 27.07
C GLN D 99 -8.15 23.23 25.91
N GLN D 100 -8.65 23.09 24.68
CA GLN D 100 -7.79 23.28 23.50
C GLN D 100 -7.27 24.70 23.43
N ALA D 101 -8.13 25.69 23.71
CA ALA D 101 -7.72 27.08 23.62
C ALA D 101 -6.60 27.38 24.61
N ALA D 102 -6.89 27.26 25.90
CA ALA D 102 -5.88 27.57 26.90
C ALA D 102 -5.08 26.35 27.31
N LYS D 103 -4.65 25.56 26.32
CA LYS D 103 -3.59 24.57 26.54
C LYS D 103 -2.41 24.81 25.61
N GLY D 104 -2.61 24.73 24.30
CA GLY D 104 -1.58 25.04 23.33
C GLY D 104 -2.08 25.71 22.07
N ARG D 105 -3.40 25.84 21.94
CA ARG D 105 -4.02 26.23 20.69
C ARG D 105 -4.44 27.70 20.70
N ASP D 106 -4.75 28.21 19.52
CA ASP D 106 -5.22 29.58 19.34
C ASP D 106 -6.74 29.60 19.43
N ILE D 107 -7.34 30.74 19.08
CA ILE D 107 -8.78 30.92 19.23
C ILE D 107 -9.52 30.50 17.96
N THR D 108 -8.98 30.80 16.79
CA THR D 108 -9.68 30.49 15.54
C THR D 108 -9.90 29.00 15.39
N SER D 109 -8.86 28.20 15.63
CA SER D 109 -8.99 26.75 15.51
C SER D 109 -9.99 26.20 16.51
N ALA D 110 -9.94 26.70 17.75
CA ALA D 110 -10.88 26.23 18.77
C ALA D 110 -12.32 26.55 18.38
N ARG D 111 -12.56 27.77 17.90
CA ARG D 111 -13.91 28.14 17.48
C ARG D 111 -14.38 27.29 16.31
N ILE D 112 -13.49 27.04 15.35
CA ILE D 112 -13.87 26.23 14.19
C ILE D 112 -14.22 24.83 14.63
N MET D 113 -13.41 24.25 15.51
CA MET D 113 -13.70 22.90 16.01
C MET D 113 -15.03 22.87 16.76
N SER D 114 -15.26 23.88 17.60
CA SER D 114 -16.50 23.92 18.37
C SER D 114 -17.71 23.99 17.45
N ARG D 115 -17.66 24.85 16.43
CA ARG D 115 -18.82 25.01 15.58
C ARG D 115 -19.01 23.81 14.66
N ILE D 116 -17.90 23.15 14.29
CA ILE D 116 -18.02 21.89 13.55
C ILE D 116 -18.73 20.84 14.39
N ILE D 117 -18.35 20.72 15.67
CA ILE D 117 -18.99 19.76 16.55
C ILE D 117 -20.45 20.09 16.74
N LYS D 118 -20.77 21.38 16.87
CA LYS D 118 -22.16 21.79 16.99
C LYS D 118 -22.96 21.42 15.75
N ILE D 119 -22.39 21.64 14.56
CA ILE D 119 -23.07 21.27 13.33
C ILE D 119 -23.28 19.77 13.26
N THR D 120 -22.29 18.99 13.68
CA THR D 120 -22.43 17.54 13.69
C THR D 120 -23.57 17.12 14.62
N ILE D 121 -23.65 17.72 15.80
CA ILE D 121 -24.72 17.39 16.73
C ILE D 121 -26.07 17.77 16.15
N ILE D 122 -26.15 18.92 15.48
CA ILE D 122 -27.41 19.32 14.85
C ILE D 122 -27.80 18.32 13.77
N VAL D 123 -26.83 17.85 12.99
CA VAL D 123 -27.12 16.87 11.93
C VAL D 123 -27.62 15.57 12.55
N VAL D 124 -26.99 15.12 13.64
CA VAL D 124 -27.46 13.89 14.28
C VAL D 124 -28.86 14.06 14.84
N LEU D 125 -29.15 15.25 15.39
CA LEU D 125 -30.51 15.54 15.85
C LEU D 125 -31.51 15.43 14.70
N VAL D 126 -31.20 16.05 13.57
CA VAL D 126 -32.10 16.03 12.42
C VAL D 126 -32.31 14.60 11.96
N LEU D 127 -31.24 13.81 11.90
CA LEU D 127 -31.37 12.43 11.47
C LEU D 127 -32.24 11.63 12.43
N LEU D 128 -32.07 11.83 13.73
CA LEU D 128 -32.87 11.10 14.71
C LEU D 128 -34.29 11.64 14.80
N TYR D 129 -34.49 12.93 14.49
CA TYR D 129 -35.82 13.52 14.53
C TYR D 129 -36.73 12.99 13.42
N GLY D 130 -36.19 12.26 12.45
CA GLY D 130 -36.98 11.77 11.34
C GLY D 130 -38.02 10.73 11.70
N GLU D 131 -37.95 10.18 12.92
CA GLU D 131 -38.90 9.17 13.34
C GLU D 131 -40.31 9.72 13.55
N HIS D 132 -40.50 11.03 13.38
CA HIS D 132 -41.80 11.67 13.56
C HIS D 132 -42.56 11.84 12.26
N PHE D 133 -41.94 12.46 11.26
CA PHE D 133 -42.57 12.67 9.96
C PHE D 133 -41.62 12.23 8.86
N GLY D 134 -42.19 11.59 7.84
CA GLY D 134 -41.40 11.12 6.71
C GLY D 134 -41.33 12.13 5.57
N VAL D 135 -42.10 13.21 5.69
CA VAL D 135 -42.13 14.25 4.68
C VAL D 135 -41.36 15.49 5.11
N GLN D 136 -40.70 15.44 6.27
CA GLN D 136 -39.92 16.56 6.79
C GLN D 136 -38.42 16.34 6.72
N THR D 137 -37.94 15.15 7.06
CA THR D 137 -36.52 14.83 7.02
C THR D 137 -36.18 13.66 6.12
N ALA D 138 -37.10 12.71 5.92
CA ALA D 138 -36.82 11.59 5.04
C ALA D 138 -36.56 12.06 3.61
N SER D 139 -37.33 13.05 3.15
CA SER D 139 -37.11 13.59 1.82
C SER D 139 -35.77 14.30 1.69
N VAL D 140 -35.11 14.62 2.81
CA VAL D 140 -33.82 15.28 2.78
C VAL D 140 -32.73 14.41 3.38
N ILE D 141 -33.08 13.54 4.32
CA ILE D 141 -32.08 12.68 4.96
C ILE D 141 -31.51 11.68 3.96
N ALA D 142 -32.37 11.14 3.07
CA ALA D 142 -31.90 10.17 2.11
C ALA D 142 -30.77 10.73 1.24
N VAL D 143 -30.74 12.05 1.05
CA VAL D 143 -29.69 12.68 0.28
C VAL D 143 -28.55 13.14 1.18
N LEU D 144 -28.86 13.66 2.36
CA LEU D 144 -27.82 14.14 3.26
C LEU D 144 -26.89 13.01 3.69
N GLY D 145 -27.47 11.85 4.03
CA GLY D 145 -26.63 10.72 4.44
C GLY D 145 -25.70 10.26 3.34
N ALA D 146 -26.23 10.13 2.12
CA ALA D 146 -25.38 9.72 1.00
C ALA D 146 -24.29 10.74 0.71
N ALA D 147 -24.64 12.03 0.75
CA ALA D 147 -23.63 13.06 0.51
C ALA D 147 -22.55 13.02 1.59
N GLY D 148 -22.95 12.86 2.85
CA GLY D 148 -21.97 12.78 3.93
C GLY D 148 -21.06 11.57 3.79
N LEU D 149 -21.64 10.42 3.42
CA LEU D 149 -20.82 9.23 3.21
C LEU D 149 -19.84 9.42 2.07
N ALA D 150 -20.29 10.00 0.96
CA ALA D 150 -19.39 10.25 -0.17
C ALA D 150 -18.28 11.20 0.22
N VAL D 151 -18.62 12.27 0.95
CA VAL D 151 -17.59 13.21 1.39
C VAL D 151 -16.60 12.54 2.33
N GLY D 152 -17.07 11.75 3.30
CA GLY D 152 -16.15 11.06 4.18
C GLY D 152 -15.23 10.12 3.43
N LEU D 153 -15.77 9.41 2.43
CA LEU D 153 -14.92 8.57 1.60
C LEU D 153 -13.88 9.39 0.86
N ALA D 154 -14.27 10.55 0.30
CA ALA D 154 -13.31 11.41 -0.38
C ALA D 154 -12.47 12.19 0.62
N LEU D 155 -13.06 12.55 1.76
CA LEU D 155 -12.41 13.41 2.75
C LEU D 155 -11.73 12.64 3.86
N GLN D 156 -11.52 11.33 3.69
CA GLN D 156 -10.94 10.51 4.75
C GLN D 156 -9.67 11.14 5.30
N GLY D 157 -8.82 11.66 4.41
CA GLY D 157 -7.62 12.35 4.85
C GLY D 157 -7.93 13.54 5.73
N SER D 158 -9.03 14.23 5.46
CA SER D 158 -9.41 15.38 6.27
C SER D 158 -9.70 14.96 7.71
N LEU D 159 -10.48 13.90 7.89
CA LEU D 159 -10.75 13.41 9.24
C LEU D 159 -9.49 12.89 9.90
N SER D 160 -8.62 12.22 9.15
CA SER D 160 -7.36 11.76 9.73
C SER D 160 -6.54 12.94 10.24
N ASN D 161 -6.43 14.00 9.44
CA ASN D 161 -5.68 15.17 9.86
C ASN D 161 -6.33 15.84 11.08
N LEU D 162 -7.65 15.90 11.10
CA LEU D 162 -8.33 16.51 12.25
C LEU D 162 -8.06 15.73 13.52
N ALA D 163 -8.14 14.39 13.44
CA ALA D 163 -7.85 13.57 14.61
C ALA D 163 -6.40 13.73 15.06
N ALA D 164 -5.47 13.75 14.10
CA ALA D 164 -4.07 13.93 14.46
C ALA D 164 -3.85 15.28 15.13
N GLY D 165 -4.49 16.33 14.64
CA GLY D 165 -4.37 17.62 15.28
C GLY D 165 -4.94 17.64 16.67
N VAL D 166 -6.10 16.99 16.88
CA VAL D 166 -6.68 16.91 18.20
C VAL D 166 -5.72 16.20 19.16
N LEU D 167 -5.11 15.10 18.69
CA LEU D 167 -4.15 14.40 19.53
C LEU D 167 -2.95 15.28 19.84
N LEU D 168 -2.45 16.02 18.85
CA LEU D 168 -1.29 16.88 19.07
C LEU D 168 -1.60 17.99 20.08
N VAL D 169 -2.84 18.49 20.08
CA VAL D 169 -3.22 19.46 21.09
C VAL D 169 -3.35 18.80 22.45
N MET D 170 -3.88 17.58 22.51
CA MET D 170 -4.04 16.90 23.78
C MET D 170 -2.69 16.46 24.33
N PHE D 171 -1.98 15.58 23.61
CA PHE D 171 -0.60 15.25 23.92
C PHE D 171 0.30 16.27 23.25
N ARG D 172 1.17 16.90 24.02
CA ARG D 172 1.97 17.97 23.47
C ARG D 172 3.41 17.54 23.25
N PRO D 173 3.71 16.84 22.16
CA PRO D 173 5.13 16.58 21.84
C PRO D 173 5.92 17.85 21.63
N PHE D 174 5.29 18.90 21.10
CA PHE D 174 5.94 20.18 20.86
C PHE D 174 4.94 21.30 21.09
N ARG D 175 5.41 22.39 21.67
CA ARG D 175 4.59 23.58 21.89
C ARG D 175 5.01 24.68 20.91
N ALA D 176 4.16 25.69 20.81
CA ALA D 176 4.47 26.83 19.96
C ALA D 176 5.79 27.47 20.40
N GLY D 177 6.62 27.81 19.42
CA GLY D 177 7.91 28.41 19.73
C GLY D 177 9.00 27.42 20.09
N GLU D 178 8.80 26.12 19.81
CA GLU D 178 9.77 25.09 20.12
C GLU D 178 10.36 24.56 18.83
N TYR D 179 11.68 24.60 18.72
CA TYR D 179 12.36 24.13 17.52
C TYR D 179 12.27 22.61 17.44
N VAL D 180 11.62 22.11 16.39
CA VAL D 180 11.39 20.68 16.24
C VAL D 180 11.75 20.26 14.81
N ASP D 181 11.97 18.96 14.65
CA ASP D 181 12.26 18.35 13.35
C ASP D 181 11.22 17.26 13.11
N LEU D 182 10.38 17.46 12.10
CA LEU D 182 9.27 16.56 11.79
C LEU D 182 9.52 15.93 10.44
N GLY D 183 10.15 14.75 10.44
CA GLY D 183 10.38 14.01 9.21
C GLY D 183 11.30 14.73 8.23
N GLY D 184 12.41 15.27 8.73
CA GLY D 184 13.36 15.94 7.87
C GLY D 184 13.05 17.39 7.54
N VAL D 185 12.11 18.00 8.26
CA VAL D 185 11.74 19.39 8.03
C VAL D 185 11.81 20.09 9.39
N ALA D 186 12.94 20.74 9.67
CA ALA D 186 13.15 21.38 10.96
C ALA D 186 12.84 22.87 10.90
N GLY D 187 12.30 23.38 12.00
CA GLY D 187 11.98 24.78 12.11
C GLY D 187 11.13 25.06 13.32
N THR D 188 11.10 26.33 13.71
CA THR D 188 10.31 26.74 14.86
C THR D 188 8.83 26.55 14.58
N VAL D 189 8.11 26.00 15.55
CA VAL D 189 6.68 25.73 15.41
C VAL D 189 5.90 26.99 15.76
N LEU D 190 4.98 27.38 14.88
CA LEU D 190 4.18 28.58 15.08
C LEU D 190 2.86 28.26 15.77
N SER D 191 2.11 27.30 15.23
CA SER D 191 0.80 26.97 15.80
C SER D 191 0.24 25.71 15.16
N VAL D 192 -0.47 24.90 15.94
CA VAL D 192 -1.11 23.69 15.44
C VAL D 192 -2.56 24.04 15.11
N GLN D 193 -2.92 23.93 13.84
CA GLN D 193 -4.25 24.25 13.37
C GLN D 193 -5.08 22.98 13.22
N ILE D 194 -6.27 23.11 12.62
CA ILE D 194 -7.18 21.98 12.51
C ILE D 194 -6.57 20.89 11.64
N PHE D 195 -6.00 21.26 10.49
CA PHE D 195 -5.53 20.27 9.52
C PHE D 195 -4.02 20.28 9.31
N SER D 196 -3.32 21.32 9.73
CA SER D 196 -1.89 21.41 9.49
C SER D 196 -1.27 22.36 10.50
N THR D 197 0.04 22.21 10.70
CA THR D 197 0.82 23.07 11.57
C THR D 197 1.89 23.77 10.76
N THR D 198 1.98 25.08 10.89
CA THR D 198 2.94 25.87 10.13
C THR D 198 4.12 26.22 11.03
N MET D 199 5.33 25.88 10.58
CA MET D 199 6.56 26.21 11.29
C MET D 199 7.46 27.05 10.40
N ARG D 200 8.06 28.07 10.97
CA ARG D 200 8.98 28.93 10.24
C ARG D 200 10.40 28.41 10.42
N THR D 201 11.02 27.98 9.32
CA THR D 201 12.36 27.44 9.38
C THR D 201 13.36 28.51 9.80
N ALA D 202 14.62 28.12 9.91
CA ALA D 202 15.66 29.06 10.30
C ALA D 202 15.80 30.16 9.25
N ASP D 203 15.73 29.81 7.97
CA ASP D 203 15.88 30.81 6.92
C ASP D 203 14.78 31.85 6.97
N GLY D 204 13.54 31.41 7.19
CA GLY D 204 12.42 32.34 7.25
C GLY D 204 11.27 31.94 6.35
N LYS D 205 11.32 30.73 5.80
CA LYS D 205 10.26 30.24 4.93
C LYS D 205 9.26 29.42 5.72
N ILE D 206 7.98 29.70 5.52
CA ILE D 206 6.91 29.02 6.23
C ILE D 206 6.69 27.64 5.63
N ILE D 207 6.44 26.66 6.48
CA ILE D 207 6.21 25.28 6.07
C ILE D 207 4.91 24.80 6.69
N VAL D 208 4.06 24.19 5.88
CA VAL D 208 2.77 23.64 6.33
C VAL D 208 2.82 22.14 6.18
N ILE D 209 2.55 21.42 7.26
CA ILE D 209 2.61 19.97 7.29
C ILE D 209 1.28 19.44 7.79
N PRO D 210 0.62 18.54 7.07
CA PRO D 210 -0.62 17.94 7.58
C PRO D 210 -0.35 17.19 8.88
N ASN D 211 -1.31 17.27 9.80
CA ASN D 211 -1.12 16.64 11.11
C ASN D 211 -1.02 15.13 11.01
N GLY D 212 -1.61 14.53 9.98
CA GLY D 212 -1.57 13.08 9.87
C GLY D 212 -0.16 12.55 9.77
N LYS D 213 0.66 13.13 8.89
CA LYS D 213 2.04 12.67 8.75
C LYS D 213 2.88 13.09 9.95
N ILE D 214 2.53 14.20 10.61
CA ILE D 214 3.24 14.59 11.82
C ILE D 214 3.06 13.53 12.90
N ILE D 215 1.82 13.05 13.07
CA ILE D 215 1.57 12.02 14.07
C ILE D 215 2.17 10.68 13.65
N ALA D 216 2.07 10.34 12.37
CA ALA D 216 2.54 9.05 11.91
C ALA D 216 4.06 8.92 11.94
N GLY D 217 4.78 10.04 12.02
CA GLY D 217 6.23 10.03 11.98
C GLY D 217 6.86 10.32 13.35
N ASN D 218 8.19 10.43 13.32
CA ASN D 218 8.95 10.74 14.52
C ASN D 218 9.05 12.24 14.71
N ILE D 219 9.01 12.67 15.96
CA ILE D 219 9.12 14.08 16.32
C ILE D 219 10.37 14.25 17.17
N ILE D 220 11.33 15.02 16.67
CA ILE D 220 12.54 15.34 17.40
C ILE D 220 12.39 16.75 17.95
N ASN D 221 12.47 16.89 19.26
CA ASN D 221 12.28 18.16 19.95
C ASN D 221 13.65 18.67 20.40
N PHE D 222 14.15 19.72 19.74
CA PHE D 222 15.47 20.25 20.07
C PHE D 222 15.45 21.07 21.36
N SER D 223 14.37 21.81 21.60
CA SER D 223 14.31 22.76 22.71
C SER D 223 13.48 22.25 23.88
N ARG D 224 13.42 20.93 24.08
CA ARG D 224 12.69 20.38 25.20
C ARG D 224 13.57 20.22 26.44
N GLU D 225 14.68 19.51 26.32
CA GLU D 225 15.60 19.34 27.45
C GLU D 225 16.36 20.64 27.68
N PRO D 226 16.48 21.10 28.93
CA PRO D 226 17.19 22.37 29.19
C PRO D 226 18.66 22.34 28.85
N VAL D 227 19.29 21.16 28.79
CA VAL D 227 20.72 21.06 28.56
C VAL D 227 20.98 20.18 27.35
N ARG D 228 21.87 20.63 26.47
CA ARG D 228 22.27 19.89 25.28
C ARG D 228 23.79 19.84 25.21
N ARG D 229 24.30 18.95 24.36
CA ARG D 229 25.72 18.65 24.32
C ARG D 229 26.34 19.11 23.00
N ASN D 230 27.54 19.67 23.08
CA ASN D 230 28.33 20.07 21.93
C ASN D 230 29.42 19.03 21.68
N GLU D 231 29.71 18.77 20.40
CA GLU D 231 30.76 17.85 20.01
C GLU D 231 31.73 18.56 19.07
N PHE D 232 33.02 18.44 19.37
CA PHE D 232 34.08 18.99 18.53
C PHE D 232 34.93 17.85 17.98
N ILE D 233 35.46 18.06 16.78
CA ILE D 233 36.37 17.11 16.14
C ILE D 233 37.57 17.91 15.66
N ILE D 234 38.62 17.96 16.47
CA ILE D 234 39.83 18.71 16.17
C ILE D 234 40.87 17.73 15.63
N GLY D 235 41.30 17.96 14.38
CA GLY D 235 42.29 17.10 13.77
C GLY D 235 43.68 17.73 13.76
N VAL D 236 44.57 17.24 14.60
CA VAL D 236 45.92 17.76 14.69
C VAL D 236 46.86 16.81 13.96
N ALA D 237 48.09 17.27 13.71
CA ALA D 237 49.06 16.45 13.01
C ALA D 237 49.53 15.30 13.88
N TYR D 238 50.09 14.29 13.24
CA TYR D 238 50.56 13.11 13.97
C TYR D 238 51.68 13.48 14.94
N ASP D 239 52.60 14.35 14.52
CA ASP D 239 53.72 14.72 15.38
C ASP D 239 53.27 15.43 16.65
N SER D 240 52.08 16.03 16.64
CA SER D 240 51.62 16.78 17.80
C SER D 240 51.56 15.89 19.04
N ASP D 241 52.07 16.40 20.15
CA ASP D 241 52.07 15.65 21.40
C ASP D 241 50.64 15.49 21.90
N ILE D 242 50.29 14.27 22.30
CA ILE D 242 48.93 14.00 22.75
C ILE D 242 48.66 14.69 24.09
N ASP D 243 49.62 14.60 25.02
CA ASP D 243 49.40 15.16 26.35
C ASP D 243 49.21 16.66 26.28
N GLN D 244 50.02 17.35 25.47
CA GLN D 244 49.89 18.80 25.35
C GLN D 244 48.52 19.18 24.78
N VAL D 245 48.09 18.46 23.74
CA VAL D 245 46.80 18.77 23.12
C VAL D 245 45.67 18.56 24.10
N LYS D 246 45.70 17.44 24.84
CA LYS D 246 44.64 17.17 25.80
C LYS D 246 44.64 18.21 26.92
N GLN D 247 45.82 18.61 27.39
CA GLN D 247 45.89 19.61 28.44
C GLN D 247 45.33 20.95 27.96
N ILE D 248 45.68 21.34 26.73
CA ILE D 248 45.18 22.60 26.19
C ILE D 248 43.67 22.56 26.05
N LEU D 249 43.14 21.44 25.54
CA LEU D 249 41.69 21.33 25.37
C LEU D 249 40.98 21.36 26.72
N THR D 250 41.54 20.68 27.73
CA THR D 250 40.94 20.69 29.05
C THR D 250 40.97 22.09 29.65
N ASN D 251 42.07 22.81 29.48
CA ASN D 251 42.14 24.17 30.00
C ASN D 251 41.10 25.05 29.32
N ILE D 252 40.93 24.90 28.01
CA ILE D 252 39.91 25.68 27.31
C ILE D 252 38.52 25.34 27.82
N ILE D 253 38.25 24.05 28.02
CA ILE D 253 36.92 23.62 28.47
C ILE D 253 36.62 24.17 29.85
N GLN D 254 37.58 24.06 30.77
CA GLN D 254 37.33 24.46 32.15
C GLN D 254 37.16 25.97 32.29
N SER D 255 37.92 26.76 31.53
CA SER D 255 37.85 28.21 31.65
C SER D 255 36.52 28.79 31.19
N GLU D 256 35.70 28.01 30.48
CA GLU D 256 34.41 28.47 30.00
C GLU D 256 33.37 28.25 31.10
N ASP D 257 32.70 29.33 31.50
CA ASP D 257 31.73 29.27 32.60
C ASP D 257 30.36 28.79 32.14
N ARG D 258 30.10 28.72 30.84
CA ARG D 258 28.83 28.26 30.32
C ARG D 258 28.79 26.76 30.07
N ILE D 259 29.86 26.05 30.38
CA ILE D 259 29.92 24.59 30.23
C ILE D 259 29.64 23.97 31.59
N LEU D 260 28.56 23.22 31.69
CA LEU D 260 28.18 22.62 32.96
C LEU D 260 29.26 21.69 33.46
N LYS D 261 29.80 21.99 34.64
CA LYS D 261 30.87 21.17 35.21
C LYS D 261 30.34 19.86 35.78
N ASP D 262 29.11 19.85 36.29
CA ASP D 262 28.56 18.62 36.86
C ASP D 262 28.34 17.55 35.81
N ARG D 263 28.28 17.92 34.52
CA ARG D 263 28.12 16.95 33.45
C ARG D 263 29.48 16.36 33.11
N GLU D 264 29.55 15.63 31.99
CA GLU D 264 30.78 14.97 31.56
C GLU D 264 31.49 15.81 30.53
N MET D 265 32.77 16.09 30.79
CA MET D 265 33.62 16.84 29.88
C MET D 265 34.66 15.88 29.31
N THR D 266 34.43 15.41 28.10
CA THR D 266 35.25 14.38 27.47
C THR D 266 36.27 15.03 26.54
N VAL D 267 37.55 14.76 26.77
CA VAL D 267 38.61 15.17 25.86
C VAL D 267 39.58 14.02 25.69
N ARG D 268 39.40 13.22 24.64
CA ARG D 268 40.25 12.05 24.44
C ARG D 268 40.44 11.81 22.96
N LEU D 269 41.57 11.18 22.62
CA LEU D 269 41.85 10.82 21.24
C LEU D 269 40.81 9.81 20.76
N ASN D 270 40.23 10.07 19.59
CA ASN D 270 39.09 9.31 19.11
C ASN D 270 39.40 8.44 17.90
N GLU D 271 40.22 8.92 16.96
CA GLU D 271 40.46 8.19 15.73
C GLU D 271 41.81 8.59 15.16
N LEU D 272 42.38 7.69 14.37
CA LEU D 272 43.63 7.92 13.67
C LEU D 272 43.29 8.09 12.19
N GLY D 273 43.11 9.34 11.77
CA GLY D 273 42.67 9.63 10.43
C GLY D 273 43.75 9.36 9.38
N ALA D 274 43.37 9.59 8.13
CA ALA D 274 44.29 9.35 7.03
C ALA D 274 45.51 10.27 7.11
N SER D 275 45.29 11.54 7.45
CA SER D 275 46.37 12.52 7.51
C SER D 275 46.43 13.27 8.82
N SER D 276 45.60 12.90 9.81
CA SER D 276 45.59 13.60 11.08
C SER D 276 44.81 12.85 12.15
N ILE D 277 45.37 12.76 13.35
CA ILE D 277 44.65 12.19 14.48
C ILE D 277 43.72 13.26 15.04
N ASN D 278 42.43 12.94 15.11
CA ASN D 278 41.43 13.91 15.53
C ASN D 278 40.87 13.55 16.89
N PHE D 279 40.86 14.54 17.79
CA PHE D 279 40.32 14.39 19.13
C PHE D 279 38.84 14.71 19.13
N VAL D 280 38.17 14.31 20.21
CA VAL D 280 36.75 14.55 20.40
C VAL D 280 36.55 15.28 21.72
N VAL D 281 35.83 16.39 21.68
CA VAL D 281 35.51 17.17 22.87
C VAL D 281 33.99 17.24 23.00
N ARG D 282 33.47 16.78 24.13
CA ARG D 282 32.04 16.79 24.39
C ARG D 282 31.78 17.54 25.69
N VAL D 283 30.97 18.58 25.63
CA VAL D 283 30.66 19.41 26.79
C VAL D 283 29.18 19.76 26.75
N TRP D 284 28.55 19.74 27.92
CA TRP D 284 27.12 20.02 28.04
C TRP D 284 26.92 21.49 28.42
N SER D 285 25.92 22.12 27.81
CA SER D 285 25.61 23.51 28.09
C SER D 285 24.11 23.71 28.01
N ASN D 286 23.64 24.80 28.61
CA ASN D 286 22.22 25.13 28.57
C ASN D 286 21.75 25.27 27.13
N SER D 287 20.54 24.81 26.85
CA SER D 287 20.03 24.81 25.49
C SER D 287 19.98 26.22 24.90
N GLY D 288 19.95 27.25 25.74
CA GLY D 288 19.93 28.61 25.25
C GLY D 288 21.24 29.04 24.64
N ASP D 289 22.31 29.05 25.44
CA ASP D 289 23.63 29.48 24.97
C ASP D 289 24.46 28.26 24.59
N LEU D 290 24.05 27.61 23.51
CA LEU D 290 24.74 26.46 22.95
C LEU D 290 25.58 26.82 21.73
N GLN D 291 24.96 27.47 20.74
CA GLN D 291 25.72 27.87 19.55
C GLN D 291 26.80 28.87 19.90
N ASN D 292 26.51 29.80 20.81
CA ASN D 292 27.52 30.77 21.22
C ASN D 292 28.69 30.06 21.90
N VAL D 293 28.40 29.09 22.75
CA VAL D 293 29.47 28.32 23.39
C VAL D 293 30.30 27.60 22.34
N TYR D 294 29.64 26.98 21.36
CA TYR D 294 30.36 26.28 20.30
C TYR D 294 31.30 27.22 19.57
N TRP D 295 30.80 28.38 19.14
CA TRP D 295 31.62 29.32 18.39
C TRP D 295 32.78 29.83 19.22
N ASP D 296 32.52 30.21 20.48
CA ASP D 296 33.59 30.72 21.32
C ASP D 296 34.65 29.67 21.57
N VAL D 297 34.23 28.43 21.86
CA VAL D 297 35.19 27.36 22.12
C VAL D 297 36.03 27.08 20.88
N LEU D 298 35.38 27.07 19.70
CA LEU D 298 36.13 26.79 18.48
C LEU D 298 37.17 27.88 18.20
N GLU D 299 36.76 29.14 18.35
CA GLU D 299 37.70 30.24 18.12
C GLU D 299 38.86 30.18 19.12
N ARG D 300 38.55 29.92 20.40
CA ARG D 300 39.60 29.84 21.40
C ARG D 300 40.54 28.67 21.12
N ILE D 301 39.98 27.54 20.67
CA ILE D 301 40.81 26.38 20.33
C ILE D 301 41.77 26.75 19.21
N LYS D 302 41.26 27.41 18.17
CA LYS D 302 42.15 27.78 17.07
C LYS D 302 43.24 28.73 17.55
N ARG D 303 42.87 29.73 18.35
CA ARG D 303 43.86 30.70 18.81
C ARG D 303 44.95 30.02 19.64
N GLU D 304 44.54 29.19 20.61
CA GLU D 304 45.53 28.53 21.47
C GLU D 304 46.41 27.58 20.68
N PHE D 305 45.82 26.79 19.77
CA PHE D 305 46.63 25.86 18.98
C PHE D 305 47.62 26.62 18.11
N ASP D 306 47.20 27.73 17.51
CA ASP D 306 48.12 28.54 16.72
C ASP D 306 49.24 29.08 17.60
N ALA D 307 48.92 29.57 18.80
CA ALA D 307 49.94 30.12 19.68
C ALA D 307 50.77 29.00 20.32
N ALA D 308 50.11 27.92 20.76
CA ALA D 308 50.81 26.86 21.47
C ALA D 308 51.87 26.20 20.58
N GLY D 309 51.51 25.95 19.31
CA GLY D 309 52.44 25.31 18.40
C GLY D 309 51.80 24.18 17.62
N ILE D 310 50.66 23.67 18.11
CA ILE D 310 49.96 22.62 17.40
C ILE D 310 49.55 23.12 16.02
N SER D 311 49.59 22.23 15.03
CA SER D 311 49.33 22.58 13.64
C SER D 311 48.20 21.72 13.09
N PHE D 312 47.23 22.35 12.46
CA PHE D 312 46.19 21.62 11.73
C PHE D 312 46.73 21.23 10.37
N PRO D 313 46.74 19.95 10.01
CA PRO D 313 47.43 19.51 8.79
C PRO D 313 46.53 19.52 7.56
N TYR D 314 47.10 19.93 6.44
CA TYR D 314 46.45 19.79 5.15
C TYR D 314 46.49 18.33 4.70
N PRO D 315 45.64 17.95 3.75
CA PRO D 315 45.66 16.56 3.27
C PRO D 315 47.04 16.13 2.81
N GLN D 316 47.66 15.22 3.53
CA GLN D 316 49.03 14.82 3.19
C GLN D 316 49.09 13.62 2.25
N MET D 317 49.91 13.71 1.22
CA MET D 317 50.06 12.59 0.29
C MET D 317 51.52 12.21 0.17
N ASP D 318 51.79 10.90 0.20
CA ASP D 318 53.16 10.43 0.05
C ASP D 318 53.42 10.02 -1.39
N VAL D 319 54.21 10.81 -2.10
CA VAL D 319 54.50 10.52 -3.50
C VAL D 319 55.90 9.98 -3.68
N ASN D 320 56.02 8.88 -4.43
CA ASN D 320 57.32 8.28 -4.66
C ASN D 320 57.68 8.38 -6.14
N PHE D 321 58.97 8.32 -6.45
CA PHE D 321 59.40 8.49 -7.83
C PHE D 321 60.05 7.22 -8.34
N LYS D 322 59.92 7.00 -9.65
CA LYS D 322 60.53 5.85 -10.30
C LYS D 322 61.15 6.23 -11.64
N ARG D 323 61.19 7.53 -11.94
CA ARG D 323 61.81 8.01 -13.16
C ARG D 323 62.30 9.43 -12.93
N VAL D 324 63.52 9.72 -13.38
CA VAL D 324 64.11 11.04 -13.21
C VAL D 324 63.30 12.08 -13.98
N PHE E 1 -41.45 -26.06 44.97
CA PHE E 1 -42.39 -27.18 44.91
C PHE E 1 -41.78 -28.36 44.15
N THR E 2 -42.29 -29.56 44.42
CA THR E 2 -41.77 -30.74 43.76
C THR E 2 -42.00 -30.69 42.26
N ASN E 3 -42.99 -29.92 41.81
CA ASN E 3 -43.27 -29.84 40.37
C ASN E 3 -42.10 -29.24 39.60
N ASN E 4 -41.38 -28.29 40.20
CA ASN E 4 -40.24 -27.66 39.55
C ASN E 4 -38.99 -28.51 39.66
N ALA E 5 -39.11 -29.76 39.20
CA ALA E 5 -37.99 -30.69 39.28
C ALA E 5 -36.82 -30.21 38.45
N LEU E 6 -37.08 -29.67 37.26
CA LEU E 6 -36.00 -29.18 36.41
C LEU E 6 -35.24 -28.04 37.08
N ASN E 7 -35.97 -27.09 37.67
CA ASN E 7 -35.31 -25.98 38.36
C ASN E 7 -34.51 -26.48 39.56
N LEU E 8 -35.09 -27.42 40.33
CA LEU E 8 -34.37 -27.95 41.47
C LEU E 8 -33.08 -28.64 41.03
N VAL E 9 -33.16 -29.42 39.95
CA VAL E 9 -31.99 -30.13 39.45
C VAL E 9 -30.93 -29.15 38.97
N ILE E 10 -31.34 -28.10 38.25
CA ILE E 10 -30.38 -27.13 37.75
C ILE E 10 -29.69 -26.41 38.89
N ILE E 11 -30.46 -25.98 39.91
CA ILE E 11 -29.87 -25.27 41.04
C ILE E 11 -28.92 -26.19 41.80
N PHE E 12 -29.32 -27.44 42.01
CA PHE E 12 -28.44 -28.39 42.71
C PHE E 12 -27.16 -28.62 41.91
N GLY E 13 -27.28 -28.75 40.60
CA GLY E 13 -26.11 -28.95 39.77
C GLY E 13 -25.16 -27.76 39.81
N SER E 14 -25.71 -26.55 39.76
CA SER E 14 -24.87 -25.36 39.86
C SER E 14 -24.15 -25.30 41.20
N CYS E 15 -24.87 -25.59 42.29
CA CYS E 15 -24.26 -25.58 43.61
C CYS E 15 -23.16 -26.63 43.71
N ALA E 16 -23.43 -27.83 43.19
CA ALA E 16 -22.44 -28.89 43.24
C ALA E 16 -21.21 -28.54 42.41
N ALA E 17 -21.42 -27.92 41.25
CA ALA E 17 -20.30 -27.50 40.41
C ALA E 17 -19.45 -26.48 41.13
N LEU E 18 -20.09 -25.49 41.77
CA LEU E 18 -19.33 -24.49 42.52
C LEU E 18 -18.54 -25.14 43.65
N ILE E 19 -19.16 -26.06 44.39
CA ILE E 19 -18.49 -26.70 45.51
C ILE E 19 -17.31 -27.53 45.01
N LEU E 20 -17.50 -28.28 43.92
CA LEU E 20 -16.43 -29.10 43.39
C LEU E 20 -15.28 -28.25 42.88
N MET E 21 -15.59 -27.12 42.22
CA MET E 21 -14.54 -26.22 41.76
C MET E 21 -13.75 -25.66 42.94
N SER E 22 -14.46 -25.28 44.01
CA SER E 22 -13.77 -24.79 45.20
C SER E 22 -12.86 -25.87 45.78
N PHE E 23 -13.36 -27.11 45.87
CA PHE E 23 -12.56 -28.20 46.41
C PHE E 23 -11.32 -28.45 45.56
N TRP E 24 -11.48 -28.46 44.23
CA TRP E 24 -10.34 -28.67 43.34
C TRP E 24 -9.32 -27.56 43.50
N PHE E 25 -9.78 -26.31 43.61
CA PHE E 25 -8.85 -25.20 43.75
C PHE E 25 -8.12 -25.26 45.09
N ARG E 26 -8.81 -25.67 46.15
CA ARG E 26 -8.14 -25.80 47.45
C ARG E 26 -7.01 -26.81 47.38
N ARG E 27 -7.27 -27.97 46.80
CA ARG E 27 -6.23 -28.99 46.66
C ARG E 27 -5.12 -28.50 45.74
N GLY E 28 -5.47 -27.87 44.64
CA GLY E 28 -4.50 -27.35 43.70
C GLY E 28 -4.96 -26.08 43.01
N ASN E 29 -4.05 -25.13 42.83
CA ASN E 29 -4.40 -23.87 42.19
C ASN E 29 -4.89 -24.11 40.76
N ARG E 30 -5.96 -23.40 40.39
CA ARG E 30 -6.52 -23.53 39.06
C ARG E 30 -5.55 -22.95 38.02
N LYS E 31 -5.57 -23.55 36.82
CA LYS E 31 -4.68 -23.13 35.75
C LYS E 31 -5.31 -21.95 35.00
N ARG E 32 -4.68 -21.55 33.89
CA ARG E 32 -5.15 -20.44 33.06
C ARG E 32 -5.22 -19.18 33.93
N LYS E 33 -6.34 -18.48 33.97
CA LYS E 33 -6.52 -17.31 34.83
C LYS E 33 -7.01 -17.77 36.20
N GLY E 34 -6.75 -16.95 37.22
CA GLY E 34 -7.34 -17.17 38.52
C GLY E 34 -8.81 -16.83 38.49
N PHE E 35 -9.24 -16.16 37.41
CA PHE E 35 -10.62 -15.76 37.24
C PHE E 35 -11.56 -16.95 37.05
N LEU E 36 -11.03 -18.18 37.08
CA LEU E 36 -11.87 -19.35 36.87
C LEU E 36 -12.99 -19.43 37.89
N PHE E 37 -12.66 -19.21 39.17
CA PHE E 37 -13.69 -19.27 40.20
C PHE E 37 -14.68 -18.11 40.11
N HIS E 38 -14.27 -16.98 39.52
CA HIS E 38 -15.22 -15.90 39.27
C HIS E 38 -16.16 -16.22 38.12
N ALA E 39 -15.64 -16.82 37.04
CA ALA E 39 -16.51 -17.23 35.95
C ALA E 39 -17.47 -18.32 36.38
N VAL E 40 -17.01 -19.26 37.22
CA VAL E 40 -17.89 -20.29 37.74
C VAL E 40 -19.01 -19.67 38.56
N GLN E 41 -18.66 -18.70 39.41
CA GLN E 41 -19.67 -17.99 40.19
C GLN E 41 -20.66 -17.27 39.29
N PHE E 42 -20.15 -16.62 38.24
CA PHE E 42 -21.03 -15.93 37.30
C PHE E 42 -22.01 -16.88 36.66
N LEU E 43 -21.52 -18.04 36.20
CA LEU E 43 -22.40 -19.00 35.54
C LEU E 43 -23.43 -19.57 36.53
N ILE E 44 -23.00 -19.85 37.77
CA ILE E 44 -23.94 -20.36 38.76
C ILE E 44 -25.01 -19.32 39.08
N TYR E 45 -24.61 -18.04 39.16
CA TYR E 45 -25.58 -16.98 39.41
C TYR E 45 -26.57 -16.86 38.25
N THR E 46 -26.08 -16.99 37.01
CA THR E 46 -26.98 -16.96 35.86
C THR E 46 -27.98 -18.12 35.93
N ILE E 47 -27.50 -19.32 36.30
CA ILE E 47 -28.39 -20.45 36.42
C ILE E 47 -29.42 -20.21 37.51
N ILE E 48 -29.00 -19.64 38.65
CA ILE E 48 -29.92 -19.38 39.74
C ILE E 48 -30.96 -18.35 39.33
N ILE E 49 -30.54 -17.31 38.59
CA ILE E 49 -31.50 -16.31 38.16
C ILE E 49 -32.49 -16.90 37.15
N SER E 50 -32.03 -17.77 36.26
CA SER E 50 -32.96 -18.43 35.34
C SER E 50 -33.96 -19.29 36.11
N ALA E 51 -33.48 -20.03 37.11
CA ALA E 51 -34.38 -20.84 37.92
C ALA E 51 -35.38 -19.98 38.67
N VAL E 52 -34.94 -18.83 39.18
CA VAL E 52 -35.84 -17.92 39.89
C VAL E 52 -36.89 -17.38 38.94
N GLY E 53 -36.50 -17.03 37.72
CA GLY E 53 -37.49 -16.60 36.74
C GLY E 53 -38.50 -17.68 36.43
N SER E 54 -38.03 -18.92 36.29
CA SER E 54 -38.94 -20.03 36.03
C SER E 54 -39.91 -20.23 37.19
N ILE E 55 -39.40 -20.15 38.42
CA ILE E 55 -40.27 -20.31 39.58
C ILE E 55 -41.27 -19.17 39.68
N ILE E 56 -40.86 -17.95 39.32
CA ILE E 56 -41.78 -16.82 39.31
C ILE E 56 -42.88 -17.04 38.29
N ASN E 57 -42.52 -17.54 37.10
CA ASN E 57 -43.53 -17.85 36.09
C ASN E 57 -44.49 -18.92 36.60
N TYR E 58 -43.96 -19.95 37.25
CA TYR E 58 -44.81 -21.00 37.81
C TYR E 58 -45.77 -20.43 38.84
N VAL E 59 -45.26 -19.55 39.71
CA VAL E 59 -46.10 -18.95 40.75
C VAL E 59 -47.21 -18.11 40.12
N ILE E 60 -46.84 -17.30 39.12
CA ILE E 60 -47.84 -16.43 38.48
C ILE E 60 -48.90 -17.27 37.78
N GLU E 61 -48.50 -18.38 37.16
CA GLU E 61 -49.46 -19.28 36.53
C GLU E 61 -50.15 -20.21 37.53
N ASN E 62 -49.64 -20.29 38.76
CA ASN E 62 -50.23 -21.14 39.79
C ASN E 62 -50.72 -20.34 40.99
N TYR E 63 -49.89 -19.48 41.56
CA TYR E 63 -50.22 -18.73 42.76
C TYR E 63 -50.63 -17.31 42.40
N LYS E 64 -51.05 -16.56 43.41
CA LYS E 64 -51.45 -15.18 43.20
C LYS E 64 -50.25 -14.31 42.83
N LEU E 65 -50.47 -13.40 41.89
CA LEU E 65 -49.40 -12.49 41.46
C LEU E 65 -49.20 -11.31 42.39
N LYS E 66 -50.14 -11.07 43.32
CA LYS E 66 -50.05 -9.94 44.24
C LYS E 66 -49.92 -8.62 43.50
N PHE E 67 -50.63 -8.51 42.37
CA PHE E 67 -50.61 -7.30 41.55
C PHE E 67 -49.18 -6.96 41.11
N ILE E 68 -48.39 -7.98 40.82
CA ILE E 68 -47.02 -7.83 40.37
C ILE E 68 -46.94 -8.32 38.93
N THR E 69 -46.66 -7.40 38.02
CA THR E 69 -46.55 -7.77 36.61
C THR E 69 -45.34 -8.66 36.39
N PRO E 70 -45.48 -9.79 35.71
CA PRO E 70 -44.31 -10.65 35.46
C PRO E 70 -43.26 -9.90 34.67
N GLY E 71 -42.01 -10.00 35.12
CA GLY E 71 -40.91 -9.32 34.47
C GLY E 71 -39.99 -8.61 35.44
N VAL E 72 -40.50 -8.29 36.63
CA VAL E 72 -39.68 -7.63 37.64
C VAL E 72 -38.53 -8.53 38.07
N ILE E 73 -38.82 -9.82 38.28
CA ILE E 73 -37.77 -10.76 38.67
C ILE E 73 -36.73 -10.88 37.57
N ASP E 74 -37.18 -10.95 36.31
CA ASP E 74 -36.23 -11.04 35.20
C ASP E 74 -35.35 -9.79 35.13
N PHE E 75 -35.95 -8.61 35.30
CA PHE E 75 -35.17 -7.38 35.29
C PHE E 75 -34.14 -7.38 36.42
N ILE E 76 -34.56 -7.80 37.62
CA ILE E 76 -33.65 -7.82 38.75
C ILE E 76 -32.49 -8.78 38.50
N CYS E 77 -32.79 -9.98 37.98
CA CYS E 77 -31.74 -10.95 37.73
C CYS E 77 -30.77 -10.46 36.65
N THR E 78 -31.31 -9.86 35.58
CA THR E 78 -30.44 -9.33 34.53
C THR E 78 -29.55 -8.21 35.08
N SER E 79 -30.11 -7.32 35.90
CA SER E 79 -29.31 -6.25 36.48
C SER E 79 -28.22 -6.81 37.40
N LEU E 80 -28.56 -7.81 38.20
CA LEU E 80 -27.57 -8.41 39.09
C LEU E 80 -26.45 -9.09 38.30
N ILE E 81 -26.81 -9.80 37.22
CA ILE E 81 -25.81 -10.43 36.39
C ILE E 81 -24.90 -9.39 35.74
N ALA E 82 -25.49 -8.30 35.26
CA ALA E 82 -24.69 -7.22 34.67
C ALA E 82 -23.76 -6.61 35.71
N VAL E 83 -24.24 -6.41 36.93
CA VAL E 83 -23.41 -5.85 37.99
C VAL E 83 -22.23 -6.77 38.28
N ILE E 84 -22.48 -8.07 38.36
CA ILE E 84 -21.40 -9.01 38.64
C ILE E 84 -20.39 -9.00 37.50
N LEU E 85 -20.87 -8.98 36.25
CA LEU E 85 -19.97 -8.94 35.10
C LEU E 85 -19.11 -7.69 35.14
N THR E 86 -19.72 -6.54 35.45
CA THR E 86 -18.98 -5.30 35.51
C THR E 86 -17.94 -5.33 36.63
N ILE E 87 -18.30 -5.89 37.78
CA ILE E 87 -17.36 -5.98 38.89
C ILE E 87 -16.16 -6.84 38.50
N LYS E 88 -16.42 -7.98 37.85
CA LYS E 88 -15.33 -8.84 37.41
C LYS E 88 -14.45 -8.13 36.38
N LEU E 89 -15.07 -7.41 35.44
CA LEU E 89 -14.30 -6.69 34.44
C LEU E 89 -13.43 -5.61 35.09
N PHE E 90 -13.98 -4.91 36.08
CA PHE E 90 -13.21 -3.89 36.78
C PHE E 90 -12.05 -4.50 37.58
N LEU E 91 -12.27 -5.67 38.19
CA LEU E 91 -11.18 -6.35 38.87
C LEU E 91 -10.08 -6.74 37.89
N LEU E 92 -10.47 -7.23 36.71
CA LEU E 92 -9.48 -7.55 35.68
C LEU E 92 -8.73 -6.30 35.25
N ILE E 93 -9.43 -5.18 35.09
CA ILE E 93 -8.78 -3.93 34.72
C ILE E 93 -7.78 -3.52 35.79
N ASN E 94 -8.15 -3.66 37.06
CA ASN E 94 -7.24 -3.30 38.15
C ASN E 94 -6.00 -4.19 38.14
N GLN E 95 -6.18 -5.49 37.91
CA GLN E 95 -5.03 -6.39 37.83
C GLN E 95 -4.12 -5.99 36.68
N PHE E 96 -4.71 -5.70 35.51
CA PHE E 96 -3.91 -5.31 34.36
C PHE E 96 -3.16 -4.00 34.63
N GLU E 97 -3.84 -3.04 35.25
CA GLU E 97 -3.20 -1.75 35.55
C GLU E 97 -2.06 -1.92 36.53
N LYS E 98 -2.24 -2.77 37.56
CA LYS E 98 -1.15 -3.02 38.49
C LYS E 98 0.03 -3.69 37.79
N GLN E 99 -0.24 -4.65 36.91
CA GLN E 99 0.83 -5.32 36.18
C GLN E 99 1.59 -4.33 35.31
N GLN E 100 0.87 -3.49 34.57
CA GLN E 100 1.53 -2.49 33.74
C GLN E 100 2.32 -1.50 34.59
N ALA E 101 1.76 -1.06 35.71
CA ALA E 101 2.44 -0.10 36.57
C ALA E 101 3.74 -0.66 37.10
N ALA E 102 3.66 -1.73 37.90
CA ALA E 102 4.87 -2.29 38.49
C ALA E 102 5.45 -3.40 37.62
N LYS E 103 5.53 -3.17 36.31
CA LYS E 103 6.37 -3.98 35.43
C LYS E 103 7.40 -3.14 34.70
N GLY E 104 6.96 -2.18 33.88
CA GLY E 104 7.85 -1.25 33.22
C GLY E 104 7.29 0.14 33.06
N ARG E 105 6.04 0.33 33.43
CA ARG E 105 5.31 1.55 33.10
C ARG E 105 5.22 2.49 34.30
N ASP E 106 4.83 3.73 34.01
CA ASP E 106 4.64 4.75 35.03
C ASP E 106 3.20 4.72 35.52
N ILE E 107 2.80 5.72 36.29
CA ILE E 107 1.48 5.75 36.90
C ILE E 107 0.46 6.43 36.01
N THR E 108 0.84 7.53 35.35
CA THR E 108 -0.11 8.27 34.54
C THR E 108 -0.67 7.42 33.42
N SER E 109 0.20 6.71 32.69
CA SER E 109 -0.26 5.87 31.60
C SER E 109 -1.16 4.75 32.10
N ALA E 110 -0.80 4.13 33.22
CA ALA E 110 -1.63 3.06 33.76
C ALA E 110 -3.00 3.58 34.15
N ARG E 111 -3.06 4.74 34.80
CA ARG E 111 -4.34 5.31 35.19
C ARG E 111 -5.18 5.64 33.97
N ILE E 112 -4.55 6.21 32.93
CA ILE E 112 -5.28 6.57 31.72
C ILE E 112 -5.85 5.32 31.06
N MET E 113 -5.03 4.27 30.97
CA MET E 113 -5.51 3.02 30.38
C MET E 113 -6.66 2.45 31.20
N SER E 114 -6.53 2.45 32.52
CA SER E 114 -7.59 1.90 33.38
C SER E 114 -8.89 2.66 33.18
N ARG E 115 -8.84 4.00 33.15
CA ARG E 115 -10.07 4.76 33.06
C ARG E 115 -10.66 4.67 31.65
N ILE E 116 -9.80 4.52 30.63
CA ILE E 116 -10.30 4.26 29.28
C ILE E 116 -11.06 2.94 29.24
N ILE E 117 -10.50 1.90 29.85
CA ILE E 117 -11.17 0.61 29.86
C ILE E 117 -12.48 0.70 30.63
N LYS E 118 -12.49 1.44 31.74
CA LYS E 118 -13.72 1.62 32.51
C LYS E 118 -14.78 2.33 31.67
N ILE E 119 -14.39 3.38 30.93
CA ILE E 119 -15.33 4.08 30.08
C ILE E 119 -15.87 3.16 28.99
N THR E 120 -15.00 2.33 28.42
CA THR E 120 -15.46 1.37 27.40
C THR E 120 -16.48 0.40 27.98
N ILE E 121 -16.22 -0.10 29.19
CA ILE E 121 -17.17 -1.03 29.82
C ILE E 121 -18.49 -0.32 30.10
N ILE E 122 -18.43 0.94 30.54
CA ILE E 122 -19.66 1.69 30.78
C ILE E 122 -20.44 1.86 29.48
N VAL E 123 -19.75 2.14 28.38
CA VAL E 123 -20.41 2.31 27.10
C VAL E 123 -21.06 1.01 26.66
N VAL E 124 -20.37 -0.12 26.85
CA VAL E 124 -20.96 -1.41 26.48
C VAL E 124 -22.18 -1.70 27.34
N LEU E 125 -22.12 -1.35 28.63
CA LEU E 125 -23.28 -1.50 29.50
C LEU E 125 -24.46 -0.69 28.98
N VAL E 126 -24.22 0.57 28.63
CA VAL E 126 -25.30 1.43 28.15
C VAL E 126 -25.88 0.86 26.87
N LEU E 127 -25.03 0.38 25.97
CA LEU E 127 -25.51 -0.19 24.71
C LEU E 127 -26.36 -1.43 24.97
N LEU E 128 -25.93 -2.29 25.90
CA LEU E 128 -26.68 -3.50 26.20
C LEU E 128 -27.93 -3.20 27.03
N TYR E 129 -27.89 -2.14 27.83
CA TYR E 129 -29.05 -1.77 28.65
C TYR E 129 -30.22 -1.27 27.82
N GLY E 130 -30.02 -0.99 26.53
CA GLY E 130 -31.08 -0.47 25.69
C GLY E 130 -32.24 -1.42 25.44
N GLU E 131 -32.08 -2.69 25.78
CA GLU E 131 -33.14 -3.67 25.57
C GLU E 131 -34.33 -3.45 26.50
N HIS E 132 -34.27 -2.47 27.39
CA HIS E 132 -35.36 -2.19 28.33
C HIS E 132 -36.28 -1.08 27.85
N PHE E 133 -35.72 0.07 27.50
CA PHE E 133 -36.50 1.20 27.02
C PHE E 133 -35.87 1.75 25.74
N GLY E 134 -36.72 2.12 24.80
CA GLY E 134 -36.27 2.67 23.53
C GLY E 134 -36.18 4.18 23.53
N VAL E 135 -36.66 4.80 24.60
CA VAL E 135 -36.65 6.25 24.74
C VAL E 135 -35.57 6.71 25.71
N GLN E 136 -34.74 5.80 26.21
CA GLN E 136 -33.67 6.12 27.14
C GLN E 136 -32.28 6.03 26.52
N THR E 137 -32.02 4.99 25.74
CA THR E 137 -30.72 4.81 25.10
C THR E 137 -30.81 4.73 23.58
N ALA E 138 -31.92 4.26 23.02
CA ALA E 138 -32.05 4.20 21.56
C ALA E 138 -31.94 5.58 20.95
N SER E 139 -32.55 6.59 21.59
CA SER E 139 -32.45 7.95 21.09
C SER E 139 -31.03 8.50 21.16
N VAL E 140 -30.15 7.85 21.91
CA VAL E 140 -28.76 8.30 22.03
C VAL E 140 -27.79 7.26 21.48
N ILE E 141 -28.15 5.98 21.52
CA ILE E 141 -27.27 4.93 21.01
C ILE E 141 -27.11 5.04 19.51
N ALA E 142 -28.19 5.37 18.80
CA ALA E 142 -28.11 5.47 17.35
C ALA E 142 -27.06 6.49 16.92
N VAL E 143 -26.79 7.48 17.75
CA VAL E 143 -25.77 8.48 17.44
C VAL E 143 -24.42 8.08 18.02
N LEU E 144 -24.41 7.52 19.23
CA LEU E 144 -23.14 7.14 19.86
C LEU E 144 -22.43 6.06 19.05
N GLY E 145 -23.16 5.06 18.56
CA GLY E 145 -22.53 4.01 17.78
C GLY E 145 -21.92 4.55 16.50
N ALA E 146 -22.67 5.40 15.79
CA ALA E 146 -22.13 5.97 14.55
C ALA E 146 -20.92 6.84 14.82
N ALA E 147 -20.96 7.66 15.87
CA ALA E 147 -19.82 8.48 16.21
C ALA E 147 -18.60 7.64 16.56
N GLY E 148 -18.81 6.58 17.34
CA GLY E 148 -17.70 5.70 17.68
C GLY E 148 -17.10 5.01 16.47
N LEU E 149 -17.96 4.56 15.55
CA LEU E 149 -17.47 3.92 14.34
C LEU E 149 -16.67 4.91 13.49
N ALA E 150 -17.18 6.15 13.34
CA ALA E 150 -16.46 7.14 12.56
C ALA E 150 -15.12 7.47 13.20
N VAL E 151 -15.08 7.61 14.53
CA VAL E 151 -13.83 7.87 15.22
C VAL E 151 -12.85 6.72 15.04
N GLY E 152 -13.31 5.48 15.20
CA GLY E 152 -12.42 4.34 15.00
C GLY E 152 -11.86 4.30 13.59
N LEU E 153 -12.71 4.60 12.59
CA LEU E 153 -12.22 4.68 11.23
C LEU E 153 -11.15 5.77 11.08
N ALA E 154 -11.39 6.93 11.68
CA ALA E 154 -10.40 8.02 11.62
C ALA E 154 -9.25 7.76 12.59
N LEU E 155 -9.54 7.13 13.72
CA LEU E 155 -8.57 6.93 14.79
C LEU E 155 -7.88 5.57 14.74
N GLN E 156 -7.99 4.85 13.62
CA GLN E 156 -7.43 3.51 13.54
C GLN E 156 -5.98 3.49 13.98
N GLY E 157 -5.21 4.51 13.57
CA GLY E 157 -3.83 4.60 14.03
C GLY E 157 -3.71 4.71 15.53
N SER E 158 -4.69 5.38 16.17
CA SER E 158 -4.67 5.51 17.62
C SER E 158 -4.79 4.14 18.30
N LEU E 159 -5.73 3.32 17.85
CA LEU E 159 -5.87 1.98 18.41
C LEU E 159 -4.64 1.14 18.10
N SER E 160 -4.08 1.26 16.90
CA SER E 160 -2.87 0.52 16.58
C SER E 160 -1.74 0.88 17.54
N ASN E 161 -1.55 2.18 17.78
CA ASN E 161 -0.50 2.62 18.70
C ASN E 161 -0.77 2.12 20.12
N LEU E 162 -2.03 2.17 20.56
CA LEU E 162 -2.35 1.69 21.89
C LEU E 162 -2.04 0.20 22.04
N ALA E 163 -2.42 -0.59 21.05
CA ALA E 163 -2.12 -2.03 21.10
C ALA E 163 -0.61 -2.28 21.10
N ALA E 164 0.13 -1.54 20.26
CA ALA E 164 1.57 -1.71 20.23
C ALA E 164 2.19 -1.35 21.58
N GLY E 165 1.70 -0.28 22.21
CA GLY E 165 2.21 0.07 23.52
C GLY E 165 1.90 -0.98 24.57
N VAL E 166 0.69 -1.53 24.53
CA VAL E 166 0.34 -2.59 25.47
C VAL E 166 1.27 -3.79 25.29
N LEU E 167 1.55 -4.16 24.03
CA LEU E 167 2.47 -5.26 23.77
C LEU E 167 3.87 -4.94 24.28
N LEU E 168 4.33 -3.70 24.07
CA LEU E 168 5.67 -3.32 24.52
C LEU E 168 5.77 -3.37 26.04
N VAL E 169 4.69 -3.03 26.74
CA VAL E 169 4.70 -3.17 28.19
C VAL E 169 4.69 -4.63 28.60
N MET E 170 3.91 -5.45 27.89
CA MET E 170 3.83 -6.87 28.23
C MET E 170 5.14 -7.58 27.89
N PHE E 171 5.50 -7.61 26.61
CA PHE E 171 6.81 -8.08 26.17
C PHE E 171 7.77 -6.90 26.26
N ARG E 172 8.89 -7.09 26.96
CA ARG E 172 9.79 -5.97 27.18
C ARG E 172 11.05 -6.11 26.33
N PRO E 173 11.00 -5.73 25.05
CA PRO E 173 12.25 -5.67 24.28
C PRO E 173 13.25 -4.69 24.85
N PHE E 174 12.77 -3.60 25.46
CA PHE E 174 13.63 -2.59 26.07
C PHE E 174 12.94 -2.03 27.30
N ARG E 175 13.73 -1.78 28.34
CA ARG E 175 13.24 -1.16 29.56
C ARG E 175 13.70 0.29 29.64
N ALA E 176 13.08 1.04 30.55
CA ALA E 176 13.49 2.42 30.76
C ALA E 176 14.96 2.49 31.14
N GLY E 177 15.67 3.45 30.55
CA GLY E 177 17.08 3.59 30.82
C GLY E 177 17.98 2.67 30.04
N GLU E 178 17.47 2.05 28.97
CA GLU E 178 18.23 1.12 28.15
C GLU E 178 18.47 1.76 26.79
N TYR E 179 19.73 1.86 26.39
CA TYR E 179 20.08 2.46 25.11
C TYR E 179 19.65 1.53 23.97
N VAL E 180 18.74 2.01 23.12
CA VAL E 180 18.18 1.20 22.04
C VAL E 180 18.20 2.01 20.75
N ASP E 181 18.10 1.29 19.64
CA ASP E 181 18.03 1.87 18.31
C ASP E 181 16.76 1.37 17.65
N LEU E 182 15.82 2.27 17.38
CA LEU E 182 14.51 1.93 16.84
C LEU E 182 14.38 2.55 15.45
N GLY E 183 14.73 1.77 14.43
CA GLY E 183 14.60 2.22 13.07
C GLY E 183 15.46 3.42 12.72
N GLY E 184 16.72 3.38 13.12
CA GLY E 184 17.64 4.48 12.80
C GLY E 184 17.59 5.66 13.74
N VAL E 185 16.95 5.53 14.90
CA VAL E 185 16.84 6.60 15.88
C VAL E 185 17.29 6.02 17.21
N ALA E 186 18.56 6.23 17.56
CA ALA E 186 19.12 5.65 18.77
C ALA E 186 19.13 6.66 19.91
N GLY E 187 18.90 6.17 21.11
CA GLY E 187 18.92 7.00 22.30
C GLY E 187 18.37 6.26 23.49
N THR E 188 18.69 6.79 24.67
CA THR E 188 18.20 6.19 25.90
C THR E 188 16.68 6.30 26.00
N VAL E 189 16.04 5.20 26.40
CA VAL E 189 14.59 5.14 26.50
C VAL E 189 14.17 5.70 27.85
N LEU E 190 13.22 6.64 27.84
CA LEU E 190 12.73 7.27 29.06
C LEU E 190 11.51 6.56 29.63
N SER E 191 10.49 6.35 28.79
CA SER E 191 9.26 5.71 29.26
C SER E 191 8.34 5.39 28.09
N VAL E 192 7.63 4.26 28.19
CA VAL E 192 6.67 3.86 27.17
C VAL E 192 5.29 4.36 27.61
N GLN E 193 4.70 5.25 26.83
CA GLN E 193 3.40 5.83 27.15
C GLN E 193 2.31 5.11 26.35
N ILE E 194 1.10 5.67 26.39
CA ILE E 194 -0.04 5.03 25.74
C ILE E 194 0.16 4.98 24.23
N PHE E 195 0.59 6.09 23.62
CA PHE E 195 0.67 6.19 22.17
C PHE E 195 2.08 6.33 21.62
N SER E 196 3.06 6.69 22.47
CA SER E 196 4.41 6.91 21.98
C SER E 196 5.38 6.76 23.14
N THR E 197 6.64 6.50 22.79
CA THR E 197 7.72 6.38 23.76
C THR E 197 8.77 7.45 23.47
N THR E 198 9.16 8.20 24.49
CA THR E 198 10.12 9.28 24.33
C THR E 198 11.49 8.82 24.82
N MET E 199 12.49 8.93 23.96
CA MET E 199 13.86 8.59 24.30
C MET E 199 14.75 9.80 24.11
N ARG E 200 15.65 10.03 25.06
CA ARG E 200 16.60 11.14 24.98
C ARG E 200 17.88 10.65 24.32
N THR E 201 18.19 11.21 23.16
CA THR E 201 19.37 10.79 22.42
C THR E 201 20.63 11.17 23.20
N ALA E 202 21.79 10.81 22.63
CA ALA E 202 23.05 11.13 23.29
C ALA E 202 23.25 12.64 23.39
N ASP E 203 22.89 13.38 22.35
CA ASP E 203 23.06 14.83 22.37
C ASP E 203 22.23 15.47 23.48
N GLY E 204 20.98 15.04 23.64
CA GLY E 204 20.12 15.59 24.64
C GLY E 204 18.77 16.04 24.11
N LYS E 205 18.46 15.67 22.87
CA LYS E 205 17.20 16.02 22.26
C LYS E 205 16.20 14.89 22.43
N ILE E 206 14.99 15.25 22.85
CA ILE E 206 13.94 14.26 23.10
C ILE E 206 13.32 13.83 21.77
N ILE E 207 13.02 12.54 21.66
CA ILE E 207 12.44 11.97 20.46
C ILE E 207 11.19 11.18 20.85
N VAL E 208 10.10 11.41 20.13
CA VAL E 208 8.83 10.74 20.36
C VAL E 208 8.53 9.87 19.15
N ILE E 209 8.31 8.58 19.38
CA ILE E 209 8.06 7.61 18.32
C ILE E 209 6.74 6.90 18.61
N PRO E 210 5.79 6.88 17.68
CA PRO E 210 4.57 6.10 17.90
C PRO E 210 4.88 4.63 18.10
N ASN E 211 4.14 3.98 18.99
CA ASN E 211 4.42 2.58 19.31
C ASN E 211 4.17 1.67 18.11
N GLY E 212 3.30 2.07 17.19
CA GLY E 212 3.01 1.22 16.05
C GLY E 212 4.25 0.93 15.21
N LYS E 213 5.00 1.97 14.88
CA LYS E 213 6.20 1.76 14.08
C LYS E 213 7.31 1.12 14.90
N ILE E 214 7.32 1.34 16.22
CA ILE E 214 8.30 0.67 17.06
C ILE E 214 8.07 -0.84 17.02
N ILE E 215 6.81 -1.28 17.10
CA ILE E 215 6.52 -2.70 17.06
C ILE E 215 6.75 -3.24 15.65
N ALA E 216 6.36 -2.49 14.63
CA ALA E 216 6.46 -2.99 13.26
C ALA E 216 7.90 -3.11 12.78
N GLY E 217 8.84 -2.45 13.45
CA GLY E 217 10.22 -2.44 13.02
C GLY E 217 11.12 -3.29 13.90
N ASN E 218 12.42 -3.22 13.62
CA ASN E 218 13.44 -3.92 14.38
C ASN E 218 13.88 -3.09 15.56
N ILE E 219 14.14 -3.77 16.69
CA ILE E 219 14.61 -3.12 17.91
C ILE E 219 15.99 -3.67 18.22
N ILE E 220 16.99 -2.80 18.20
CA ILE E 220 18.37 -3.16 18.57
C ILE E 220 18.60 -2.66 19.98
N ASN E 221 18.94 -3.58 20.89
CA ASN E 221 19.15 -3.25 22.29
C ASN E 221 20.65 -3.29 22.58
N PHE E 222 21.23 -2.12 22.79
CA PHE E 222 22.67 -2.03 23.02
C PHE E 222 23.05 -2.47 24.43
N SER E 223 22.21 -2.16 25.42
CA SER E 223 22.55 -2.40 26.82
C SER E 223 21.85 -3.62 27.41
N ARG E 224 21.54 -4.62 26.59
CA ARG E 224 20.91 -5.83 27.08
C ARG E 224 21.94 -6.87 27.51
N GLU E 225 22.83 -7.26 26.61
CA GLU E 225 23.87 -8.22 26.95
C GLU E 225 24.92 -7.57 27.83
N PRO E 226 25.35 -8.22 28.91
CA PRO E 226 26.34 -7.59 29.81
C PRO E 226 27.70 -7.37 29.18
N VAL E 227 28.05 -8.09 28.11
CA VAL E 227 29.36 -8.00 27.50
C VAL E 227 29.20 -7.65 26.02
N ARG E 228 30.01 -6.70 25.56
CA ARG E 228 30.04 -6.28 24.17
C ARG E 228 31.48 -6.26 23.67
N ARG E 229 31.64 -6.20 22.35
CA ARG E 229 32.93 -6.37 21.71
C ARG E 229 33.39 -5.08 21.06
N ASN E 230 34.68 -4.80 21.19
CA ASN E 230 35.33 -3.66 20.54
C ASN E 230 36.11 -4.15 19.33
N GLU E 231 36.12 -3.35 18.26
CA GLU E 231 36.87 -3.66 17.06
C GLU E 231 37.78 -2.50 16.72
N PHE E 232 39.05 -2.80 16.45
CA PHE E 232 40.04 -1.82 16.05
C PHE E 232 40.52 -2.15 14.64
N ILE E 233 40.88 -1.10 13.90
CA ILE E 233 41.43 -1.24 12.56
C ILE E 233 42.68 -0.38 12.51
N ILE E 234 43.84 -0.97 12.76
CA ILE E 234 45.10 -0.25 12.80
C ILE E 234 45.82 -0.49 11.47
N GLY E 235 46.06 0.61 10.74
CA GLY E 235 46.73 0.51 9.45
C GLY E 235 48.18 0.92 9.52
N VAL E 236 49.08 -0.06 9.45
CA VAL E 236 50.50 0.20 9.51
C VAL E 236 51.09 0.13 8.10
N ALA E 237 52.32 0.61 7.95
CA ALA E 237 52.96 0.61 6.65
C ALA E 237 53.32 -0.81 6.24
N TYR E 238 53.54 -0.98 4.93
CA TYR E 238 53.87 -2.31 4.40
C TYR E 238 55.19 -2.82 4.97
N ASP E 239 56.19 -1.93 5.09
CA ASP E 239 57.49 -2.36 5.59
C ASP E 239 57.42 -2.86 7.03
N SER E 240 56.40 -2.46 7.79
CA SER E 240 56.32 -2.85 9.19
C SER E 240 56.29 -4.37 9.33
N ASP E 241 57.07 -4.88 10.27
CA ASP E 241 57.14 -6.32 10.49
C ASP E 241 55.81 -6.79 11.09
N ILE E 242 55.28 -7.88 10.55
CA ILE E 242 53.99 -8.39 11.00
C ILE E 242 54.11 -8.97 12.41
N ASP E 243 55.17 -9.74 12.67
CA ASP E 243 55.32 -10.38 13.96
C ASP E 243 55.43 -9.35 15.07
N GLN E 244 56.22 -8.29 14.86
CA GLN E 244 56.38 -7.26 15.88
C GLN E 244 55.05 -6.57 16.16
N VAL E 245 54.30 -6.24 15.11
CA VAL E 245 53.02 -5.56 15.28
C VAL E 245 52.06 -6.45 16.06
N LYS E 246 51.97 -7.72 15.69
CA LYS E 246 51.07 -8.61 16.39
C LYS E 246 51.48 -8.80 17.85
N GLN E 247 52.78 -8.91 18.12
CA GLN E 247 53.23 -9.06 19.50
C GLN E 247 52.91 -7.81 20.32
N ILE E 248 53.12 -6.62 19.74
CA ILE E 248 52.81 -5.39 20.46
C ILE E 248 51.32 -5.31 20.75
N LEU E 249 50.48 -5.62 19.76
CA LEU E 249 49.03 -5.57 19.96
C LEU E 249 48.59 -6.57 21.02
N THR E 250 49.16 -7.79 21.00
CA THR E 250 48.80 -8.78 22.01
C THR E 250 49.23 -8.33 23.40
N ASN E 251 50.42 -7.74 23.51
CA ASN E 251 50.87 -7.24 24.81
C ASN E 251 49.94 -6.14 25.32
N ILE E 252 49.51 -5.25 24.44
CA ILE E 252 48.58 -4.20 24.84
C ILE E 252 47.26 -4.80 25.29
N ILE E 253 46.76 -5.79 24.55
CA ILE E 253 45.47 -6.39 24.88
C ILE E 253 45.53 -7.09 26.23
N GLN E 254 46.59 -7.87 26.46
CA GLN E 254 46.68 -8.65 27.69
C GLN E 254 46.85 -7.77 28.93
N SER E 255 47.62 -6.69 28.82
CA SER E 255 47.89 -5.84 29.98
C SER E 255 46.65 -5.10 30.46
N GLU E 256 45.58 -5.08 29.68
CA GLU E 256 44.35 -4.40 30.07
C GLU E 256 43.49 -5.36 30.89
N ASP E 257 43.15 -4.96 32.11
CA ASP E 257 42.38 -5.82 33.00
C ASP E 257 40.88 -5.77 32.76
N ARG E 258 40.40 -4.83 31.95
CA ARG E 258 38.98 -4.73 31.64
C ARG E 258 38.58 -5.51 30.40
N ILE E 259 39.52 -6.22 29.78
CA ILE E 259 39.24 -7.04 28.61
C ILE E 259 39.09 -8.48 29.08
N LEU E 260 37.89 -9.04 28.89
CA LEU E 260 37.61 -10.39 29.36
C LEU E 260 38.55 -11.38 28.70
N LYS E 261 39.34 -12.09 29.51
CA LYS E 261 40.28 -13.06 28.97
C LYS E 261 39.59 -14.34 28.51
N ASP E 262 38.49 -14.73 29.16
CA ASP E 262 37.80 -15.95 28.77
C ASP E 262 37.17 -15.85 27.39
N ARG E 263 36.98 -14.64 26.87
CA ARG E 263 36.44 -14.45 25.54
C ARG E 263 37.57 -14.58 24.52
N GLU E 264 37.29 -14.20 23.27
CA GLU E 264 38.24 -14.32 22.18
C GLU E 264 38.94 -12.99 21.96
N MET E 265 40.27 -13.02 21.97
CA MET E 265 41.10 -11.85 21.72
C MET E 265 41.79 -12.05 20.38
N THR E 266 41.26 -11.42 19.33
CA THR E 266 41.73 -11.64 17.97
C THR E 266 42.68 -10.51 17.57
N VAL E 267 43.89 -10.86 17.18
CA VAL E 267 44.84 -9.90 16.62
C VAL E 267 45.52 -10.54 15.41
N ARG E 268 44.99 -10.27 14.22
CA ARG E 268 45.52 -10.87 13.01
C ARG E 268 45.40 -9.90 11.84
N LEU E 269 46.29 -10.07 10.87
CA LEU E 269 46.24 -9.25 9.66
C LEU E 269 44.95 -9.53 8.91
N ASN E 270 44.24 -8.47 8.52
CA ASN E 270 42.90 -8.59 7.98
C ASN E 270 42.81 -8.24 6.50
N GLU E 271 43.54 -7.22 6.05
CA GLU E 271 43.39 -6.75 4.67
C GLU E 271 44.68 -6.07 4.24
N LEU E 272 44.91 -6.07 2.93
CA LEU E 272 46.05 -5.38 2.31
C LEU E 272 45.50 -4.15 1.60
N GLY E 273 45.53 -3.02 2.31
CA GLY E 273 44.93 -1.81 1.80
C GLY E 273 45.73 -1.20 0.66
N ALA E 274 45.19 -0.10 0.13
CA ALA E 274 45.84 0.58 -0.98
C ALA E 274 47.22 1.10 -0.59
N SER E 275 47.34 1.68 0.61
CA SER E 275 48.60 2.26 1.05
C SER E 275 49.04 1.74 2.42
N SER E 276 48.34 0.77 2.99
CA SER E 276 48.70 0.26 4.31
C SER E 276 47.97 -1.04 4.64
N ILE E 277 48.69 -2.02 5.17
CA ILE E 277 48.07 -3.24 5.67
C ILE E 277 47.50 -2.97 7.04
N ASN E 278 46.21 -3.22 7.21
CA ASN E 278 45.51 -2.90 8.45
C ASN E 278 45.14 -4.16 9.20
N PHE E 279 45.49 -4.21 10.48
CA PHE E 279 45.18 -5.32 11.36
C PHE E 279 43.81 -5.10 12.01
N VAL E 280 43.27 -6.18 12.58
CA VAL E 280 41.98 -6.14 13.25
C VAL E 280 42.19 -6.68 14.67
N VAL E 281 41.71 -5.92 15.66
CA VAL E 281 41.78 -6.32 17.05
C VAL E 281 40.36 -6.35 17.59
N ARG E 282 39.95 -7.51 18.12
CA ARG E 282 38.61 -7.68 18.67
C ARG E 282 38.75 -8.19 20.10
N VAL E 283 38.18 -7.45 21.05
CA VAL E 283 38.26 -7.80 22.46
C VAL E 283 36.91 -7.53 23.11
N TRP E 284 36.49 -8.43 23.99
CA TRP E 284 35.21 -8.31 24.66
C TRP E 284 35.38 -7.67 26.03
N SER E 285 34.46 -6.78 26.38
CA SER E 285 34.49 -6.09 27.66
C SER E 285 33.09 -5.89 28.16
N ASN E 286 32.97 -5.62 29.46
CA ASN E 286 31.67 -5.37 30.06
C ASN E 286 31.00 -4.18 29.39
N SER E 287 29.68 -4.27 29.21
CA SER E 287 28.96 -3.22 28.50
C SER E 287 29.12 -1.86 29.17
N GLY E 288 29.44 -1.83 30.46
CA GLY E 288 29.64 -0.57 31.15
C GLY E 288 30.89 0.17 30.73
N ASP E 289 32.05 -0.44 30.94
CA ASP E 289 33.33 0.18 30.60
C ASP E 289 33.81 -0.34 29.24
N LEU E 290 33.08 0.09 28.21
CA LEU E 290 33.41 -0.26 26.83
C LEU E 290 34.08 0.90 26.09
N GLN E 291 33.46 2.08 26.11
CA GLN E 291 34.06 3.24 25.46
C GLN E 291 35.38 3.62 26.12
N ASN E 292 35.45 3.54 27.44
CA ASN E 292 36.70 3.83 28.13
C ASN E 292 37.79 2.85 27.72
N VAL E 293 37.46 1.56 27.62
CA VAL E 293 38.43 0.58 27.17
C VAL E 293 38.88 0.90 25.75
N TYR E 294 37.96 1.26 24.87
CA TYR E 294 38.32 1.59 23.50
C TYR E 294 39.30 2.75 23.47
N TRP E 295 38.98 3.83 24.19
CA TRP E 295 39.85 5.01 24.18
C TRP E 295 41.22 4.69 24.75
N ASP E 296 41.27 4.00 25.89
CA ASP E 296 42.55 3.67 26.50
C ASP E 296 43.39 2.79 25.60
N VAL E 297 42.77 1.78 24.99
CA VAL E 297 43.51 0.88 24.11
C VAL E 297 44.04 1.63 22.90
N LEU E 298 43.22 2.52 22.33
CA LEU E 298 43.67 3.27 21.15
C LEU E 298 44.84 4.18 21.50
N GLU E 299 44.75 4.89 22.62
CA GLU E 299 45.86 5.76 23.02
C GLU E 299 47.13 4.96 23.29
N ARG E 300 46.99 3.83 23.98
CA ARG E 300 48.16 3.00 24.26
C ARG E 300 48.77 2.44 22.98
N ILE E 301 47.91 2.06 22.03
CA ILE E 301 48.40 1.56 20.74
C ILE E 301 49.22 2.64 20.05
N LYS E 302 48.69 3.86 20.01
CA LYS E 302 49.43 4.94 19.36
C LYS E 302 50.76 5.17 20.04
N ARG E 303 50.76 5.22 21.38
CA ARG E 303 52.00 5.49 22.11
C ARG E 303 53.04 4.41 21.83
N GLU E 304 52.64 3.13 21.94
CA GLU E 304 53.60 2.05 21.73
C GLU E 304 54.10 2.03 20.29
N PHE E 305 53.21 2.20 19.32
CA PHE E 305 53.66 2.20 17.93
C PHE E 305 54.62 3.34 17.65
N ASP E 306 54.34 4.52 18.21
CA ASP E 306 55.28 5.64 18.06
C ASP E 306 56.62 5.32 18.69
N ALA E 307 56.60 4.73 19.90
CA ALA E 307 57.86 4.39 20.56
C ALA E 307 58.53 3.18 19.92
N ALA E 308 57.75 2.15 19.59
CA ALA E 308 58.32 0.92 19.07
C ALA E 308 59.03 1.16 17.74
N GLY E 309 58.43 1.96 16.86
CA GLY E 309 59.03 2.22 15.56
C GLY E 309 58.04 2.10 14.42
N ILE E 310 56.92 1.40 14.67
CA ILE E 310 55.90 1.27 13.65
C ILE E 310 55.37 2.65 13.27
N SER E 311 55.05 2.81 11.99
CA SER E 311 54.63 4.10 11.45
C SER E 311 53.28 3.96 10.78
N PHE E 312 52.37 4.87 11.11
CA PHE E 312 51.09 4.96 10.41
C PHE E 312 51.29 5.73 9.12
N PRO E 313 50.96 5.18 7.95
CA PRO E 313 51.33 5.82 6.69
C PRO E 313 50.25 6.75 6.17
N TYR E 314 50.70 7.87 5.61
CA TYR E 314 49.81 8.77 4.88
C TYR E 314 49.47 8.16 3.52
N PRO E 315 48.40 8.64 2.88
CA PRO E 315 48.05 8.11 1.56
C PRO E 315 49.21 8.18 0.58
N GLN E 316 49.73 7.02 0.19
CA GLN E 316 50.91 7.01 -0.69
C GLN E 316 50.54 6.94 -2.16
N MET E 317 51.18 7.79 -2.97
CA MET E 317 50.93 7.77 -4.40
C MET E 317 52.22 7.59 -5.17
N ASP E 318 52.21 6.72 -6.17
CA ASP E 318 53.40 6.51 -6.98
C ASP E 318 53.32 7.35 -8.26
N VAL E 319 54.13 8.39 -8.33
CA VAL E 319 54.10 9.27 -9.50
C VAL E 319 55.31 9.03 -10.40
N ASN E 320 55.06 8.89 -11.69
CA ASN E 320 56.14 8.67 -12.65
C ASN E 320 56.26 9.86 -13.59
N PHE E 321 57.43 10.05 -14.19
CA PHE E 321 57.65 11.20 -15.04
C PHE E 321 57.91 10.76 -16.47
N LYS E 322 57.52 11.61 -17.41
CA LYS E 322 57.75 11.36 -18.83
C LYS E 322 58.20 12.61 -19.56
N ARG E 323 58.46 13.69 -18.81
CA ARG E 323 58.95 14.92 -19.39
C ARG E 323 59.76 15.67 -18.34
N VAL E 324 60.92 16.19 -18.75
CA VAL E 324 61.79 16.91 -17.83
C VAL E 324 61.10 18.17 -17.34
N PHE F 1 -37.75 -50.64 20.99
CA PHE F 1 -38.90 -51.32 20.40
C PHE F 1 -38.70 -51.52 18.90
N THR F 2 -39.38 -52.51 18.34
CA THR F 2 -39.26 -52.80 16.92
C THR F 2 -39.73 -51.62 16.07
N ASN F 3 -40.60 -50.77 16.62
CA ASN F 3 -41.10 -49.63 15.86
C ASN F 3 -39.98 -48.68 15.48
N ASN F 4 -38.99 -48.50 16.35
CA ASN F 4 -37.87 -47.60 16.08
C ASN F 4 -36.83 -48.26 15.18
N ALA F 5 -37.29 -48.74 14.02
CA ALA F 5 -36.40 -49.41 13.09
C ALA F 5 -35.31 -48.48 12.58
N LEU F 6 -35.66 -47.22 12.30
CA LEU F 6 -34.67 -46.27 11.82
C LEU F 6 -33.57 -46.05 12.85
N ASN F 7 -33.97 -45.86 14.12
CA ASN F 7 -32.98 -45.66 15.17
C ASN F 7 -32.11 -46.90 15.35
N LEU F 8 -32.72 -48.08 15.31
CA LEU F 8 -31.95 -49.31 15.46
C LEU F 8 -30.94 -49.43 14.32
N VAL F 9 -31.38 -49.13 13.09
CA VAL F 9 -30.48 -49.23 11.94
C VAL F 9 -29.34 -48.24 12.06
N ILE F 10 -29.64 -47.00 12.48
CA ILE F 10 -28.58 -46.00 12.59
C ILE F 10 -27.57 -46.38 13.66
N ILE F 11 -28.06 -46.86 14.81
CA ILE F 11 -27.14 -47.27 15.87
C ILE F 11 -26.28 -48.45 15.42
N PHE F 12 -26.89 -49.43 14.77
CA PHE F 12 -26.14 -50.58 14.28
C PHE F 12 -25.09 -50.15 13.25
N GLY F 13 -25.47 -49.24 12.35
CA GLY F 13 -24.52 -48.75 11.38
C GLY F 13 -23.35 -48.02 12.00
N SER F 14 -23.63 -47.18 13.00
CA SER F 14 -22.55 -46.47 13.69
C SER F 14 -21.61 -47.46 14.37
N CYS F 15 -22.18 -48.46 15.06
CA CYS F 15 -21.36 -49.46 15.73
C CYS F 15 -20.51 -50.24 14.73
N ALA F 16 -21.11 -50.62 13.61
CA ALA F 16 -20.38 -51.37 12.59
C ALA F 16 -19.27 -50.52 11.98
N ALA F 17 -19.54 -49.23 11.76
CA ALA F 17 -18.52 -48.34 11.22
C ALA F 17 -17.35 -48.21 12.19
N LEU F 18 -17.64 -48.05 13.47
CA LEU F 18 -16.57 -47.98 14.47
C LEU F 18 -15.75 -49.26 14.49
N ILE F 19 -16.43 -50.41 14.47
CA ILE F 19 -15.72 -51.68 14.51
C ILE F 19 -14.86 -51.87 13.28
N LEU F 20 -15.39 -51.53 12.10
CA LEU F 20 -14.62 -51.67 10.87
C LEU F 20 -13.43 -50.74 10.86
N MET F 21 -13.60 -49.50 11.33
CA MET F 21 -12.47 -48.58 11.40
C MET F 21 -11.40 -49.11 12.34
N SER F 22 -11.80 -49.66 13.49
CA SER F 22 -10.82 -50.25 14.40
C SER F 22 -10.08 -51.40 13.74
N PHE F 23 -10.82 -52.27 13.04
CA PHE F 23 -10.19 -53.40 12.36
C PHE F 23 -9.20 -52.93 11.30
N TRP F 24 -9.58 -51.94 10.50
CA TRP F 24 -8.69 -51.42 9.48
C TRP F 24 -7.44 -50.82 10.10
N PHE F 25 -7.60 -50.08 11.20
CA PHE F 25 -6.44 -49.46 11.83
C PHE F 25 -5.52 -50.51 12.44
N ARG F 26 -6.08 -51.58 13.00
CA ARG F 26 -5.24 -52.65 13.54
C ARG F 26 -4.38 -53.28 12.45
N ARG F 27 -4.99 -53.60 11.31
CA ARG F 27 -4.22 -54.17 10.20
C ARG F 27 -3.20 -53.17 9.67
N GLY F 28 -3.61 -51.91 9.53
CA GLY F 28 -2.73 -50.87 9.05
C GLY F 28 -3.02 -49.52 9.65
N ASN F 29 -1.97 -48.77 9.97
CA ASN F 29 -2.15 -47.45 10.58
C ASN F 29 -2.92 -46.53 9.64
N ARG F 30 -3.86 -45.78 10.22
CA ARG F 30 -4.66 -44.84 9.43
C ARG F 30 -3.79 -43.70 8.93
N LYS F 31 -4.13 -43.19 7.75
CA LYS F 31 -3.38 -42.10 7.14
C LYS F 31 -3.86 -40.75 7.68
N ARG F 32 -3.37 -39.67 7.11
CA ARG F 32 -3.73 -38.29 7.51
C ARG F 32 -3.38 -38.15 8.99
N LYS F 33 -4.29 -37.69 9.84
CA LYS F 33 -4.06 -37.58 11.27
C LYS F 33 -4.39 -38.91 11.95
N GLY F 34 -3.79 -39.15 13.11
CA GLY F 34 -4.18 -40.27 13.94
C GLY F 34 -5.53 -40.01 14.57
N PHE F 35 -5.97 -38.75 14.50
CA PHE F 35 -7.25 -38.35 15.05
C PHE F 35 -8.44 -38.97 14.33
N LEU F 36 -8.20 -39.81 13.32
CA LEU F 36 -9.29 -40.40 12.56
C LEU F 36 -10.21 -41.22 13.47
N PHE F 37 -9.62 -42.05 14.33
CA PHE F 37 -10.44 -42.85 15.23
C PHE F 37 -11.15 -42.02 16.29
N HIS F 38 -10.63 -40.83 16.61
CA HIS F 38 -11.34 -39.93 17.50
C HIS F 38 -12.52 -39.26 16.81
N ALA F 39 -12.34 -38.85 15.56
CA ALA F 39 -13.45 -38.27 14.79
C ALA F 39 -14.53 -39.31 14.55
N VAL F 40 -14.14 -40.56 14.28
CA VAL F 40 -15.13 -41.62 14.09
C VAL F 40 -15.92 -41.82 15.37
N GLN F 41 -15.23 -41.84 16.52
CA GLN F 41 -15.92 -41.95 17.79
C GLN F 41 -16.86 -40.79 18.02
N PHE F 42 -16.42 -39.57 17.69
CA PHE F 42 -17.27 -38.40 17.85
C PHE F 42 -18.55 -38.53 17.02
N LEU F 43 -18.40 -38.95 15.76
CA LEU F 43 -19.56 -39.08 14.89
C LEU F 43 -20.50 -40.18 15.39
N ILE F 44 -19.93 -41.30 15.85
CA ILE F 44 -20.78 -42.39 16.35
C ILE F 44 -21.52 -41.93 17.61
N TYR F 45 -20.86 -41.16 18.47
CA TYR F 45 -21.52 -40.65 19.67
C TYR F 45 -22.63 -39.68 19.30
N THR F 46 -22.41 -38.84 18.29
CA THR F 46 -23.47 -37.94 17.83
C THR F 46 -24.66 -38.74 17.31
N ILE F 47 -24.40 -39.80 16.55
CA ILE F 47 -25.48 -40.64 16.04
C ILE F 47 -26.23 -41.29 17.19
N ILE F 48 -25.49 -41.78 18.19
CA ILE F 48 -26.14 -42.42 19.34
C ILE F 48 -26.98 -41.42 20.11
N ILE F 49 -26.50 -40.19 20.28
CA ILE F 49 -27.29 -39.20 21.01
C ILE F 49 -28.54 -38.82 20.22
N SER F 50 -28.43 -38.72 18.89
CA SER F 50 -29.62 -38.45 18.09
C SER F 50 -30.63 -39.59 18.23
N ALA F 51 -30.15 -40.83 18.19
CA ALA F 51 -31.05 -41.98 18.36
C ALA F 51 -31.70 -41.96 19.74
N VAL F 52 -30.94 -41.60 20.77
CA VAL F 52 -31.48 -41.54 22.12
C VAL F 52 -32.55 -40.45 22.22
N GLY F 53 -32.30 -39.30 21.58
CA GLY F 53 -33.34 -38.27 21.55
C GLY F 53 -34.60 -38.73 20.85
N SER F 54 -34.44 -39.44 19.73
CA SER F 54 -35.60 -39.96 19.01
C SER F 54 -36.37 -40.96 19.88
N ILE F 55 -35.65 -41.85 20.58
CA ILE F 55 -36.31 -42.82 21.43
C ILE F 55 -37.01 -42.13 22.59
N ILE F 56 -36.41 -41.07 23.13
CA ILE F 56 -37.06 -40.32 24.20
C ILE F 56 -38.35 -39.68 23.69
N ASN F 57 -38.31 -39.11 22.49
CA ASN F 57 -39.52 -38.54 21.90
C ASN F 57 -40.59 -39.62 21.71
N TYR F 58 -40.19 -40.79 21.23
CA TYR F 58 -41.13 -41.89 21.06
C TYR F 58 -41.76 -42.29 22.40
N VAL F 59 -40.93 -42.37 23.44
CA VAL F 59 -41.43 -42.76 24.76
C VAL F 59 -42.41 -41.71 25.27
N ILE F 60 -42.06 -40.44 25.13
CA ILE F 60 -42.95 -39.38 25.62
C ILE F 60 -44.27 -39.38 24.87
N GLU F 61 -44.23 -39.64 23.56
CA GLU F 61 -45.46 -39.75 22.79
C GLU F 61 -46.14 -41.10 22.94
N ASN F 62 -45.46 -42.10 23.51
CA ASN F 62 -46.02 -43.43 23.71
C ASN F 62 -46.11 -43.81 25.18
N TYR F 63 -45.02 -43.68 25.93
CA TYR F 63 -44.99 -44.09 27.32
C TYR F 63 -45.12 -42.88 28.24
N LYS F 64 -45.20 -43.15 29.54
CA LYS F 64 -45.32 -42.09 30.53
C LYS F 64 -44.06 -41.26 30.58
N LEU F 65 -44.22 -39.94 30.72
CA LEU F 65 -43.08 -39.03 30.79
C LEU F 65 -42.47 -38.97 32.19
N LYS F 66 -43.16 -39.49 33.21
CA LYS F 66 -42.67 -39.46 34.59
C LYS F 66 -42.40 -38.03 35.03
N PHE F 67 -43.25 -37.10 34.60
CA PHE F 67 -43.11 -35.68 34.95
C PHE F 67 -41.74 -35.14 34.52
N ILE F 68 -41.25 -35.61 33.38
CA ILE F 68 -39.98 -35.18 32.82
C ILE F 68 -40.26 -34.41 31.54
N THR F 69 -39.95 -33.12 31.55
CA THR F 69 -40.18 -32.30 30.37
C THR F 69 -39.24 -32.73 29.26
N PRO F 70 -39.74 -32.96 28.04
CA PRO F 70 -38.84 -33.34 26.93
C PRO F 70 -37.80 -32.25 26.69
N GLY F 71 -36.55 -32.68 26.57
CA GLY F 71 -35.46 -31.75 26.34
C GLY F 71 -34.25 -32.03 27.21
N VAL F 72 -34.47 -32.71 28.34
CA VAL F 72 -33.36 -33.05 29.23
C VAL F 72 -32.38 -33.98 28.53
N ILE F 73 -32.89 -34.98 27.80
CA ILE F 73 -32.02 -35.89 27.08
C ILE F 73 -31.24 -35.15 26.01
N ASP F 74 -31.90 -34.24 25.29
CA ASP F 74 -31.21 -33.47 24.26
C ASP F 74 -30.10 -32.61 24.88
N PHE F 75 -30.40 -31.97 26.01
CA PHE F 75 -29.39 -31.16 26.68
C PHE F 75 -28.21 -32.02 27.10
N ILE F 76 -28.49 -33.20 27.66
CA ILE F 76 -27.41 -34.08 28.12
C ILE F 76 -26.55 -34.52 26.95
N CYS F 77 -27.18 -34.90 25.84
CA CYS F 77 -26.42 -35.36 24.68
C CYS F 77 -25.59 -34.24 24.09
N THR F 78 -26.16 -33.03 24.00
CA THR F 78 -25.39 -31.90 23.48
C THR F 78 -24.20 -31.59 24.38
N SER F 79 -24.40 -31.62 25.70
CA SER F 79 -23.30 -31.37 26.62
C SER F 79 -22.22 -32.43 26.50
N LEU F 80 -22.62 -33.70 26.37
CA LEU F 80 -21.64 -34.77 26.22
C LEU F 80 -20.85 -34.62 24.93
N ILE F 81 -21.53 -34.27 23.84
CA ILE F 81 -20.85 -34.06 22.57
C ILE F 81 -19.86 -32.91 22.67
N ALA F 82 -20.28 -31.81 23.31
CA ALA F 82 -19.38 -30.68 23.49
C ALA F 82 -18.18 -31.06 24.34
N VAL F 83 -18.40 -31.86 25.39
CA VAL F 83 -17.29 -32.30 26.23
C VAL F 83 -16.30 -33.13 25.43
N ILE F 84 -16.81 -34.05 24.61
CA ILE F 84 -15.92 -34.88 23.80
C ILE F 84 -15.14 -34.01 22.81
N LEU F 85 -15.82 -33.07 22.17
CA LEU F 85 -15.14 -32.18 21.23
C LEU F 85 -14.04 -31.39 21.92
N THR F 86 -14.34 -30.87 23.12
CA THR F 86 -13.34 -30.11 23.86
C THR F 86 -12.15 -30.98 24.25
N ILE F 87 -12.43 -32.22 24.66
CA ILE F 87 -11.34 -33.13 25.04
C ILE F 87 -10.44 -33.40 23.84
N LYS F 88 -11.05 -33.65 22.68
CA LYS F 88 -10.26 -33.89 21.47
C LYS F 88 -9.44 -32.65 21.09
N LEU F 89 -10.05 -31.48 21.18
CA LEU F 89 -9.33 -30.25 20.88
C LEU F 89 -8.15 -30.05 21.82
N PHE F 90 -8.35 -30.33 23.11
CA PHE F 90 -7.27 -30.20 24.07
C PHE F 90 -6.15 -31.21 23.81
N LEU F 91 -6.51 -32.43 23.42
CA LEU F 91 -5.49 -33.40 23.05
C LEU F 91 -4.68 -32.93 21.85
N LEU F 92 -5.37 -32.36 20.85
CA LEU F 92 -4.67 -31.80 19.70
C LEU F 92 -3.74 -30.66 20.12
N ILE F 93 -4.21 -29.80 21.04
CA ILE F 93 -3.38 -28.71 21.52
C ILE F 93 -2.14 -29.26 22.22
N ASN F 94 -2.31 -30.30 23.03
CA ASN F 94 -1.17 -30.90 23.71
C ASN F 94 -0.18 -31.49 22.72
N GLN F 95 -0.67 -32.17 21.69
CA GLN F 95 0.23 -32.70 20.67
C GLN F 95 1.00 -31.58 19.98
N PHE F 96 0.29 -30.51 19.61
CA PHE F 96 0.94 -29.38 18.95
C PHE F 96 1.99 -28.74 19.87
N GLU F 97 1.66 -28.57 21.15
CA GLU F 97 2.59 -27.95 22.08
C GLU F 97 3.82 -28.83 22.26
N LYS F 98 3.65 -30.15 22.35
CA LYS F 98 4.80 -31.04 22.45
C LYS F 98 5.67 -30.94 21.20
N GLN F 99 5.05 -30.91 20.02
CA GLN F 99 5.81 -30.81 18.78
C GLN F 99 6.60 -29.52 18.74
N GLN F 100 5.97 -28.40 19.08
CA GLN F 100 6.67 -27.12 19.10
C GLN F 100 7.79 -27.12 20.13
N ALA F 101 7.54 -27.68 21.32
CA ALA F 101 8.54 -27.69 22.36
C ALA F 101 9.77 -28.48 21.93
N ALA F 102 9.60 -29.78 21.69
CA ALA F 102 10.75 -30.61 21.31
C ALA F 102 10.91 -30.69 19.80
N LYS F 103 10.81 -29.54 19.12
CA LYS F 103 11.29 -29.42 17.75
C LYS F 103 12.34 -28.32 17.62
N GLY F 104 11.97 -27.07 17.91
CA GLY F 104 12.92 -25.98 17.91
C GLY F 104 12.65 -24.94 18.98
N ARG F 105 11.55 -25.08 19.70
CA ARG F 105 11.05 -24.02 20.58
C ARG F 105 11.38 -24.32 22.04
N ASP F 106 11.22 -23.28 22.86
CA ASP F 106 11.43 -23.38 24.30
C ASP F 106 10.12 -23.76 24.99
N ILE F 107 10.10 -23.68 26.32
CA ILE F 107 8.93 -24.12 27.07
C ILE F 107 7.94 -22.98 27.30
N THR F 108 8.43 -21.77 27.56
CA THR F 108 7.53 -20.66 27.86
C THR F 108 6.62 -20.37 26.67
N SER F 109 7.18 -20.30 25.47
CA SER F 109 6.37 -20.00 24.29
C SER F 109 5.35 -21.11 24.05
N ALA F 110 5.76 -22.36 24.21
CA ALA F 110 4.82 -23.47 24.00
C ALA F 110 3.68 -23.42 25.01
N ARG F 111 3.99 -23.14 26.28
CA ARG F 111 2.95 -23.06 27.29
C ARG F 111 2.00 -21.90 26.99
N ILE F 112 2.55 -20.76 26.58
CA ILE F 112 1.71 -19.60 26.27
C ILE F 112 0.78 -19.91 25.11
N MET F 113 1.32 -20.54 24.05
CA MET F 113 0.49 -20.92 22.91
C MET F 113 -0.59 -21.89 23.33
N SER F 114 -0.24 -22.89 24.14
CA SER F 114 -1.22 -23.88 24.58
C SER F 114 -2.34 -23.22 25.36
N ARG F 115 -2.01 -22.33 26.28
CA ARG F 115 -3.05 -21.75 27.12
C ARG F 115 -3.88 -20.74 26.33
N ILE F 116 -3.26 -20.08 25.34
CA ILE F 116 -4.03 -19.22 24.45
C ILE F 116 -5.05 -20.05 23.67
N ILE F 117 -4.63 -21.20 23.15
CA ILE F 117 -5.55 -22.05 22.40
C ILE F 117 -6.67 -22.56 23.32
N LYS F 118 -6.31 -22.91 24.56
CA LYS F 118 -7.33 -23.35 25.51
C LYS F 118 -8.34 -22.25 25.79
N ILE F 119 -7.86 -21.01 25.96
CA ILE F 119 -8.77 -19.89 26.20
C ILE F 119 -9.68 -19.68 25.00
N THR F 120 -9.12 -19.80 23.79
CA THR F 120 -9.94 -19.65 22.59
C THR F 120 -11.02 -20.71 22.53
N ILE F 121 -10.68 -21.96 22.86
CA ILE F 121 -11.67 -23.03 22.85
C ILE F 121 -12.74 -22.76 23.91
N ILE F 122 -12.34 -22.28 25.08
CA ILE F 122 -13.32 -21.95 26.12
C ILE F 122 -14.26 -20.86 25.63
N VAL F 123 -13.72 -19.85 24.95
CA VAL F 123 -14.54 -18.76 24.44
C VAL F 123 -15.53 -19.28 23.41
N VAL F 124 -15.08 -20.16 22.51
CA VAL F 124 -15.98 -20.71 21.51
C VAL F 124 -17.06 -21.55 22.18
N LEU F 125 -16.71 -22.30 23.23
CA LEU F 125 -17.70 -23.04 23.98
C LEU F 125 -18.75 -22.10 24.57
N VAL F 126 -18.31 -21.02 25.21
CA VAL F 126 -19.25 -20.08 25.81
C VAL F 126 -20.16 -19.48 24.75
N LEU F 127 -19.60 -19.11 23.61
CA LEU F 127 -20.40 -18.54 22.54
C LEU F 127 -21.44 -19.54 22.03
N LEU F 128 -21.04 -20.81 21.88
CA LEU F 128 -21.99 -21.82 21.40
C LEU F 128 -22.96 -22.24 22.48
N TYR F 129 -22.57 -22.14 23.75
CA TYR F 129 -23.45 -22.52 24.85
C TYR F 129 -24.61 -21.55 25.02
N GLY F 130 -24.59 -20.40 24.34
CA GLY F 130 -25.64 -19.41 24.49
C GLY F 130 -27.00 -19.84 23.96
N GLU F 131 -27.07 -20.93 23.21
CA GLU F 131 -28.34 -21.39 22.66
C GLU F 131 -29.28 -21.94 23.73
N HIS F 132 -28.85 -21.98 24.99
CA HIS F 132 -29.67 -22.49 26.08
C HIS F 132 -30.40 -21.39 26.84
N PHE F 133 -29.67 -20.37 27.31
CA PHE F 133 -30.25 -19.27 28.04
C PHE F 133 -29.76 -17.95 27.45
N GLY F 134 -30.67 -16.98 27.36
CA GLY F 134 -30.34 -15.68 26.83
C GLY F 134 -29.93 -14.68 27.90
N VAL F 135 -30.07 -15.08 29.16
CA VAL F 135 -29.72 -14.23 30.30
C VAL F 135 -28.41 -14.68 30.95
N GLN F 136 -27.73 -15.66 30.37
CA GLN F 136 -26.47 -16.17 30.90
C GLN F 136 -25.27 -15.78 30.05
N THR F 137 -25.37 -15.87 28.73
CA THR F 137 -24.28 -15.51 27.83
C THR F 137 -24.63 -14.42 26.84
N ALA F 138 -25.90 -14.29 26.46
CA ALA F 138 -26.29 -13.24 25.53
C ALA F 138 -26.00 -11.86 26.12
N SER F 139 -26.26 -11.68 27.41
CA SER F 139 -25.96 -10.41 28.07
C SER F 139 -24.46 -10.12 28.12
N VAL F 140 -23.62 -11.12 27.87
CA VAL F 140 -22.18 -10.93 27.89
C VAL F 140 -21.56 -11.20 26.52
N ILE F 141 -22.17 -12.06 25.72
CA ILE F 141 -21.62 -12.38 24.40
C ILE F 141 -21.72 -11.17 23.48
N ALA F 142 -22.81 -10.41 23.57
CA ALA F 142 -22.97 -9.24 22.70
C ALA F 142 -21.82 -8.26 22.87
N VAL F 143 -21.20 -8.24 24.05
CA VAL F 143 -20.05 -7.36 24.28
C VAL F 143 -18.74 -8.08 24.00
N LEU F 144 -18.64 -9.36 24.36
CA LEU F 144 -17.39 -10.10 24.12
C LEU F 144 -17.09 -10.20 22.64
N GLY F 145 -18.09 -10.48 21.81
CA GLY F 145 -17.85 -10.58 20.38
C GLY F 145 -17.37 -9.27 19.78
N ALA F 146 -18.02 -8.17 20.15
CA ALA F 146 -17.61 -6.86 19.64
C ALA F 146 -16.20 -6.51 20.11
N ALA F 147 -15.89 -6.78 21.38
CA ALA F 147 -14.55 -6.48 21.88
C ALA F 147 -13.50 -7.32 21.15
N GLY F 148 -13.79 -8.60 20.93
CA GLY F 148 -12.85 -9.44 20.20
C GLY F 148 -12.64 -8.98 18.77
N LEU F 149 -13.73 -8.59 18.10
CA LEU F 149 -13.60 -8.08 16.74
C LEU F 149 -12.77 -6.80 16.70
N ALA F 150 -13.02 -5.88 17.63
CA ALA F 150 -12.24 -4.64 17.68
C ALA F 150 -10.77 -4.92 17.94
N VAL F 151 -10.49 -5.84 18.87
CA VAL F 151 -9.11 -6.20 19.15
C VAL F 151 -8.44 -6.84 17.94
N GLY F 152 -9.11 -7.76 17.26
CA GLY F 152 -8.54 -8.36 16.07
C GLY F 152 -8.26 -7.33 14.99
N LEU F 153 -9.17 -6.37 14.82
CA LEU F 153 -8.92 -5.28 13.88
C LEU F 153 -7.70 -4.47 14.28
N ALA F 154 -7.57 -4.16 15.57
CA ALA F 154 -6.40 -3.42 16.03
C ALA F 154 -5.18 -4.33 16.15
N LEU F 155 -5.40 -5.60 16.48
CA LEU F 155 -4.31 -6.54 16.75
C LEU F 155 -3.96 -7.39 15.54
N GLN F 156 -4.43 -7.02 14.35
CA GLN F 156 -4.18 -7.85 13.16
C GLN F 156 -2.70 -8.20 13.03
N GLY F 157 -1.82 -7.24 13.29
CA GLY F 157 -0.40 -7.53 13.27
C GLY F 157 -0.01 -8.61 14.26
N SER F 158 -0.68 -8.64 15.42
CA SER F 158 -0.38 -9.65 16.42
C SER F 158 -0.67 -11.05 15.90
N LEU F 159 -1.83 -11.24 15.28
CA LEU F 159 -2.15 -12.54 14.70
C LEU F 159 -1.22 -12.88 13.55
N SER F 160 -0.85 -11.88 12.73
CA SER F 160 0.09 -12.15 11.65
C SER F 160 1.42 -12.64 12.21
N ASN F 161 1.93 -11.98 13.25
CA ASN F 161 3.19 -12.39 13.86
C ASN F 161 3.07 -13.78 14.47
N LEU F 162 1.94 -14.08 15.12
CA LEU F 162 1.76 -15.40 15.72
C LEU F 162 1.77 -16.48 14.65
N ALA F 163 1.07 -16.25 13.55
CA ALA F 163 1.05 -17.23 12.46
C ALA F 163 2.45 -17.41 11.86
N ALA F 164 3.17 -16.30 11.66
CA ALA F 164 4.52 -16.40 11.13
C ALA F 164 5.42 -17.19 12.06
N GLY F 165 5.29 -16.97 13.37
CA GLY F 165 6.09 -17.73 14.32
C GLY F 165 5.75 -19.21 14.30
N VAL F 166 4.45 -19.53 14.21
CA VAL F 166 4.07 -20.94 14.12
C VAL F 166 4.67 -21.58 12.88
N LEU F 167 4.63 -20.87 11.75
CA LEU F 167 5.23 -21.40 10.54
C LEU F 167 6.74 -21.59 10.71
N LEU F 168 7.41 -20.62 11.34
CA LEU F 168 8.85 -20.74 11.53
C LEU F 168 9.21 -21.91 12.42
N VAL F 169 8.37 -22.21 13.41
CA VAL F 169 8.60 -23.40 14.23
C VAL F 169 8.34 -24.67 13.43
N MET F 170 7.30 -24.66 12.60
CA MET F 170 6.98 -25.84 11.81
C MET F 170 8.02 -26.06 10.71
N PHE F 171 8.13 -25.12 9.78
CA PHE F 171 9.22 -25.11 8.81
C PHE F 171 10.41 -24.42 9.45
N ARG F 172 11.57 -25.09 9.45
CA ARG F 172 12.71 -24.53 10.15
C ARG F 172 13.74 -23.98 9.17
N PRO F 173 13.56 -22.77 8.65
CA PRO F 173 14.64 -22.15 7.86
C PRO F 173 15.90 -21.95 8.66
N PHE F 174 15.78 -21.69 9.96
CA PHE F 174 16.93 -21.51 10.83
C PHE F 174 16.61 -22.06 12.21
N ARG F 175 17.61 -22.68 12.84
CA ARG F 175 17.48 -23.19 14.18
C ARG F 175 18.24 -22.31 15.16
N ALA F 176 17.97 -22.50 16.45
CA ALA F 176 18.69 -21.76 17.47
C ALA F 176 20.18 -22.02 17.35
N GLY F 177 20.97 -20.96 17.48
CA GLY F 177 22.41 -21.07 17.36
C GLY F 177 22.93 -21.09 15.95
N GLU F 178 22.12 -20.70 14.97
CA GLU F 178 22.52 -20.68 13.56
C GLU F 178 22.64 -19.25 13.10
N TYR F 179 23.81 -18.89 12.57
CA TYR F 179 24.05 -17.53 12.11
C TYR F 179 23.24 -17.27 10.84
N VAL F 180 22.32 -16.31 10.90
CA VAL F 180 21.43 -16.02 9.79
C VAL F 180 21.39 -14.52 9.55
N ASP F 181 20.94 -14.15 8.35
CA ASP F 181 20.77 -12.76 7.96
C ASP F 181 19.33 -12.57 7.52
N LEU F 182 18.57 -11.77 8.27
CA LEU F 182 17.14 -11.58 8.04
C LEU F 182 16.90 -10.12 7.65
N GLY F 183 16.90 -9.86 6.34
CA GLY F 183 16.63 -8.53 5.84
C GLY F 183 17.65 -7.50 6.26
N GLY F 184 18.93 -7.83 6.14
CA GLY F 184 19.99 -6.90 6.47
C GLY F 184 20.36 -6.83 7.94
N VAL F 185 19.91 -7.78 8.74
CA VAL F 185 20.23 -7.81 10.18
C VAL F 185 20.76 -9.21 10.47
N ALA F 186 22.08 -9.35 10.49
CA ALA F 186 22.72 -10.64 10.68
C ALA F 186 23.13 -10.84 12.14
N GLY F 187 23.02 -12.08 12.59
CA GLY F 187 23.42 -12.42 13.94
C GLY F 187 22.94 -13.80 14.32
N THR F 188 23.57 -14.35 15.36
CA THR F 188 23.18 -15.67 15.84
C THR F 188 21.77 -15.66 16.38
N VAL F 189 20.98 -16.67 16.02
CA VAL F 189 19.59 -16.78 16.45
C VAL F 189 19.55 -17.42 17.82
N LEU F 190 18.83 -16.79 18.75
CA LEU F 190 18.72 -17.30 20.11
C LEU F 190 17.48 -18.18 20.29
N SER F 191 16.31 -17.68 19.90
CA SER F 191 15.08 -18.43 20.07
C SER F 191 13.91 -17.76 19.35
N VAL F 192 13.01 -18.56 18.79
CA VAL F 192 11.82 -18.04 18.13
C VAL F 192 10.68 -18.04 19.14
N GLN F 193 10.17 -16.86 19.46
CA GLN F 193 9.10 -16.71 20.44
C GLN F 193 7.76 -16.55 19.73
N ILE F 194 6.72 -16.21 20.48
CA ILE F 194 5.38 -16.13 19.92
C ILE F 194 5.30 -15.03 18.88
N PHE F 195 5.84 -13.85 19.18
CA PHE F 195 5.69 -12.69 18.32
C PHE F 195 6.98 -12.20 17.69
N SER F 196 8.14 -12.60 18.20
CA SER F 196 9.41 -12.11 17.70
C SER F 196 10.51 -13.09 18.04
N THR F 197 11.60 -13.01 17.29
CA THR F 197 12.78 -13.83 17.51
C THR F 197 13.97 -12.91 17.80
N THR F 198 14.67 -13.19 18.89
CA THR F 198 15.80 -12.37 19.31
C THR F 198 17.10 -13.07 18.91
N MET F 199 17.95 -12.36 18.17
CA MET F 199 19.25 -12.85 17.76
C MET F 199 20.33 -11.91 18.27
N ARG F 200 21.42 -12.50 18.79
CA ARG F 200 22.55 -11.72 19.27
C ARG F 200 23.56 -11.55 18.15
N THR F 201 23.77 -10.31 17.73
CA THR F 201 24.70 -10.03 16.64
C THR F 201 26.12 -10.38 17.06
N ALA F 202 27.05 -10.20 16.12
CA ALA F 202 28.45 -10.49 16.42
C ALA F 202 28.98 -9.60 17.52
N ASP F 203 28.61 -8.31 17.51
CA ASP F 203 29.09 -7.39 18.52
C ASP F 203 28.63 -7.79 19.91
N GLY F 204 27.36 -8.18 20.04
CA GLY F 204 26.83 -8.57 21.32
C GLY F 204 25.53 -7.87 21.68
N LYS F 205 24.95 -7.17 20.71
CA LYS F 205 23.70 -6.46 20.93
C LYS F 205 22.51 -7.32 20.49
N ILE F 206 21.50 -7.40 21.35
CA ILE F 206 20.34 -8.22 21.09
C ILE F 206 19.42 -7.50 20.10
N ILE F 207 18.83 -8.25 19.18
CA ILE F 207 17.93 -7.71 18.17
C ILE F 207 16.64 -8.52 18.19
N VAL F 208 15.51 -7.81 18.21
CA VAL F 208 14.18 -8.42 18.21
C VAL F 208 13.51 -8.07 16.90
N ILE F 209 13.05 -9.09 16.17
CA ILE F 209 12.42 -8.92 14.87
C ILE F 209 11.05 -9.59 14.91
N PRO F 210 9.98 -8.90 14.57
CA PRO F 210 8.67 -9.56 14.48
C PRO F 210 8.69 -10.67 13.45
N ASN F 211 7.99 -11.76 13.76
CA ASN F 211 8.01 -12.91 12.87
C ASN F 211 7.37 -12.61 11.51
N GLY F 212 6.47 -11.65 11.47
CA GLY F 212 5.80 -11.34 10.21
C GLY F 212 6.77 -10.91 9.13
N LYS F 213 7.67 -9.98 9.46
CA LYS F 213 8.64 -9.52 8.47
C LYS F 213 9.72 -10.57 8.22
N ILE F 214 10.00 -11.42 9.21
CA ILE F 214 10.93 -12.52 8.99
C ILE F 214 10.40 -13.47 7.92
N ILE F 215 9.11 -13.81 8.02
CA ILE F 215 8.51 -14.70 7.03
C ILE F 215 8.36 -14.00 5.68
N ALA F 216 7.97 -12.73 5.69
CA ALA F 216 7.73 -12.01 4.44
C ALA F 216 9.00 -11.74 3.65
N GLY F 217 10.17 -11.82 4.29
CA GLY F 217 11.42 -11.52 3.64
C GLY F 217 12.26 -12.75 3.34
N ASN F 218 13.47 -12.49 2.86
CA ASN F 218 14.42 -13.54 2.54
C ASN F 218 15.23 -13.90 3.78
N ILE F 219 15.54 -15.18 3.92
CA ILE F 219 16.34 -15.69 5.03
C ILE F 219 17.61 -16.30 4.45
N ILE F 220 18.76 -15.73 4.79
CA ILE F 220 20.05 -16.25 4.38
C ILE F 220 20.64 -17.00 5.57
N ASN F 221 20.93 -18.28 5.39
CA ASN F 221 21.43 -19.14 6.44
C ASN F 221 22.92 -19.39 6.19
N PHE F 222 23.78 -18.78 7.02
CA PHE F 222 25.22 -18.92 6.82
C PHE F 222 25.73 -20.27 7.29
N SER F 223 25.16 -20.82 8.36
CA SER F 223 25.68 -22.02 8.99
C SER F 223 24.85 -23.27 8.67
N ARG F 224 24.19 -23.29 7.51
CA ARG F 224 23.41 -24.46 7.12
C ARG F 224 24.26 -25.48 6.34
N GLU F 225 24.87 -25.05 5.25
CA GLU F 225 25.72 -25.95 4.48
C GLU F 225 27.03 -26.20 5.23
N PRO F 226 27.49 -27.45 5.31
CA PRO F 226 28.73 -27.72 6.06
C PRO F 226 29.97 -27.12 5.45
N VAL F 227 29.96 -26.78 4.16
CA VAL F 227 31.14 -26.27 3.47
C VAL F 227 30.81 -24.93 2.83
N ARG F 228 31.71 -23.96 3.01
CA ARG F 228 31.58 -22.63 2.43
C ARG F 228 32.87 -22.27 1.73
N ARG F 229 32.82 -21.23 0.90
CA ARG F 229 33.91 -20.86 0.01
C ARG F 229 34.52 -19.54 0.41
N ASN F 230 35.84 -19.45 0.34
CA ASN F 230 36.59 -18.22 0.57
C ASN F 230 37.03 -17.64 -0.76
N GLU F 231 37.03 -16.31 -0.86
CA GLU F 231 37.46 -15.61 -2.05
C GLU F 231 38.54 -14.60 -1.67
N PHE F 232 39.64 -14.62 -2.41
CA PHE F 232 40.73 -13.67 -2.23
C PHE F 232 40.88 -12.83 -3.49
N ILE F 233 41.32 -11.59 -3.30
CA ILE F 233 41.59 -10.67 -4.40
C ILE F 233 42.97 -10.08 -4.14
N ILE F 234 44.00 -10.67 -4.74
CA ILE F 234 45.37 -10.24 -4.55
C ILE F 234 45.77 -9.39 -5.74
N GLY F 235 46.12 -8.13 -5.49
CA GLY F 235 46.51 -7.23 -6.56
C GLY F 235 48.01 -7.03 -6.63
N VAL F 236 48.66 -7.62 -7.61
CA VAL F 236 50.09 -7.51 -7.78
C VAL F 236 50.39 -6.49 -8.89
N ALA F 237 51.65 -6.08 -8.97
CA ALA F 237 52.05 -5.10 -9.97
C ALA F 237 52.01 -5.72 -11.36
N TYR F 238 51.95 -4.85 -12.38
CA TYR F 238 51.89 -5.32 -13.76
C TYR F 238 53.14 -6.09 -14.14
N ASP F 239 54.31 -5.62 -13.70
CA ASP F 239 55.57 -6.29 -14.04
C ASP F 239 55.65 -7.70 -13.48
N SER F 240 54.89 -8.01 -12.43
CA SER F 240 54.97 -9.32 -11.80
C SER F 240 54.63 -10.42 -12.81
N ASP F 241 55.44 -11.47 -12.80
CA ASP F 241 55.23 -12.58 -13.72
C ASP F 241 53.95 -13.32 -13.32
N ILE F 242 53.11 -13.62 -14.31
CA ILE F 242 51.85 -14.29 -14.03
C ILE F 242 52.09 -15.74 -13.59
N ASP F 243 52.98 -16.44 -14.29
CA ASP F 243 53.21 -17.85 -13.96
C ASP F 243 53.74 -18.01 -12.55
N GLN F 244 54.68 -17.16 -12.14
CA GLN F 244 55.24 -17.26 -10.79
C GLN F 244 54.17 -17.01 -9.74
N VAL F 245 53.33 -15.99 -9.97
CA VAL F 245 52.28 -15.67 -9.00
C VAL F 245 51.30 -16.82 -8.88
N LYS F 246 50.88 -17.38 -10.03
CA LYS F 246 49.93 -18.49 -9.98
C LYS F 246 50.55 -19.71 -9.30
N GLN F 247 51.82 -19.99 -9.58
CA GLN F 247 52.46 -21.13 -8.93
C GLN F 247 52.56 -20.93 -7.43
N ILE F 248 52.92 -19.73 -6.99
CA ILE F 248 53.00 -19.46 -5.56
C ILE F 248 51.64 -19.62 -4.90
N LEU F 249 50.60 -19.07 -5.53
CA LEU F 249 49.26 -19.17 -4.95
C LEU F 249 48.80 -20.62 -4.89
N THR F 250 49.08 -21.40 -5.94
CA THR F 250 48.71 -22.82 -5.93
C THR F 250 49.46 -23.57 -4.84
N ASN F 251 50.74 -23.29 -4.66
CA ASN F 251 51.51 -23.95 -3.61
C ASN F 251 50.94 -23.60 -2.24
N ILE F 252 50.56 -22.34 -2.03
CA ILE F 252 49.96 -21.95 -0.75
C ILE F 252 48.64 -22.68 -0.54
N ILE F 253 47.82 -22.76 -1.59
CA ILE F 253 46.51 -23.39 -1.46
C ILE F 253 46.66 -24.87 -1.13
N GLN F 254 47.55 -25.56 -1.84
CA GLN F 254 47.68 -27.01 -1.66
C GLN F 254 48.24 -27.37 -0.29
N SER F 255 49.21 -26.58 0.21
CA SER F 255 49.84 -26.91 1.47
C SER F 255 48.89 -26.77 2.67
N GLU F 256 47.73 -26.15 2.50
CA GLU F 256 46.77 -26.00 3.56
C GLU F 256 45.88 -27.24 3.62
N ASP F 257 45.84 -27.90 4.78
CA ASP F 257 45.08 -29.13 4.93
C ASP F 257 43.61 -28.90 5.23
N ARG F 258 43.21 -27.66 5.53
CA ARG F 258 41.81 -27.34 5.81
C ARG F 258 41.05 -26.92 4.57
N ILE F 259 41.68 -26.93 3.40
CA ILE F 259 41.03 -26.58 2.14
C ILE F 259 40.66 -27.88 1.44
N LEU F 260 39.36 -28.08 1.24
CA LEU F 260 38.88 -29.32 0.64
C LEU F 260 39.45 -29.48 -0.76
N LYS F 261 40.20 -30.56 -0.97
CA LYS F 261 40.80 -30.81 -2.28
C LYS F 261 39.79 -31.29 -3.31
N ASP F 262 38.76 -32.02 -2.87
CA ASP F 262 37.77 -32.52 -3.81
C ASP F 262 36.94 -31.40 -4.44
N ARG F 263 36.93 -30.22 -3.83
CA ARG F 263 36.22 -29.08 -4.39
C ARG F 263 37.09 -28.41 -5.44
N GLU F 264 36.69 -27.22 -5.88
CA GLU F 264 37.40 -26.48 -6.92
C GLU F 264 38.31 -25.45 -6.29
N MET F 265 39.59 -25.48 -6.67
CA MET F 265 40.59 -24.53 -6.21
C MET F 265 40.98 -23.66 -7.39
N THR F 266 40.42 -22.46 -7.45
CA THR F 266 40.59 -21.56 -8.59
C THR F 266 41.68 -20.54 -8.29
N VAL F 267 42.70 -20.49 -9.13
CA VAL F 267 43.71 -19.45 -9.05
C VAL F 267 44.01 -18.95 -10.46
N ARG F 268 43.36 -17.86 -10.87
CA ARG F 268 43.52 -17.36 -12.22
C ARG F 268 43.42 -15.84 -12.22
N LEU F 269 44.07 -15.22 -13.20
CA LEU F 269 43.99 -13.77 -13.35
C LEU F 269 42.56 -13.38 -13.68
N ASN F 270 42.04 -12.38 -12.95
CA ASN F 270 40.63 -12.02 -13.02
C ASN F 270 40.36 -10.68 -13.67
N GLU F 271 41.19 -9.68 -13.43
CA GLU F 271 40.92 -8.35 -13.91
C GLU F 271 42.23 -7.58 -14.05
N LEU F 272 42.22 -6.59 -14.93
CA LEU F 272 43.35 -5.69 -15.15
C LEU F 272 42.97 -4.34 -14.54
N GLY F 273 43.35 -4.13 -13.29
CA GLY F 273 42.95 -2.94 -12.58
C GLY F 273 43.65 -1.69 -13.07
N ALA F 274 43.29 -0.57 -12.45
CA ALA F 274 43.86 0.71 -12.85
C ALA F 274 45.37 0.74 -12.61
N SER F 275 45.81 0.21 -11.46
CA SER F 275 47.22 0.24 -11.10
C SER F 275 47.78 -1.13 -10.74
N SER F 276 47.00 -2.19 -10.90
CA SER F 276 47.45 -3.53 -10.53
C SER F 276 46.54 -4.61 -11.06
N ILE F 277 47.11 -5.67 -11.63
CA ILE F 277 46.34 -6.84 -12.04
C ILE F 277 46.09 -7.69 -10.81
N ASN F 278 44.81 -7.97 -10.52
CA ASN F 278 44.45 -8.69 -9.32
C ASN F 278 43.94 -10.08 -9.66
N PHE F 279 44.50 -11.08 -8.98
CA PHE F 279 44.11 -12.48 -9.15
C PHE F 279 42.95 -12.80 -8.20
N VAL F 280 42.30 -13.93 -8.47
CA VAL F 280 41.19 -14.42 -7.66
C VAL F 280 41.51 -15.83 -7.22
N VAL F 281 41.39 -16.08 -5.91
CA VAL F 281 41.61 -17.39 -5.33
C VAL F 281 40.33 -17.81 -4.63
N ARG F 282 39.78 -18.96 -5.01
CA ARG F 282 38.56 -19.49 -4.42
C ARG F 282 38.84 -20.89 -3.93
N VAL F 283 38.61 -21.12 -2.64
CA VAL F 283 38.86 -22.42 -2.02
C VAL F 283 37.74 -22.72 -1.04
N TRP F 284 37.29 -23.97 -1.02
CA TRP F 284 36.19 -24.40 -0.16
C TRP F 284 36.74 -25.00 1.12
N SER F 285 36.10 -24.68 2.24
CA SER F 285 36.52 -25.19 3.54
C SER F 285 35.29 -25.43 4.40
N ASN F 286 35.46 -26.23 5.44
CA ASN F 286 34.37 -26.50 6.36
C ASN F 286 33.87 -25.21 6.98
N SER F 287 32.55 -25.12 7.18
CA SER F 287 31.96 -23.90 7.69
C SER F 287 32.52 -23.51 9.05
N GLY F 288 33.06 -24.46 9.80
CA GLY F 288 33.64 -24.17 11.09
C GLY F 288 34.92 -23.37 11.01
N ASP F 289 35.95 -23.95 10.38
CA ASP F 289 37.25 -23.30 10.26
C ASP F 289 37.36 -22.61 8.91
N LEU F 290 36.57 -21.55 8.75
CA LEU F 290 36.58 -20.73 7.54
C LEU F 290 37.34 -19.42 7.73
N GLN F 291 37.00 -18.67 8.77
CA GLN F 291 37.72 -17.41 9.03
C GLN F 291 39.18 -17.67 9.35
N ASN F 292 39.46 -18.73 10.11
CA ASN F 292 40.84 -19.07 10.41
C ASN F 292 41.62 -19.41 9.14
N VAL F 293 41.00 -20.17 8.25
CA VAL F 293 41.64 -20.48 6.98
C VAL F 293 41.90 -19.21 6.19
N TYR F 294 40.93 -18.31 6.14
CA TYR F 294 41.12 -17.05 5.43
C TYR F 294 42.30 -16.28 5.97
N TRP F 295 42.36 -16.12 7.30
CA TRP F 295 43.44 -15.33 7.90
C TRP F 295 44.79 -16.00 7.66
N ASP F 296 44.88 -17.31 7.86
CA ASP F 296 46.15 -17.99 7.66
C ASP F 296 46.61 -17.90 6.21
N VAL F 297 45.69 -18.10 5.26
CA VAL F 297 46.05 -18.03 3.86
C VAL F 297 46.51 -16.63 3.49
N LEU F 298 45.82 -15.60 4.00
CA LEU F 298 46.20 -14.23 3.67
C LEU F 298 47.59 -13.91 4.23
N GLU F 299 47.85 -14.29 5.48
CA GLU F 299 49.16 -14.03 6.05
C GLU F 299 50.26 -14.77 5.29
N ARG F 300 50.01 -16.04 4.95
CA ARG F 300 51.00 -16.80 4.21
C ARG F 300 51.24 -16.19 2.83
N ILE F 301 50.17 -15.72 2.18
CA ILE F 301 50.31 -15.08 0.87
C ILE F 301 51.20 -13.86 0.99
N LYS F 302 50.95 -13.02 2.00
CA LYS F 302 51.78 -11.84 2.16
C LYS F 302 53.23 -12.22 2.40
N ARG F 303 53.47 -13.19 3.28
CA ARG F 303 54.85 -13.58 3.58
C ARG F 303 55.57 -14.09 2.34
N GLU F 304 54.94 -15.00 1.61
CA GLU F 304 55.58 -15.56 0.42
C GLU F 304 55.82 -14.50 -0.65
N PHE F 305 54.82 -13.63 -0.89
CA PHE F 305 55.01 -12.59 -1.90
C PHE F 305 56.14 -11.64 -1.51
N ASP F 306 56.23 -11.28 -0.22
CA ASP F 306 57.33 -10.45 0.24
C ASP F 306 58.66 -11.15 0.03
N ALA F 307 58.74 -12.44 0.37
CA ALA F 307 59.98 -13.17 0.20
C ALA F 307 60.26 -13.49 -1.27
N ALA F 308 59.22 -13.91 -2.00
CA ALA F 308 59.42 -14.32 -3.39
C ALA F 308 59.92 -13.18 -4.25
N GLY F 309 59.36 -11.98 -4.06
CA GLY F 309 59.76 -10.83 -4.85
C GLY F 309 58.59 -10.05 -5.39
N ILE F 310 57.41 -10.69 -5.42
CA ILE F 310 56.22 -9.99 -5.88
C ILE F 310 55.95 -8.79 -4.98
N SER F 311 55.45 -7.71 -5.58
CA SER F 311 55.23 -6.46 -4.88
C SER F 311 53.78 -6.03 -5.02
N PHE F 312 53.15 -5.67 -3.91
CA PHE F 312 51.83 -5.08 -3.94
C PHE F 312 51.96 -3.59 -4.24
N PRO F 313 51.32 -3.08 -5.29
CA PRO F 313 51.59 -1.70 -5.72
C PRO F 313 50.67 -0.69 -5.07
N TYR F 314 51.23 0.47 -4.75
CA TYR F 314 50.45 1.61 -4.31
C TYR F 314 49.76 2.25 -5.51
N PRO F 315 48.73 3.05 -5.28
CA PRO F 315 48.04 3.71 -6.40
C PRO F 315 48.99 4.47 -7.29
N GLN F 316 49.19 4.01 -8.52
CA GLN F 316 50.16 4.66 -9.40
C GLN F 316 49.54 5.74 -10.28
N MET F 317 50.19 6.89 -10.35
CA MET F 317 49.69 7.96 -11.21
C MET F 317 50.77 8.41 -12.18
N ASP F 318 50.40 8.59 -13.44
CA ASP F 318 51.35 9.06 -14.43
C ASP F 318 51.23 10.57 -14.60
N VAL F 319 52.23 11.31 -14.12
CA VAL F 319 52.17 12.76 -14.22
C VAL F 319 53.13 13.28 -15.29
N ASN F 320 52.63 14.16 -16.14
CA ASN F 320 53.46 14.73 -17.19
C ASN F 320 53.66 16.22 -16.96
N PHE F 321 54.73 16.77 -17.53
CA PHE F 321 55.03 18.18 -17.29
C PHE F 321 54.94 18.97 -18.59
N LYS F 322 54.58 20.25 -18.46
CA LYS F 322 54.50 21.14 -19.60
C LYS F 322 55.08 22.51 -19.28
N ARG F 323 55.68 22.65 -18.10
CA ARG F 323 56.33 23.90 -17.71
C ARG F 323 57.45 23.59 -16.72
N VAL F 324 58.60 24.22 -16.93
CA VAL F 324 59.75 24.00 -16.07
C VAL F 324 59.45 24.44 -14.64
N PHE G 1 -43.41 -49.14 -12.81
CA PHE G 1 -44.75 -49.14 -13.36
C PHE G 1 -44.87 -48.15 -14.52
N THR G 2 -45.85 -48.39 -15.40
CA THR G 2 -46.03 -47.50 -16.55
C THR G 2 -46.40 -46.09 -16.11
N ASN G 3 -46.96 -45.93 -14.90
CA ASN G 3 -47.34 -44.61 -14.43
C ASN G 3 -46.13 -43.69 -14.29
N ASN G 4 -44.98 -44.24 -13.89
CA ASN G 4 -43.77 -43.45 -13.71
C ASN G 4 -43.06 -43.21 -15.05
N ALA G 5 -43.81 -42.66 -16.00
CA ALA G 5 -43.26 -42.41 -17.33
C ALA G 5 -42.11 -41.41 -17.27
N LEU G 6 -42.24 -40.37 -16.45
CA LEU G 6 -41.17 -39.38 -16.35
C LEU G 6 -39.89 -40.01 -15.82
N ASN G 7 -40.00 -40.83 -14.78
CA ASN G 7 -38.82 -41.50 -14.23
C ASN G 7 -38.21 -42.47 -15.25
N LEU G 8 -39.06 -43.22 -15.96
CA LEU G 8 -38.54 -44.13 -16.97
C LEU G 8 -37.80 -43.37 -18.06
N VAL G 9 -38.37 -42.25 -18.51
CA VAL G 9 -37.74 -41.46 -19.55
C VAL G 9 -36.41 -40.89 -19.07
N ILE G 10 -36.37 -40.39 -17.84
CA ILE G 10 -35.13 -39.81 -17.33
C ILE G 10 -34.04 -40.87 -17.21
N ILE G 11 -34.40 -42.05 -16.69
CA ILE G 11 -33.41 -43.11 -16.56
C ILE G 11 -32.91 -43.57 -17.93
N PHE G 12 -33.82 -43.72 -18.89
CA PHE G 12 -33.43 -44.12 -20.23
C PHE G 12 -32.52 -43.07 -20.86
N GLY G 13 -32.85 -41.79 -20.67
CA GLY G 13 -32.01 -40.73 -21.21
C GLY G 13 -30.63 -40.73 -20.60
N SER G 14 -30.53 -40.92 -19.28
CA SER G 14 -29.23 -40.98 -18.64
C SER G 14 -28.40 -42.15 -19.17
N CYS G 15 -29.04 -43.32 -19.29
CA CYS G 15 -28.33 -44.49 -19.81
C CYS G 15 -27.86 -44.25 -21.24
N ALA G 16 -28.72 -43.67 -22.08
CA ALA G 16 -28.36 -43.40 -23.46
C ALA G 16 -27.22 -42.39 -23.54
N ALA G 17 -27.26 -41.37 -22.69
CA ALA G 17 -26.18 -40.38 -22.67
C ALA G 17 -24.86 -41.03 -22.28
N LEU G 18 -24.88 -41.88 -21.26
CA LEU G 18 -23.65 -42.58 -20.87
C LEU G 18 -23.13 -43.45 -22.00
N ILE G 19 -24.03 -44.19 -22.66
CA ILE G 19 -23.60 -45.08 -23.74
C ILE G 19 -23.02 -44.27 -24.90
N LEU G 20 -23.68 -43.16 -25.25
CA LEU G 20 -23.19 -42.34 -26.35
C LEU G 20 -21.85 -41.72 -26.01
N MET G 21 -21.67 -41.26 -24.77
CA MET G 21 -20.39 -40.71 -24.37
C MET G 21 -19.29 -41.77 -24.46
N SER G 22 -19.59 -42.98 -24.02
CA SER G 22 -18.61 -44.06 -24.12
C SER G 22 -18.26 -44.33 -25.58
N PHE G 23 -19.28 -44.38 -26.45
CA PHE G 23 -19.02 -44.62 -27.88
C PHE G 23 -18.16 -43.52 -28.48
N TRP G 24 -18.47 -42.27 -28.16
CA TRP G 24 -17.69 -41.15 -28.69
C TRP G 24 -16.25 -41.23 -28.20
N PHE G 25 -16.05 -41.56 -26.93
CA PHE G 25 -14.70 -41.64 -26.39
C PHE G 25 -13.92 -42.78 -27.02
N ARG G 26 -14.58 -43.91 -27.29
CA ARG G 26 -13.90 -45.03 -27.94
C ARG G 26 -13.40 -44.64 -29.32
N ARG G 27 -14.25 -43.98 -30.11
CA ARG G 27 -13.83 -43.53 -31.44
C ARG G 27 -12.75 -42.47 -31.34
N GLY G 28 -12.90 -41.54 -30.40
CA GLY G 28 -11.92 -40.49 -30.21
C GLY G 28 -11.81 -40.05 -28.77
N ASN G 29 -10.58 -39.80 -28.31
CA ASN G 29 -10.37 -39.38 -26.93
C ASN G 29 -11.09 -38.06 -26.65
N ARG G 30 -11.72 -38.00 -25.48
CA ARG G 30 -12.43 -36.79 -25.10
C ARG G 30 -11.46 -35.65 -24.82
N LYS G 31 -11.90 -34.43 -25.11
CA LYS G 31 -11.05 -33.25 -24.93
C LYS G 31 -11.13 -32.77 -23.47
N ARG G 32 -10.53 -31.62 -23.19
CA ARG G 32 -10.53 -31.02 -21.85
C ARG G 32 -9.89 -32.03 -20.90
N LYS G 33 -10.52 -32.36 -19.78
CA LYS G 33 -10.02 -33.37 -18.85
C LYS G 33 -10.50 -34.74 -19.29
N GLY G 34 -9.76 -35.78 -18.88
CA GLY G 34 -10.23 -37.14 -19.06
C GLY G 34 -11.35 -37.44 -18.10
N PHE G 35 -11.53 -36.55 -17.12
CA PHE G 35 -12.58 -36.70 -16.12
C PHE G 35 -13.98 -36.56 -16.71
N LEU G 36 -14.10 -36.35 -18.02
CA LEU G 36 -15.41 -36.18 -18.63
C LEU G 36 -16.30 -37.40 -18.39
N PHE G 37 -15.76 -38.59 -18.59
CA PHE G 37 -16.55 -39.79 -18.37
C PHE G 37 -16.87 -40.03 -16.90
N HIS G 38 -16.07 -39.49 -15.99
CA HIS G 38 -16.40 -39.56 -14.57
C HIS G 38 -17.51 -38.59 -14.21
N ALA G 39 -17.49 -37.38 -14.76
CA ALA G 39 -18.57 -36.42 -14.53
C ALA G 39 -19.87 -36.92 -15.13
N VAL G 40 -19.80 -37.54 -16.31
CA VAL G 40 -21.00 -38.11 -16.93
C VAL G 40 -21.58 -39.19 -16.03
N GLN G 41 -20.71 -40.07 -15.50
CA GLN G 41 -21.17 -41.10 -14.59
C GLN G 41 -21.80 -40.49 -13.34
N PHE G 42 -21.17 -39.44 -12.80
CA PHE G 42 -21.72 -38.78 -11.62
C PHE G 42 -23.12 -38.24 -11.90
N LEU G 43 -23.30 -37.57 -13.03
CA LEU G 43 -24.60 -37.00 -13.37
C LEU G 43 -25.64 -38.10 -13.59
N ILE G 44 -25.25 -39.19 -14.26
CA ILE G 44 -26.19 -40.29 -14.47
C ILE G 44 -26.59 -40.92 -13.14
N TYR G 45 -25.62 -41.05 -12.23
CA TYR G 45 -25.95 -41.61 -10.92
C TYR G 45 -26.89 -40.70 -10.14
N THR G 46 -26.67 -39.37 -10.25
CA THR G 46 -27.59 -38.44 -9.60
C THR G 46 -28.99 -38.58 -10.18
N ILE G 47 -29.09 -38.70 -11.51
CA ILE G 47 -30.40 -38.87 -12.13
C ILE G 47 -31.05 -40.17 -11.66
N ILE G 48 -30.27 -41.25 -11.57
CA ILE G 48 -30.82 -42.52 -11.13
C ILE G 48 -31.28 -42.44 -9.69
N ILE G 49 -30.53 -41.75 -8.83
CA ILE G 49 -30.95 -41.64 -7.43
C ILE G 49 -32.21 -40.79 -7.32
N SER G 50 -32.33 -39.72 -8.12
CA SER G 50 -33.56 -38.95 -8.11
C SER G 50 -34.75 -39.79 -8.57
N ALA G 51 -34.56 -40.60 -9.61
CA ALA G 51 -35.62 -41.47 -10.08
C ALA G 51 -36.00 -42.50 -9.02
N VAL G 52 -35.01 -43.03 -8.31
CA VAL G 52 -35.28 -43.99 -7.25
C VAL G 52 -36.06 -43.35 -6.12
N GLY G 53 -35.70 -42.11 -5.76
CA GLY G 53 -36.47 -41.40 -4.76
C GLY G 53 -37.91 -41.17 -5.19
N SER G 54 -38.11 -40.80 -6.46
CA SER G 54 -39.46 -40.61 -6.97
C SER G 54 -40.25 -41.90 -6.93
N ILE G 55 -39.62 -43.02 -7.32
CA ILE G 55 -40.32 -44.30 -7.29
C ILE G 55 -40.63 -44.72 -5.86
N ILE G 56 -39.74 -44.42 -4.92
CA ILE G 56 -40.02 -44.73 -3.52
C ILE G 56 -41.20 -43.91 -3.03
N ASN G 57 -41.26 -42.63 -3.40
CA ASN G 57 -42.42 -41.82 -3.02
C ASN G 57 -43.71 -42.38 -3.63
N TYR G 58 -43.65 -42.80 -4.89
CA TYR G 58 -44.82 -43.39 -5.53
C TYR G 58 -45.26 -44.66 -4.80
N VAL G 59 -44.30 -45.50 -4.42
CA VAL G 59 -44.62 -46.73 -3.72
C VAL G 59 -45.26 -46.43 -2.38
N ILE G 60 -44.68 -45.48 -1.63
CA ILE G 60 -45.22 -45.15 -0.31
C ILE G 60 -46.62 -44.57 -0.44
N GLU G 61 -46.88 -43.77 -1.47
CA GLU G 61 -48.23 -43.26 -1.69
C GLU G 61 -49.13 -44.26 -2.39
N ASN G 62 -48.58 -45.35 -2.94
CA ASN G 62 -49.37 -46.37 -3.61
C ASN G 62 -49.28 -47.72 -2.92
N TYR G 63 -48.07 -48.22 -2.65
CA TYR G 63 -47.86 -49.53 -2.07
C TYR G 63 -47.59 -49.42 -0.57
N LYS G 64 -47.48 -50.57 0.08
CA LYS G 64 -47.21 -50.60 1.50
C LYS G 64 -45.80 -50.11 1.79
N LEU G 65 -45.65 -49.32 2.87
CA LEU G 65 -44.36 -48.80 3.26
C LEU G 65 -43.51 -49.80 4.03
N LYS G 66 -44.10 -50.91 4.49
CA LYS G 66 -43.37 -51.92 5.25
C LYS G 66 -42.73 -51.32 6.50
N PHE G 67 -43.44 -50.37 7.13
CA PHE G 67 -42.94 -49.70 8.32
C PHE G 67 -41.60 -49.03 8.07
N ILE G 68 -41.43 -48.48 6.88
CA ILE G 68 -40.20 -47.79 6.48
C ILE G 68 -40.55 -46.31 6.29
N THR G 69 -39.98 -45.47 7.14
CA THR G 69 -40.24 -44.04 7.04
C THR G 69 -39.62 -43.49 5.77
N PRO G 70 -40.36 -42.73 4.96
CA PRO G 70 -39.78 -42.15 3.74
C PRO G 70 -38.60 -41.26 4.07
N GLY G 71 -37.50 -41.45 3.35
CA GLY G 71 -36.30 -40.67 3.58
C GLY G 71 -35.04 -41.51 3.59
N VAL G 72 -35.19 -42.81 3.88
CA VAL G 72 -34.04 -43.70 3.90
C VAL G 72 -33.42 -43.79 2.52
N ILE G 73 -34.25 -43.91 1.48
CA ILE G 73 -33.74 -43.99 0.12
C ILE G 73 -33.01 -42.69 -0.25
N ASP G 74 -33.58 -41.55 0.13
CA ASP G 74 -32.94 -40.27 -0.16
C ASP G 74 -31.60 -40.17 0.55
N PHE G 75 -31.54 -40.59 1.81
CA PHE G 75 -30.28 -40.57 2.55
C PHE G 75 -29.24 -41.46 1.87
N ILE G 76 -29.67 -42.66 1.45
CA ILE G 76 -28.73 -43.58 0.82
C ILE G 76 -28.21 -42.99 -0.48
N CYS G 77 -29.09 -42.41 -1.29
CA CYS G 77 -28.67 -41.85 -2.57
C CYS G 77 -27.74 -40.67 -2.36
N THR G 78 -28.04 -39.80 -1.39
CA THR G 78 -27.16 -38.67 -1.12
C THR G 78 -25.79 -39.15 -0.66
N SER G 79 -25.76 -40.16 0.22
CA SER G 79 -24.49 -40.68 0.69
C SER G 79 -23.69 -41.31 -0.45
N LEU G 80 -24.36 -42.04 -1.34
CA LEU G 80 -23.66 -42.65 -2.48
C LEU G 80 -23.11 -41.58 -3.41
N ILE G 81 -23.89 -40.53 -3.66
CA ILE G 81 -23.42 -39.44 -4.52
C ILE G 81 -22.21 -38.75 -3.89
N ALA G 82 -22.26 -38.52 -2.57
CA ALA G 82 -21.13 -37.90 -1.89
C ALA G 82 -19.90 -38.80 -1.96
N VAL G 83 -20.08 -40.11 -1.80
CA VAL G 83 -18.95 -41.04 -1.88
C VAL G 83 -18.33 -40.99 -3.26
N ILE G 84 -19.16 -40.98 -4.31
CA ILE G 84 -18.62 -40.92 -5.67
C ILE G 84 -17.87 -39.61 -5.90
N LEU G 85 -18.44 -38.50 -5.42
CA LEU G 85 -17.77 -37.22 -5.57
C LEU G 85 -16.43 -37.22 -4.87
N THR G 86 -16.38 -37.77 -3.66
CA THR G 86 -15.13 -37.82 -2.90
C THR G 86 -14.11 -38.70 -3.61
N ILE G 87 -14.55 -39.83 -4.17
CA ILE G 87 -13.62 -40.71 -4.87
C ILE G 87 -13.03 -40.00 -6.08
N LYS G 88 -13.88 -39.29 -6.83
CA LYS G 88 -13.39 -38.55 -8.00
C LYS G 88 -12.42 -37.45 -7.58
N LEU G 89 -12.73 -36.73 -6.49
CA LEU G 89 -11.84 -35.70 -6.01
C LEU G 89 -10.49 -36.29 -5.59
N PHE G 90 -10.52 -37.43 -4.91
CA PHE G 90 -9.28 -38.08 -4.50
C PHE G 90 -8.47 -38.56 -5.69
N LEU G 91 -9.13 -39.07 -6.74
CA LEU G 91 -8.42 -39.44 -7.95
C LEU G 91 -7.76 -38.22 -8.59
N LEU G 92 -8.48 -37.09 -8.62
CA LEU G 92 -7.90 -35.86 -9.15
C LEU G 92 -6.70 -35.43 -8.32
N ILE G 93 -6.80 -35.54 -6.99
CA ILE G 93 -5.68 -35.19 -6.12
C ILE G 93 -4.49 -36.08 -6.41
N ASN G 94 -4.73 -37.38 -6.61
CA ASN G 94 -3.63 -38.29 -6.90
C ASN G 94 -2.96 -37.95 -8.24
N GLN G 95 -3.77 -37.62 -9.25
CA GLN G 95 -3.20 -37.21 -10.53
C GLN G 95 -2.35 -35.96 -10.37
N PHE G 96 -2.86 -34.96 -9.64
CA PHE G 96 -2.13 -33.74 -9.43
C PHE G 96 -0.82 -33.99 -8.67
N GLU G 97 -0.88 -34.85 -7.64
CA GLU G 97 0.31 -35.14 -6.87
C GLU G 97 1.35 -35.86 -7.72
N LYS G 98 0.92 -36.80 -8.56
CA LYS G 98 1.86 -37.46 -9.46
C LYS G 98 2.50 -36.48 -10.42
N GLN G 99 1.69 -35.57 -10.98
CA GLN G 99 2.22 -34.57 -11.91
C GLN G 99 3.25 -33.68 -11.22
N GLN G 100 2.93 -33.21 -10.01
CA GLN G 100 3.87 -32.37 -9.28
C GLN G 100 5.14 -33.15 -8.94
N ALA G 101 4.99 -34.40 -8.51
CA ALA G 101 6.14 -35.21 -8.13
C ALA G 101 7.08 -35.41 -9.31
N ALA G 102 6.60 -36.08 -10.35
CA ALA G 102 7.47 -36.36 -11.51
C ALA G 102 7.34 -35.27 -12.57
N LYS G 103 7.36 -34.01 -12.15
CA LYS G 103 7.61 -32.90 -13.07
C LYS G 103 8.81 -32.08 -12.65
N GLY G 104 8.78 -31.47 -11.46
CA GLY G 104 9.91 -30.75 -10.93
C GLY G 104 10.06 -30.86 -9.43
N ARG G 105 9.11 -31.50 -8.76
CA ARG G 105 9.00 -31.46 -7.31
C ARG G 105 9.52 -32.74 -6.68
N ASP G 106 9.72 -32.68 -5.37
CA ASP G 106 10.17 -33.82 -4.59
C ASP G 106 8.95 -34.57 -4.06
N ILE G 107 9.17 -35.52 -3.15
CA ILE G 107 8.11 -36.38 -2.67
C ILE G 107 7.43 -35.79 -1.42
N THR G 108 8.21 -35.18 -0.52
CA THR G 108 7.62 -34.67 0.72
C THR G 108 6.59 -33.58 0.43
N SER G 109 6.94 -32.63 -0.44
CA SER G 109 6.01 -31.55 -0.77
C SER G 109 4.75 -32.10 -1.43
N ALA G 110 4.91 -33.06 -2.35
CA ALA G 110 3.75 -33.63 -3.02
C ALA G 110 2.83 -34.34 -2.03
N ARG G 111 3.41 -35.12 -1.11
CA ARG G 111 2.61 -35.81 -0.11
C ARG G 111 1.89 -34.81 0.79
N ILE G 112 2.59 -33.75 1.20
CA ILE G 112 1.97 -32.76 2.06
C ILE G 112 0.80 -32.08 1.36
N MET G 113 1.00 -31.71 0.09
CA MET G 113 -0.07 -31.10 -0.69
C MET G 113 -1.26 -32.06 -0.83
N SER G 114 -0.98 -33.32 -1.12
CA SER G 114 -2.05 -34.30 -1.29
C SER G 114 -2.86 -34.45 -0.01
N ARG G 115 -2.18 -34.56 1.13
CA ARG G 115 -2.92 -34.79 2.37
C ARG G 115 -3.63 -33.53 2.83
N ILE G 116 -3.08 -32.35 2.50
CA ILE G 116 -3.80 -31.11 2.76
C ILE G 116 -5.10 -31.07 1.95
N ILE G 117 -5.02 -31.44 0.67
CA ILE G 117 -6.23 -31.44 -0.16
C ILE G 117 -7.24 -32.46 0.36
N LYS G 118 -6.75 -33.62 0.80
CA LYS G 118 -7.65 -34.62 1.36
C LYS G 118 -8.34 -34.10 2.62
N ILE G 119 -7.59 -33.42 3.49
CA ILE G 119 -8.19 -32.85 4.69
C ILE G 119 -9.23 -31.80 4.34
N THR G 120 -8.93 -30.97 3.32
CA THR G 120 -9.90 -29.97 2.89
C THR G 120 -11.18 -30.62 2.39
N ILE G 121 -11.05 -31.69 1.60
CA ILE G 121 -12.23 -32.39 1.10
C ILE G 121 -13.02 -33.01 2.25
N ILE G 122 -12.32 -33.56 3.24
CA ILE G 122 -13.01 -34.12 4.40
C ILE G 122 -13.77 -33.03 5.14
N VAL G 123 -13.15 -31.86 5.29
CA VAL G 123 -13.81 -30.74 5.98
C VAL G 123 -15.06 -30.31 5.21
N VAL G 124 -14.97 -30.23 3.89
CA VAL G 124 -16.13 -29.85 3.09
C VAL G 124 -17.23 -30.89 3.22
N LEU G 125 -16.85 -32.17 3.25
CA LEU G 125 -17.83 -33.23 3.47
C LEU G 125 -18.54 -33.04 4.81
N VAL G 126 -17.77 -32.80 5.87
CA VAL G 126 -18.37 -32.64 7.19
C VAL G 126 -19.32 -31.44 7.20
N LEU G 127 -18.90 -30.34 6.58
CA LEU G 127 -19.74 -29.16 6.53
C LEU G 127 -21.04 -29.44 5.77
N LEU G 128 -20.95 -30.16 4.65
CA LEU G 128 -22.16 -30.46 3.88
C LEU G 128 -22.99 -31.54 4.54
N TYR G 129 -22.35 -32.44 5.31
CA TYR G 129 -23.09 -33.51 5.98
C TYR G 129 -23.98 -32.99 7.10
N GLY G 130 -23.84 -31.72 7.50
CA GLY G 130 -24.61 -31.17 8.59
C GLY G 130 -26.10 -31.06 8.32
N GLU G 131 -26.53 -31.21 7.07
CA GLU G 131 -27.94 -31.10 6.74
C GLU G 131 -28.77 -32.26 7.28
N HIS G 132 -28.14 -33.24 7.94
CA HIS G 132 -28.84 -34.39 8.49
C HIS G 132 -29.17 -34.22 9.97
N PHE G 133 -28.18 -33.91 10.79
CA PHE G 133 -28.39 -33.72 12.22
C PHE G 133 -27.74 -32.41 12.66
N GLY G 134 -28.43 -31.70 13.54
CA GLY G 134 -27.93 -30.44 14.06
C GLY G 134 -27.13 -30.59 15.34
N VAL G 135 -27.13 -31.80 15.90
CA VAL G 135 -26.42 -32.09 17.13
C VAL G 135 -25.13 -32.87 16.87
N GLN G 136 -24.78 -33.08 15.60
CA GLN G 136 -23.58 -33.83 15.22
C GLN G 136 -22.50 -32.94 14.65
N THR G 137 -22.85 -32.01 13.76
CA THR G 137 -21.89 -31.10 13.15
C THR G 137 -22.17 -29.64 13.41
N ALA G 138 -23.44 -29.26 13.60
CA ALA G 138 -23.76 -27.86 13.88
C ALA G 138 -23.08 -27.39 15.17
N SER G 139 -23.07 -28.25 16.19
CA SER G 139 -22.39 -27.90 17.44
C SER G 139 -20.88 -27.76 17.27
N VAL G 140 -20.34 -28.23 16.15
CA VAL G 140 -18.90 -28.12 15.90
C VAL G 140 -18.60 -27.28 14.67
N ILE G 141 -19.52 -27.25 13.71
CA ILE G 141 -19.30 -26.47 12.49
C ILE G 141 -19.30 -24.98 12.80
N ALA G 142 -20.18 -24.54 13.71
CA ALA G 142 -20.24 -23.12 14.04
C ALA G 142 -18.89 -22.60 14.53
N VAL G 143 -18.08 -23.48 15.13
CA VAL G 143 -16.75 -23.08 15.60
C VAL G 143 -15.69 -23.34 14.54
N LEU G 144 -15.80 -24.45 13.82
CA LEU G 144 -14.81 -24.77 12.80
C LEU G 144 -14.79 -23.72 11.69
N GLY G 145 -15.97 -23.29 11.24
CA GLY G 145 -16.00 -22.28 10.19
C GLY G 145 -15.38 -20.97 10.63
N ALA G 146 -15.70 -20.52 11.83
CA ALA G 146 -15.13 -19.28 12.34
C ALA G 146 -13.62 -19.40 12.50
N ALA G 147 -13.15 -20.53 13.04
CA ALA G 147 -11.71 -20.72 13.19
C ALA G 147 -11.01 -20.72 11.84
N GLY G 148 -11.59 -21.41 10.85
CA GLY G 148 -11.00 -21.42 9.52
C GLY G 148 -10.96 -20.05 8.89
N LEU G 149 -12.04 -19.27 9.04
CA LEU G 149 -12.04 -17.92 8.50
C LEU G 149 -10.99 -17.05 9.17
N ALA G 150 -10.87 -17.13 10.50
CA ALA G 150 -9.86 -16.35 11.21
C ALA G 150 -8.46 -16.74 10.77
N VAL G 151 -8.20 -18.05 10.62
CA VAL G 151 -6.90 -18.49 10.16
C VAL G 151 -6.61 -18.01 8.75
N GLY G 152 -7.58 -18.12 7.84
CA GLY G 152 -7.37 -17.62 6.49
C GLY G 152 -7.07 -16.13 6.47
N LEU G 153 -7.78 -15.36 7.30
CA LEU G 153 -7.48 -13.95 7.41
C LEU G 153 -6.06 -13.71 7.91
N ALA G 154 -5.64 -14.48 8.93
CA ALA G 154 -4.28 -14.34 9.44
C ALA G 154 -3.27 -15.03 8.52
N LEU G 155 -3.69 -16.13 7.88
CA LEU G 155 -2.80 -16.94 7.07
C LEU G 155 -2.85 -16.61 5.58
N GLN G 156 -3.43 -15.46 5.22
CA GLN G 156 -3.58 -15.13 3.81
C GLN G 156 -2.26 -15.27 3.07
N GLY G 157 -1.17 -14.83 3.68
CA GLY G 157 0.13 -15.01 3.06
C GLY G 157 0.46 -16.47 2.81
N SER G 158 0.02 -17.35 3.72
CA SER G 158 0.28 -18.77 3.54
C SER G 158 -0.39 -19.31 2.28
N LEU G 159 -1.66 -18.96 2.06
CA LEU G 159 -2.34 -19.39 0.85
C LEU G 159 -1.71 -18.76 -0.38
N SER G 160 -1.31 -17.48 -0.29
CA SER G 160 -0.65 -16.85 -1.43
C SER G 160 0.63 -17.60 -1.79
N ASN G 161 1.44 -17.95 -0.79
CA ASN G 161 2.67 -18.69 -1.05
C ASN G 161 2.39 -20.06 -1.63
N LEU G 162 1.35 -20.73 -1.11
CA LEU G 162 1.01 -22.06 -1.64
C LEU G 162 0.60 -21.98 -3.10
N ALA G 163 -0.23 -20.99 -3.45
CA ALA G 163 -0.63 -20.83 -4.84
C ALA G 163 0.55 -20.50 -5.72
N ALA G 164 1.45 -19.62 -5.26
CA ALA G 164 2.63 -19.29 -6.04
C ALA G 164 3.50 -20.52 -6.26
N GLY G 165 3.66 -21.36 -5.24
CA GLY G 165 4.42 -22.57 -5.40
C GLY G 165 3.79 -23.53 -6.38
N VAL G 166 2.47 -23.67 -6.32
CA VAL G 166 1.78 -24.53 -7.27
C VAL G 166 2.00 -24.04 -8.69
N LEU G 167 1.92 -22.72 -8.90
CA LEU G 167 2.16 -22.16 -10.21
C LEU G 167 3.60 -22.42 -10.66
N LEU G 168 4.57 -22.26 -9.75
CA LEU G 168 5.96 -22.48 -10.10
C LEU G 168 6.22 -23.94 -10.48
N VAL G 169 5.52 -24.87 -9.83
CA VAL G 169 5.65 -26.27 -10.23
C VAL G 169 4.98 -26.50 -11.58
N MET G 170 3.83 -25.87 -11.82
CA MET G 170 3.15 -26.06 -13.09
C MET G 170 3.91 -25.39 -14.23
N PHE G 171 4.04 -24.07 -14.17
CA PHE G 171 4.91 -23.33 -15.08
C PHE G 171 6.32 -23.36 -14.51
N ARG G 172 7.29 -23.81 -15.30
CA ARG G 172 8.63 -23.96 -14.77
C ARG G 172 9.56 -22.88 -15.29
N PRO G 173 9.55 -21.68 -14.69
CA PRO G 173 10.57 -20.69 -15.05
C PRO G 173 11.97 -21.17 -14.75
N PHE G 174 12.14 -21.97 -13.70
CA PHE G 174 13.45 -22.50 -13.33
C PHE G 174 13.27 -23.90 -12.76
N ARG G 175 14.21 -24.79 -13.08
CA ARG G 175 14.21 -26.14 -12.56
C ARG G 175 15.31 -26.29 -11.51
N ALA G 176 15.23 -27.38 -10.75
CA ALA G 176 16.26 -27.66 -9.76
C ALA G 176 17.63 -27.75 -10.43
N GLY G 177 18.63 -27.15 -9.80
CA GLY G 177 19.96 -27.14 -10.36
C GLY G 177 20.21 -26.10 -11.42
N GLU G 178 19.34 -25.09 -11.53
CA GLU G 178 19.48 -24.04 -12.53
C GLU G 178 19.82 -22.73 -11.81
N TYR G 179 20.91 -22.11 -12.22
CA TYR G 179 21.34 -20.87 -11.60
C TYR G 179 20.39 -19.74 -12.00
N VAL G 180 19.73 -19.14 -11.01
CA VAL G 180 18.73 -18.12 -11.26
C VAL G 180 18.96 -16.94 -10.33
N ASP G 181 18.39 -15.80 -10.70
CA ASP G 181 18.45 -14.58 -9.90
C ASP G 181 17.02 -14.12 -9.65
N LEU G 182 16.59 -14.16 -8.39
CA LEU G 182 15.22 -13.84 -8.00
C LEU G 182 15.23 -12.59 -7.14
N GLY G 183 15.05 -11.43 -7.78
CA GLY G 183 14.98 -10.18 -7.07
C GLY G 183 16.26 -9.81 -6.34
N GLY G 184 17.39 -9.94 -7.01
CA GLY G 184 18.66 -9.58 -6.41
C GLY G 184 19.29 -10.63 -5.53
N VAL G 185 18.81 -11.87 -5.57
CA VAL G 185 19.36 -12.97 -4.77
C VAL G 185 19.63 -14.12 -5.74
N ALA G 186 20.88 -14.23 -6.19
CA ALA G 186 21.25 -15.23 -7.18
C ALA G 186 21.88 -16.45 -6.51
N GLY G 187 21.59 -17.61 -7.08
CA GLY G 187 22.14 -18.85 -6.59
C GLY G 187 21.46 -20.05 -7.20
N THR G 188 22.12 -21.20 -7.10
CA THR G 188 21.57 -22.42 -7.66
C THR G 188 20.30 -22.82 -6.90
N VAL G 189 19.27 -23.21 -7.64
CA VAL G 189 17.99 -23.60 -7.07
C VAL G 189 18.06 -25.06 -6.64
N LEU G 190 17.66 -25.34 -5.41
CA LEU G 190 17.70 -26.69 -4.88
C LEU G 190 16.36 -27.40 -5.05
N SER G 191 15.27 -26.77 -4.61
CA SER G 191 13.96 -27.39 -4.72
C SER G 191 12.84 -26.40 -4.36
N VAL G 192 11.71 -26.50 -5.04
CA VAL G 192 10.55 -25.66 -4.78
C VAL G 192 9.64 -26.42 -3.82
N GLN G 193 9.46 -25.87 -2.62
CA GLN G 193 8.63 -26.50 -1.60
C GLN G 193 7.25 -25.86 -1.57
N ILE G 194 6.46 -26.20 -0.55
CA ILE G 194 5.09 -25.72 -0.48
C ILE G 194 5.05 -24.20 -0.33
N PHE G 195 5.88 -23.65 0.56
CA PHE G 195 5.81 -22.23 0.89
C PHE G 195 7.05 -21.45 0.49
N SER G 196 8.17 -22.11 0.21
CA SER G 196 9.39 -21.41 -0.11
C SER G 196 10.31 -22.31 -0.91
N THR G 197 11.25 -21.71 -1.62
CA THR G 197 12.25 -22.42 -2.39
C THR G 197 13.63 -22.04 -1.87
N THR G 198 14.45 -23.04 -1.58
CA THR G 198 15.78 -22.83 -1.04
C THR G 198 16.82 -22.99 -2.14
N MET G 199 17.65 -21.96 -2.33
CA MET G 199 18.72 -21.99 -3.31
C MET G 199 20.05 -21.75 -2.60
N ARG G 200 21.06 -22.52 -3.00
CA ARG G 200 22.39 -22.38 -2.44
C ARG G 200 23.20 -21.44 -3.30
N THR G 201 23.59 -20.31 -2.74
CA THR G 201 24.34 -19.31 -3.49
C THR G 201 25.72 -19.85 -3.87
N ALA G 202 26.48 -19.05 -4.59
CA ALA G 202 27.81 -19.46 -5.00
C ALA G 202 28.72 -19.70 -3.80
N ASP G 203 28.62 -18.83 -2.78
CA ASP G 203 29.47 -18.98 -1.60
C ASP G 203 29.17 -20.30 -0.88
N GLY G 204 27.89 -20.64 -0.73
CA GLY G 204 27.53 -21.87 -0.05
C GLY G 204 26.50 -21.66 1.04
N LYS G 205 25.91 -20.48 1.09
CA LYS G 205 24.89 -20.16 2.09
C LYS G 205 23.51 -20.40 1.51
N ILE G 206 22.67 -21.08 2.28
CA ILE G 206 21.32 -21.43 1.84
C ILE G 206 20.42 -20.21 1.99
N ILE G 207 19.53 -20.01 1.02
CA ILE G 207 18.60 -18.89 1.01
C ILE G 207 17.19 -19.43 0.81
N VAL G 208 16.25 -18.97 1.63
CA VAL G 208 14.86 -19.38 1.55
C VAL G 208 14.03 -18.15 1.17
N ILE G 209 13.27 -18.28 0.10
CA ILE G 209 12.46 -17.19 -0.44
C ILE G 209 11.01 -17.65 -0.53
N PRO G 210 10.06 -16.93 0.06
CA PRO G 210 8.66 -17.30 -0.11
C PRO G 210 8.26 -17.26 -1.59
N ASN G 211 7.40 -18.22 -1.98
CA ASN G 211 7.03 -18.31 -3.38
C ASN G 211 6.23 -17.10 -3.85
N GLY G 212 5.55 -16.40 -2.93
CA GLY G 212 4.76 -15.26 -3.34
C GLY G 212 5.59 -14.17 -3.98
N LYS G 213 6.70 -13.80 -3.34
CA LYS G 213 7.55 -12.77 -3.91
C LYS G 213 8.33 -13.28 -5.12
N ILE G 214 8.60 -14.58 -5.18
CA ILE G 214 9.22 -15.14 -6.38
C ILE G 214 8.32 -14.97 -7.58
N ILE G 215 7.03 -15.26 -7.42
CA ILE G 215 6.09 -15.11 -8.53
C ILE G 215 5.86 -13.64 -8.83
N ALA G 216 5.75 -12.80 -7.81
CA ALA G 216 5.43 -11.39 -8.02
C ALA G 216 6.57 -10.63 -8.68
N GLY G 217 7.79 -11.16 -8.66
CA GLY G 217 8.95 -10.48 -9.18
C GLY G 217 9.44 -11.08 -10.50
N ASN G 218 10.58 -10.55 -10.95
CA ASN G 218 11.21 -11.01 -12.17
C ASN G 218 12.14 -12.17 -11.87
N ILE G 219 12.19 -13.13 -12.79
CA ILE G 219 13.06 -14.30 -12.67
C ILE G 219 14.04 -14.27 -13.83
N ILE G 220 15.32 -14.15 -13.50
CA ILE G 220 16.39 -14.20 -14.50
C ILE G 220 17.02 -15.59 -14.44
N ASN G 221 16.99 -16.30 -15.56
CA ASN G 221 17.49 -17.67 -15.64
C ASN G 221 18.82 -17.65 -16.40
N PHE G 222 19.91 -17.87 -15.68
CA PHE G 222 21.23 -17.82 -16.29
C PHE G 222 21.53 -19.07 -17.11
N SER G 223 21.06 -20.24 -16.66
CA SER G 223 21.41 -21.51 -17.27
C SER G 223 20.30 -22.08 -18.13
N ARG G 224 19.46 -21.22 -18.72
CA ARG G 224 18.40 -21.71 -19.60
C ARG G 224 18.86 -21.80 -21.05
N GLU G 225 19.34 -20.70 -21.61
CA GLU G 225 19.83 -20.72 -22.98
C GLU G 225 21.17 -21.45 -23.04
N PRO G 226 21.37 -22.34 -24.01
CA PRO G 226 22.63 -23.09 -24.08
C PRO G 226 23.84 -22.22 -24.38
N VAL G 227 23.67 -21.04 -24.95
CA VAL G 227 24.79 -20.19 -25.35
C VAL G 227 24.65 -18.83 -24.69
N ARG G 228 25.74 -18.33 -24.13
CA ARG G 228 25.79 -17.01 -23.51
C ARG G 228 26.99 -16.25 -24.05
N ARG G 229 27.00 -14.94 -23.81
CA ARG G 229 27.97 -14.04 -24.42
C ARG G 229 28.91 -13.46 -23.37
N ASN G 230 30.18 -13.36 -23.72
CA ASN G 230 31.20 -12.72 -22.89
C ASN G 230 31.51 -11.34 -23.44
N GLU G 231 31.76 -10.40 -22.55
CA GLU G 231 32.12 -9.04 -22.92
C GLU G 231 33.43 -8.65 -22.25
N PHE G 232 34.35 -8.12 -23.03
CA PHE G 232 35.63 -7.63 -22.53
C PHE G 232 35.73 -6.14 -22.77
N ILE G 233 36.45 -5.46 -21.88
CA ILE G 233 36.70 -4.02 -21.99
C ILE G 233 38.20 -3.82 -21.78
N ILE G 234 38.95 -3.78 -22.87
CA ILE G 234 40.41 -3.64 -22.82
C ILE G 234 40.74 -2.18 -23.07
N GLY G 235 41.38 -1.54 -22.10
CA GLY G 235 41.77 -0.15 -22.24
C GLY G 235 43.24 0.03 -22.54
N VAL G 236 43.56 0.38 -23.78
CA VAL G 236 44.92 0.57 -24.21
C VAL G 236 45.23 2.06 -24.25
N ALA G 237 46.51 2.40 -24.36
CA ALA G 237 46.92 3.80 -24.40
C ALA G 237 46.50 4.43 -25.72
N TYR G 238 46.46 5.76 -25.72
CA TYR G 238 46.05 6.48 -26.93
C TYR G 238 47.03 6.25 -28.07
N ASP G 239 48.33 6.23 -27.77
CA ASP G 239 49.33 6.04 -28.81
C ASP G 239 49.21 4.68 -29.50
N SER G 240 48.60 3.70 -28.84
CA SER G 240 48.52 2.36 -29.41
C SER G 240 47.79 2.40 -30.74
N ASP G 241 48.35 1.69 -31.72
CA ASP G 241 47.74 1.64 -33.05
C ASP G 241 46.44 0.86 -32.98
N ILE G 242 45.40 1.40 -33.60
CA ILE G 242 44.09 0.76 -33.56
C ILE G 242 44.10 -0.52 -34.38
N ASP G 243 44.68 -0.47 -35.58
CA ASP G 243 44.66 -1.65 -36.45
C ASP G 243 45.39 -2.82 -35.81
N GLN G 244 46.55 -2.56 -35.19
CA GLN G 244 47.30 -3.64 -34.56
C GLN G 244 46.52 -4.26 -33.42
N VAL G 245 45.88 -3.41 -32.60
CA VAL G 245 45.11 -3.92 -31.46
C VAL G 245 43.95 -4.77 -31.95
N LYS G 246 43.22 -4.28 -32.95
CA LYS G 246 42.09 -5.04 -33.47
C LYS G 246 42.54 -6.36 -34.08
N GLN G 247 43.66 -6.35 -34.82
CA GLN G 247 44.15 -7.58 -35.41
C GLN G 247 44.56 -8.59 -34.33
N ILE G 248 45.23 -8.12 -33.28
CA ILE G 248 45.63 -9.02 -32.19
C ILE G 248 44.41 -9.61 -31.52
N LEU G 249 43.40 -8.77 -31.23
CA LEU G 249 42.20 -9.26 -30.59
C LEU G 249 41.46 -10.27 -31.47
N THR G 250 41.38 -10.00 -32.77
CA THR G 250 40.73 -10.94 -33.67
C THR G 250 41.48 -12.25 -33.73
N ASN G 251 42.81 -12.20 -33.76
CA ASN G 251 43.59 -13.44 -33.77
C ASN G 251 43.37 -14.24 -32.51
N ILE G 252 43.31 -13.56 -31.36
CA ILE G 252 43.04 -14.25 -30.11
C ILE G 252 41.66 -14.89 -30.12
N ILE G 253 40.66 -14.15 -30.62
CA ILE G 253 39.30 -14.66 -30.64
C ILE G 253 39.18 -15.89 -31.53
N GLN G 254 39.77 -15.82 -32.73
CA GLN G 254 39.62 -16.92 -33.69
C GLN G 254 40.34 -18.17 -33.23
N SER G 255 41.51 -18.04 -32.61
CA SER G 255 42.29 -19.21 -32.21
C SER G 255 41.62 -20.00 -31.10
N GLU G 256 40.60 -19.46 -30.44
CA GLU G 256 39.89 -20.16 -29.38
C GLU G 256 38.78 -21.01 -30.00
N ASP G 257 38.83 -22.31 -29.72
CA ASP G 257 37.86 -23.25 -30.30
C ASP G 257 36.54 -23.31 -29.54
N ARG G 258 36.47 -22.72 -28.35
CA ARG G 258 35.25 -22.70 -27.56
C ARG G 258 34.38 -21.49 -27.84
N ILE G 259 34.78 -20.62 -28.76
CA ILE G 259 34.01 -19.45 -29.13
C ILE G 259 33.25 -19.77 -30.41
N LEU G 260 31.92 -19.77 -30.33
CA LEU G 260 31.10 -20.13 -31.48
C LEU G 260 31.36 -19.18 -32.64
N LYS G 261 31.82 -19.74 -33.76
CA LYS G 261 32.11 -18.92 -34.93
C LYS G 261 30.85 -18.47 -35.65
N ASP G 262 29.79 -19.28 -35.62
CA ASP G 262 28.56 -18.90 -36.31
C ASP G 262 27.89 -17.69 -35.68
N ARG G 263 28.23 -17.36 -34.43
CA ARG G 263 27.69 -16.18 -33.77
C ARG G 263 28.48 -14.95 -34.20
N GLU G 264 28.26 -13.83 -33.51
CA GLU G 264 28.90 -12.57 -33.83
C GLU G 264 30.12 -12.36 -32.94
N MET G 265 31.27 -12.11 -33.56
CA MET G 265 32.52 -11.83 -32.85
C MET G 265 32.86 -10.37 -33.09
N THR G 266 32.56 -9.53 -32.10
CA THR G 266 32.71 -8.09 -32.23
C THR G 266 34.02 -7.64 -31.60
N VAL G 267 34.87 -6.98 -32.38
CA VAL G 267 36.07 -6.35 -31.86
C VAL G 267 36.22 -4.97 -32.48
N ARG G 268 35.74 -3.94 -31.78
CA ARG G 268 35.76 -2.59 -32.32
C ARG G 268 35.97 -1.59 -31.20
N LEU G 269 36.56 -0.44 -31.55
CA LEU G 269 36.76 0.64 -30.59
C LEU G 269 35.40 1.15 -30.11
N ASN G 270 35.25 1.26 -28.80
CA ASN G 270 33.95 1.55 -28.19
C ASN G 270 33.86 2.93 -27.57
N GLU G 271 34.92 3.41 -26.92
CA GLU G 271 34.85 4.66 -26.19
C GLU G 271 36.23 5.26 -26.08
N LEU G 272 36.28 6.58 -25.93
CA LEU G 272 37.51 7.32 -25.72
C LEU G 272 37.53 7.77 -24.26
N GLY G 273 38.17 6.97 -23.42
CA GLY G 273 38.16 7.21 -22.00
C GLY G 273 39.01 8.41 -21.62
N ALA G 274 39.00 8.69 -20.31
CA ALA G 274 39.75 9.83 -19.79
C ALA G 274 41.25 9.66 -20.03
N SER G 275 41.77 8.46 -19.80
CA SER G 275 43.20 8.20 -19.94
C SER G 275 43.51 7.01 -20.86
N SER G 276 42.50 6.43 -21.51
CA SER G 276 42.74 5.27 -22.36
C SER G 276 41.53 4.95 -23.23
N ILE G 277 41.76 4.69 -24.51
CA ILE G 277 40.70 4.23 -25.40
C ILE G 277 40.50 2.73 -25.16
N ASN G 278 39.28 2.34 -24.83
CA ASN G 278 38.98 0.96 -24.48
C ASN G 278 38.14 0.30 -25.56
N PHE G 279 38.59 -0.87 -26.00
CA PHE G 279 37.89 -1.67 -27.01
C PHE G 279 36.88 -2.59 -26.32
N VAL G 280 35.97 -3.12 -27.12
CA VAL G 280 34.95 -4.04 -26.66
C VAL G 280 35.04 -5.32 -27.48
N VAL G 281 35.11 -6.46 -26.80
CA VAL G 281 35.15 -7.77 -27.44
C VAL G 281 33.95 -8.57 -26.93
N ARG G 282 33.12 -9.03 -27.86
CA ARG G 282 31.94 -9.82 -27.52
C ARG G 282 31.99 -11.12 -28.30
N VAL G 283 31.96 -12.24 -27.59
CA VAL G 283 32.04 -13.56 -28.19
C VAL G 283 31.07 -14.48 -27.47
N TRP G 284 30.39 -15.33 -28.24
CA TRP G 284 29.40 -16.26 -27.70
C TRP G 284 30.03 -17.62 -27.47
N SER G 285 29.67 -18.24 -26.35
CA SER G 285 30.20 -19.56 -26.00
C SER G 285 29.13 -20.35 -25.28
N ASN G 286 29.31 -21.66 -25.25
CA ASN G 286 28.36 -22.53 -24.56
C ASN G 286 28.27 -22.14 -23.09
N SER G 287 27.05 -22.22 -22.55
CA SER G 287 26.83 -21.79 -21.17
C SER G 287 27.69 -22.56 -20.18
N GLY G 288 28.15 -23.75 -20.55
CA GLY G 288 29.00 -24.53 -19.67
C GLY G 288 30.38 -23.95 -19.50
N ASP G 289 31.13 -23.87 -20.60
CA ASP G 289 32.50 -23.36 -20.56
C ASP G 289 32.52 -21.88 -20.96
N LEU G 290 31.94 -21.06 -20.08
CA LEU G 290 31.91 -19.61 -20.26
C LEU G 290 32.94 -18.90 -19.41
N GLN G 291 32.96 -19.16 -18.10
CA GLN G 291 33.96 -18.54 -17.24
C GLN G 291 35.37 -18.96 -17.62
N ASN G 292 35.55 -20.23 -17.97
CA ASN G 292 36.87 -20.69 -18.40
C ASN G 292 37.31 -19.96 -19.66
N VAL G 293 36.40 -19.79 -20.62
CA VAL G 293 36.72 -19.05 -21.83
C VAL G 293 37.11 -17.62 -21.49
N TYR G 294 36.35 -16.98 -20.59
CA TYR G 294 36.66 -15.62 -20.20
C TYR G 294 38.07 -15.51 -19.62
N TRP G 295 38.38 -16.40 -18.67
CA TRP G 295 39.69 -16.35 -18.02
C TRP G 295 40.81 -16.60 -19.02
N ASP G 296 40.66 -17.62 -19.87
CA ASP G 296 41.71 -17.93 -20.84
C ASP G 296 41.91 -16.78 -21.82
N VAL G 297 40.82 -16.21 -22.31
CA VAL G 297 40.93 -15.10 -23.27
C VAL G 297 41.60 -13.90 -22.61
N LEU G 298 41.23 -13.60 -21.36
CA LEU G 298 41.84 -12.45 -20.68
C LEU G 298 43.33 -12.66 -20.48
N GLU G 299 43.73 -13.86 -20.03
CA GLU G 299 45.15 -14.12 -19.83
C GLU G 299 45.91 -14.04 -21.15
N ARG G 300 45.35 -14.62 -22.21
CA ARG G 300 46.00 -14.57 -23.52
C ARG G 300 46.11 -13.14 -24.03
N ILE G 301 45.06 -12.34 -23.80
CA ILE G 301 45.10 -10.94 -24.20
C ILE G 301 46.24 -10.22 -23.50
N LYS G 302 46.35 -10.43 -22.19
CA LYS G 302 47.43 -9.76 -21.46
C LYS G 302 48.79 -10.19 -21.97
N ARG G 303 48.98 -11.51 -22.18
CA ARG G 303 50.27 -11.99 -22.65
C ARG G 303 50.63 -11.40 -24.00
N GLU G 304 49.69 -11.45 -24.95
CA GLU G 304 49.99 -10.94 -26.29
C GLU G 304 50.25 -9.43 -26.26
N PHE G 305 49.43 -8.67 -25.53
CA PHE G 305 49.65 -7.23 -25.47
C PHE G 305 51.00 -6.90 -24.84
N ASP G 306 51.38 -7.63 -23.79
CA ASP G 306 52.70 -7.42 -23.20
C ASP G 306 53.80 -7.74 -24.21
N ALA G 307 53.66 -8.84 -24.94
CA ALA G 307 54.68 -9.21 -25.93
C ALA G 307 54.62 -8.33 -27.16
N ALA G 308 53.40 -8.04 -27.65
CA ALA G 308 53.25 -7.28 -28.88
C ALA G 308 53.83 -5.87 -28.74
N GLY G 309 53.57 -5.22 -27.61
CA GLY G 309 54.06 -3.87 -27.40
C GLY G 309 53.00 -2.95 -26.85
N ILE G 310 51.73 -3.33 -27.00
CA ILE G 310 50.64 -2.53 -26.47
C ILE G 310 50.79 -2.41 -24.96
N SER G 311 50.44 -1.24 -24.42
CA SER G 311 50.61 -0.94 -23.00
C SER G 311 49.28 -0.54 -22.39
N PHE G 312 48.95 -1.14 -21.25
CA PHE G 312 47.79 -0.72 -20.48
C PHE G 312 48.18 0.49 -19.64
N PRO G 313 47.48 1.62 -19.76
CA PRO G 313 47.95 2.86 -19.12
C PRO G 313 47.39 3.05 -17.72
N TYR G 314 48.24 3.56 -16.84
CA TYR G 314 47.80 4.00 -15.53
C TYR G 314 47.05 5.32 -15.64
N PRO G 315 46.27 5.67 -14.62
CA PRO G 315 45.54 6.95 -14.68
C PRO G 315 46.47 8.13 -14.96
N GLN G 316 46.34 8.75 -16.12
CA GLN G 316 47.25 9.83 -16.48
C GLN G 316 46.73 11.19 -16.10
N MET G 317 47.57 12.01 -15.49
CA MET G 317 47.17 13.36 -15.13
C MET G 317 48.13 14.39 -15.72
N ASP G 318 47.58 15.46 -16.28
CA ASP G 318 48.42 16.50 -16.84
C ASP G 318 48.59 17.63 -15.84
N VAL G 319 49.78 17.76 -15.27
CA VAL G 319 50.02 18.80 -14.27
C VAL G 319 50.85 19.93 -14.84
N ASN G 320 50.41 21.16 -14.61
CA ASN G 320 51.14 22.32 -15.10
C ASN G 320 51.68 23.13 -13.94
N PHE G 321 52.72 23.92 -14.18
CA PHE G 321 53.35 24.66 -13.10
C PHE G 321 53.19 26.16 -13.34
N LYS G 322 53.15 26.91 -12.24
CA LYS G 322 53.05 28.36 -12.30
C LYS G 322 53.95 29.01 -11.26
N ARG G 323 54.77 28.21 -10.58
CA ARG G 323 55.71 28.75 -9.61
C ARG G 323 56.90 27.81 -9.52
N VAL G 324 58.11 28.37 -9.50
CA VAL G 324 59.33 27.57 -9.43
C VAL G 324 59.38 26.81 -8.12
C1 D12 H . -10.80 -14.82 -19.48
C2 D12 H . -10.67 -14.54 -20.96
C3 D12 H . -11.03 -13.10 -21.32
C4 D12 H . -11.26 -12.89 -22.81
C5 D12 H . -11.31 -11.42 -23.21
C6 D12 H . -12.13 -11.17 -24.47
C7 D12 H . -11.88 -9.80 -25.11
C8 D12 H . -12.70 -9.57 -26.37
C9 D12 H . -12.32 -8.32 -27.15
C10 D12 H . -12.07 -8.60 -28.63
C11 D12 H . -12.17 -7.36 -29.51
C12 D12 H . -11.77 -7.63 -30.95
H11 D12 H . -11.72 -14.73 -19.18
H12 D12 H . -10.52 -15.72 -19.26
H13 D12 H . -10.26 -14.21 -18.96
H21 D12 H . -9.76 -14.72 -21.26
H22 D12 H . -11.24 -15.14 -21.46
H31 D12 H . -11.81 -12.84 -20.83
H32 D12 H . -10.32 -12.51 -21.02
H41 D12 H . -10.57 -13.33 -23.32
H42 D12 H . -12.10 -13.32 -23.07
H51 D12 H . -11.69 -10.90 -22.48
H52 D12 H . -10.42 -11.08 -23.34
H61 D12 H . -11.94 -11.86 -25.12
H62 D12 H . -13.08 -11.25 -24.27
H71 D12 H . -12.08 -9.11 -24.46
H72 D12 H . -10.94 -9.71 -25.31
H81 D12 H . -12.61 -10.35 -26.95
H82 D12 H . -13.64 -9.52 -26.14
H91 D12 H . -13.01 -7.67 -27.06
H92 D12 H . -11.52 -7.94 -26.75
H101 D12 H . -11.19 -9.00 -28.74
H102 D12 H . -12.70 -9.26 -28.95
H111 D12 H . -13.07 -7.02 -29.48
H112 D12 H . -11.60 -6.66 -29.13
H121 D12 H . -11.90 -6.84 -31.51
H122 D12 H . -10.83 -7.88 -31.01
H123 D12 H . -12.29 -8.34 -31.33
C1 D12 I . -12.20 -4.08 -21.07
C2 D12 I . -12.33 -3.16 -22.27
C3 D12 I . -11.77 -3.77 -23.55
C4 D12 I . -11.77 -2.79 -24.72
C5 D12 I . -11.17 -3.38 -25.99
C6 D12 I . -10.93 -2.32 -27.07
C7 D12 I . -10.63 -2.90 -28.44
C8 D12 I . -9.15 -2.80 -28.83
C9 D12 I . -8.85 -3.28 -30.24
C10 D12 I . -7.62 -2.61 -30.84
C11 D12 I . -7.16 -3.22 -32.15
C12 D12 I . -5.85 -2.62 -32.65
H11 D12 I . -12.50 -3.64 -20.25
H12 D12 I . -12.72 -4.88 -21.17
H13 D12 I . -11.27 -4.34 -20.93
H21 D12 I . -13.27 -2.94 -22.41
H22 D12 I . -11.88 -2.32 -22.09
H31 D12 I . -10.87 -4.08 -23.39
H32 D12 I . -12.29 -4.56 -23.78
H41 D12 I . -12.68 -2.51 -24.89
H42 D12 I . -11.29 -1.99 -24.48
H51 D12 I . -10.34 -3.82 -25.78
H52 D12 I . -11.76 -4.07 -26.34
H61 D12 I . -11.71 -1.74 -27.13
H62 D12 I . -10.19 -1.75 -26.80
H71 D12 I . -10.91 -3.83 -28.47
H72 D12 I . -11.15 -2.44 -29.11
H81 D12 I . -8.86 -1.89 -28.73
H82 D12 I . -8.63 -3.33 -28.19
H91 D12 I . -8.72 -4.25 -30.23
H92 D12 I . -9.62 -3.12 -30.81
H101 D12 I . -7.82 -1.67 -30.97
H102 D12 I . -6.90 -2.64 -30.20
H111 D12 I . -7.07 -4.18 -32.05
H112 D12 I . -7.85 -3.09 -32.83
H121 D12 I . -5.60 -2.97 -33.51
H122 D12 I . -5.92 -1.65 -32.73
H123 D12 I . -5.13 -2.81 -32.03
C1 D12 J . -9.18 -22.90 -9.66
C2 D12 J . -8.64 -24.04 -10.51
C3 D12 J . -8.90 -23.82 -12.00
C4 D12 J . -8.26 -24.87 -12.89
C5 D12 J . -8.30 -24.53 -14.38
C6 D12 J . -7.58 -25.54 -15.25
C7 D12 J . -7.58 -25.16 -16.73
C8 D12 J . -7.03 -26.23 -17.65
C9 D12 J . -5.52 -26.44 -17.52
C10 D12 J . -5.02 -27.58 -18.40
C11 D12 J . -3.79 -27.24 -19.22
C12 D12 J . -3.47 -28.31 -20.26
H11 D12 J . -10.12 -22.76 -9.81
H12 D12 J . -9.06 -23.08 -8.71
H13 D12 J . -8.73 -22.06 -9.87
H21 D12 J . -7.69 -24.14 -10.37
H22 D12 J . -9.04 -24.87 -10.23
H31 D12 J . -9.85 -23.80 -12.16
H32 D12 J . -8.57 -22.94 -12.25
H41 D12 J . -7.33 -25.01 -12.61
H42 D12 J . -8.70 -25.73 -12.75
H51 D12 J . -9.22 -24.45 -14.66
H52 D12 J . -7.91 -23.64 -14.50
H61 D12 J . -6.65 -25.64 -14.95
H62 D12 J . -7.98 -26.41 -15.15
H71 D12 J . -8.49 -24.94 -17.00
H72 D12 J . -7.07 -24.34 -16.85
H81 D12 J . -7.49 -27.07 -17.46
H82 D12 J . -7.24 -26.01 -18.56
H91 D12 J . -5.07 -25.63 -17.74
H92 D12 J . -5.30 -26.63 -16.60
H101 D12 J . -4.83 -28.36 -17.85
H102 D12 J . -5.72 -27.84 -19.00
H111 D12 J . -3.92 -26.39 -19.67
H112 D12 J . -3.02 -27.12 -18.63
H121 D12 J . -2.70 -28.07 -20.81
H122 D12 J . -3.27 -29.16 -19.84
H123 D12 J . -4.22 -28.45 -20.86
C1 D12 K . -5.92 -20.25 -12.27
C2 D12 K . -5.73 -20.55 -13.76
C3 D12 K . -4.84 -21.76 -14.01
C4 D12 K . -4.53 -21.97 -15.49
C5 D12 K . -3.61 -23.15 -15.76
C6 D12 K . -3.09 -23.19 -17.19
C7 D12 K . -2.42 -24.50 -17.58
C8 D12 K . -0.90 -24.41 -17.64
C9 D12 K . -0.23 -25.69 -18.13
C10 D12 K . 1.10 -25.43 -18.80
C11 D12 K . 1.91 -26.69 -19.10
C12 D12 K . 3.30 -26.38 -19.64
H11 D12 K . -6.42 -19.44 -12.15
H12 D12 K . -6.39 -20.96 -11.82
H13 D12 K . -5.07 -20.14 -11.83
H21 D12 K . -6.59 -20.69 -14.18
H22 D12 K . -5.34 -19.77 -14.20
H31 D12 K . -4.01 -21.66 -13.52
H32 D12 K . -5.27 -22.56 -13.66
H41 D12 K . -5.35 -22.10 -15.97
H42 D12 K . -4.12 -21.17 -15.85
H51 D12 K . -2.85 -23.12 -15.15
H52 D12 K . -4.07 -23.98 -15.56
H61 D12 K . -3.82 -23.01 -17.80
H62 D12 K . -2.45 -22.46 -17.32
H71 D12 K . -2.68 -25.20 -16.95
H72 D12 K . -2.76 -24.79 -18.44
H81 D12 K . -0.65 -23.68 -18.22
H82 D12 K . -0.56 -24.19 -16.75
H91 D12 K . -0.10 -26.30 -17.38
H92 D12 K . -0.82 -26.15 -18.74
H101 D12 K . 0.96 -24.95 -19.62
H102 D12 K . 1.64 -24.84 -18.25
H111 D12 K . 1.98 -27.23 -18.29
H112 D12 K . 1.42 -27.24 -19.74
H121 D12 K . 3.78 -27.20 -19.87
H122 D12 K . 3.26 -25.82 -20.43
H123 D12 K . 3.83 -25.91 -18.98
C1 D12 L . -15.44 -7.78 -20.44
C2 D12 L . -15.30 -7.88 -21.95
C3 D12 L . -15.76 -6.62 -22.67
C4 D12 L . -15.51 -6.65 -24.18
C5 D12 L . -15.73 -5.31 -24.85
C6 D12 L . -15.39 -5.31 -26.33
C7 D12 L . -15.58 -3.95 -26.99
C8 D12 L . -15.43 -3.97 -28.51
C9 D12 L . -14.00 -4.21 -28.98
C10 D12 L . -13.90 -4.30 -30.50
C11 D12 L . -12.78 -3.46 -31.11
C12 D12 L . -12.87 -3.38 -32.62
H11 D12 L . -16.35 -7.57 -20.18
H12 D12 L . -15.19 -8.60 -20.00
H13 D12 L . -14.86 -7.08 -20.08
H21 D12 L . -14.37 -8.06 -22.19
H22 D12 L . -15.81 -8.64 -22.28
H31 D12 L . -16.70 -6.48 -22.50
H32 D12 L . -15.31 -5.85 -22.29
H41 D12 L . -14.60 -6.95 -24.35
H42 D12 L . -16.09 -7.32 -24.58
H51 D12 L . -16.65 -5.04 -24.73
H52 D12 L . -15.20 -4.63 -24.40
H61 D12 L . -14.48 -5.61 -26.46
H62 D12 L . -15.95 -5.96 -26.79
H71 D12 L . -16.46 -3.60 -26.77
H72 D12 L . -14.94 -3.32 -26.61
H81 D12 L . -16.00 -4.65 -28.87
H82 D12 L . -15.75 -3.13 -28.88
H91 D12 L . -13.43 -3.50 -28.66
H92 D12 L . -13.66 -5.03 -28.58
H101 D12 L . -13.79 -5.23 -30.76
H102 D12 L . -14.74 -4.01 -30.88
H111 D12 L . -12.82 -2.56 -30.74
H112 D12 L . -11.92 -3.82 -30.85
H121 D12 L . -12.19 -2.81 -33.00
H122 D12 L . -12.79 -4.26 -33.03
H123 D12 L . -13.73 -3.02 -32.91
C1 D12 M . -16.98 5.15 -19.80
C2 D12 M . -17.06 6.45 -20.57
C3 D12 M . -17.15 7.67 -19.67
C4 D12 M . -17.59 8.94 -20.39
C5 D12 M . -17.40 10.21 -19.56
C6 D12 M . -18.35 11.33 -19.97
C7 D12 M . -17.92 12.71 -19.45
C8 D12 M . -18.89 13.81 -19.87
C9 D12 M . -18.38 15.21 -19.56
C10 D12 M . -18.47 16.15 -20.77
C11 D12 M . -18.45 17.63 -20.40
C12 D12 M . -18.37 18.54 -21.62
H11 D12 M . -17.78 5.00 -19.29
H12 D12 M . -16.86 4.39 -20.39
H13 D12 M . -16.24 5.16 -19.18
H21 D12 M . -16.28 6.55 -21.15
H22 D12 M . -17.83 6.44 -21.17
H31 D12 M . -17.77 7.49 -18.94
H32 D12 M . -16.29 7.83 -19.25
H41 D12 M . -17.10 9.02 -21.23
H42 D12 M . -18.52 8.86 -20.64
H51 D12 M . -17.51 10.01 -18.63
H52 D12 M . -16.48 10.52 -19.67
H61 D12 M . -18.43 11.36 -20.93
H62 D12 M . -19.23 11.13 -19.63
H71 D12 M . -17.85 12.68 -18.49
H72 D12 M . -17.03 12.91 -19.78
H81 D12 M . -19.07 13.74 -20.82
H82 D12 M . -19.74 13.69 -19.42
H91 D12 M . -18.89 15.59 -18.83
H92 D12 M . -17.47 15.17 -19.26
H101 D12 M . -17.72 15.95 -21.37
H102 D12 M . -19.27 15.95 -21.27
H111 D12 M . -19.24 17.83 -19.89
H112 D12 M . -17.69 17.80 -19.81
H121 D12 M . -18.43 19.47 -21.37
H122 D12 M . -17.54 18.41 -22.11
H123 D12 M . -19.10 18.36 -22.23
C1 D12 N . -16.28 13.43 -12.67
C2 D12 N . -16.42 14.94 -12.74
C3 D12 N . -16.24 15.50 -14.14
C4 D12 N . -16.24 17.02 -14.19
C5 D12 N . -16.00 17.59 -15.58
C6 D12 N . -15.74 19.09 -15.57
C7 D12 N . -15.81 19.74 -16.94
C8 D12 N . -14.44 20.08 -17.53
C9 D12 N . -14.51 20.83 -18.86
C10 D12 N . -13.29 21.71 -19.09
C11 D12 N . -13.21 22.30 -20.49
C12 D12 N . -11.92 23.05 -20.74
H11 D12 N . -16.32 13.12 -11.75
H12 D12 N . -16.97 12.98 -13.16
H13 D12 N . -15.42 13.14 -13.03
H21 D12 N . -17.30 15.20 -12.41
H22 D12 N . -15.78 15.36 -12.14
H31 D12 N . -15.41 15.17 -14.52
H32 D12 N . -16.94 15.16 -14.72
H41 D12 N . -17.08 17.35 -13.84
H42 D12 N . -15.54 17.36 -13.58
H51 D12 N . -15.26 17.13 -16.01
H52 D12 N . -16.79 17.41 -16.13
H61 D12 N . -16.37 19.52 -14.97
H62 D12 N . -14.86 19.25 -15.19
H71 D12 N . -16.29 19.16 -17.56
H72 D12 N . -16.35 20.55 -16.88
H81 D12 N . -13.95 20.61 -16.89
H82 D12 N . -13.95 19.26 -17.65
H91 D12 N . -14.59 20.19 -19.58
H92 D12 N . -15.31 21.37 -18.88
H101 D12 N . -13.29 22.43 -18.44
H102 D12 N . -12.49 21.20 -18.90
H111 D12 N . -13.31 21.58 -21.14
H112 D12 N . -13.97 22.89 -20.64
H121 D12 N . -11.90 23.46 -21.62
H122 D12 N . -11.79 23.74 -20.08
H123 D12 N . -11.15 22.45 -20.69
C1 D12 O . -20.07 10.56 -14.04
C2 D12 O . -20.23 11.63 -15.11
C3 D12 O . -20.52 13.00 -14.53
C4 D12 O . -20.56 14.12 -15.57
C5 D12 O . -20.60 15.51 -14.97
C6 D12 O . -20.55 16.62 -16.01
C7 D12 O . -20.55 18.02 -15.39
C8 D12 O . -20.66 19.14 -16.41
C9 D12 O . -19.43 19.33 -17.29
C10 D12 O . -19.62 20.40 -18.34
C11 D12 O . -18.48 21.40 -18.43
C12 D12 O . -18.82 22.60 -19.31
H11 D12 O . -20.86 10.51 -13.47
H12 D12 O . -19.93 9.68 -14.42
H13 D12 O . -19.31 10.74 -13.47
H21 D12 O . -19.42 11.67 -15.65
H22 D12 O . -20.94 11.37 -15.72
H31 D12 O . -21.37 12.98 -14.06
H32 D12 O . -19.86 13.22 -13.86
H41 D12 O . -19.78 14.03 -16.15
H42 D12 O . -21.33 13.99 -16.15
H51 D12 O . -21.41 15.61 -14.44
H52 D12 O . -19.86 15.61 -14.34
H61 D12 O . -19.75 16.51 -16.56
H62 D12 O . -21.30 16.54 -16.61
H71 D12 O . -21.27 18.08 -14.75
H72 D12 O . -19.73 18.14 -14.88
H81 D12 O . -21.43 18.97 -16.98
H82 D12 O . -20.86 19.97 -15.95
H91 D12 O . -18.67 19.55 -16.72
H92 D12 O . -19.21 18.48 -17.72
H101 D12 O . -19.76 20.00 -19.21
H102 D12 O . -20.43 20.89 -18.14
H111 D12 O . -18.25 21.71 -17.54
H112 D12 O . -17.69 20.95 -18.77
H121 D12 O . -18.10 23.25 -19.34
H122 D12 O . -18.98 22.32 -20.23
H123 D12 O . -19.61 23.05 -19.00
C1 D12 P . -18.53 18.66 -4.02
C2 D12 P . -18.46 20.11 -3.54
C3 D12 P . -18.12 20.21 -2.06
C4 D12 P . -18.40 21.59 -1.47
C5 D12 P . -17.79 21.80 -0.08
C6 D12 P . -18.53 22.84 0.74
C7 D12 P . -17.73 23.34 1.94
C8 D12 P . -18.49 24.39 2.76
C9 D12 P . -17.65 25.07 3.82
C10 D12 P . -17.73 26.59 3.76
C11 D12 P . -17.33 27.28 5.06
C12 D12 P . -17.28 28.79 4.93
H11 D12 P . -19.24 18.18 -3.58
H12 D12 P . -18.68 18.62 -4.98
H13 D12 P . -17.70 18.19 -3.83
H21 D12 P . -17.79 20.59 -4.06
H22 D12 P . -19.30 20.55 -3.72
H31 D12 P . -18.62 19.55 -1.57
H32 D12 P . -17.19 19.99 -1.93
H41 D12 P . -18.06 22.28 -2.07
H42 D12 P . -19.35 21.73 -1.43
H51 D12 P . -17.79 20.96 0.39
H52 D12 P . -16.86 22.06 -0.18
H61 D12 P . -18.77 23.59 0.18
H62 D12 P . -19.37 22.46 1.05
H71 D12 P . -17.51 22.59 2.52
H72 D12 P . -16.89 23.72 1.63
H81 D12 P . -18.85 25.06 2.15
H82 D12 P . -19.26 23.97 3.17
H91 D12 P . -17.93 24.77 4.70
H92 D12 P . -16.73 24.80 3.73
H101 D12 P . -17.18 26.92 3.04
H102 D12 P . -18.64 26.85 3.53
H111 D12 P . -17.97 27.03 5.76
H112 D12 P . -16.47 26.95 5.35
H121 D12 P . -17.09 29.22 5.79
H122 D12 P . -16.60 29.07 4.30
H123 D12 P . -18.13 29.15 4.61
C1 D12 Q . -14.81 18.67 6.28
C2 D12 Q . -14.63 19.71 7.37
C3 D12 Q . -14.58 21.13 6.84
C4 D12 Q . -14.25 22.16 7.91
C5 D12 Q . -14.15 23.59 7.39
C6 D12 Q . -13.57 24.56 8.42
C7 D12 Q . -13.75 26.03 8.04
C8 D12 Q . -12.46 26.67 7.53
C9 D12 Q . -12.59 28.16 7.26
C10 D12 Q . -11.27 28.91 7.41
C11 D12 Q . -11.31 30.36 6.94
C12 D12 Q . -9.94 31.02 6.97
H11 D12 Q . -14.76 17.77 6.64
H12 D12 Q . -15.67 18.75 5.83
H13 D12 Q . -14.11 18.75 5.61
H21 D12 Q . -15.35 19.64 8.02
H22 D12 Q . -13.82 19.52 7.87
H31 D12 Q . -13.92 21.19 6.13
H32 D12 Q . -15.43 21.35 6.43
H41 D12 Q . -14.92 22.12 8.61
H42 D12 Q . -13.41 21.92 8.34
H51 D12 Q . -13.62 23.60 6.59
H52 D12 Q . -15.04 23.89 7.13
H61 D12 Q . -13.98 24.40 9.28
H62 D12 Q . -12.63 24.37 8.52
H71 D12 Q . -14.43 26.11 7.36
H72 D12 Q . -14.07 26.52 8.81
H81 D12 Q . -11.76 26.53 8.19
H82 D12 Q . -12.18 26.22 6.72
H91 D12 Q . -12.93 28.30 6.37
H92 D12 Q . -13.25 28.55 7.86
H101 D12 Q . -11.00 28.89 8.35
H102 D12 Q . -10.58 28.44 6.93
H111 D12 Q . -11.68 30.38 6.04
H112 D12 Q . -11.93 30.85 7.49
H121 D12 Q . -9.99 31.96 6.71
H122 D12 Q . -9.55 30.97 7.85
H123 D12 Q . -9.34 30.58 6.35
C1 D12 R . -19.31 17.87 4.39
C2 D12 R . -19.42 19.37 4.54
C3 D12 R . -19.31 19.84 5.98
C4 D12 R . -19.28 21.35 6.13
C5 D12 R . -18.92 21.81 7.54
C6 D12 R . -18.80 23.33 7.68
C7 D12 R . -18.39 23.76 9.08
C8 D12 R . -18.44 25.28 9.29
C9 D12 R . -17.37 26.04 8.53
C10 D12 R . -17.50 27.55 8.71
C11 D12 R . -16.20 28.27 9.05
C12 D12 R . -16.42 29.72 9.46
H11 D12 R . -19.99 17.41 4.93
H12 D12 R . -19.45 17.58 3.48
H13 D12 R . -18.45 17.55 4.68
H21 D12 R . -18.73 19.80 4.01
H22 D12 R . -20.27 19.67 4.17
H31 D12 R . -20.05 19.48 6.49
H32 D12 R . -18.50 19.46 6.37
H41 D12 R . -18.65 21.73 5.51
H42 D12 R . -20.15 21.71 5.90
H51 D12 R . -19.58 21.48 8.17
H52 D12 R . -18.07 21.40 7.80
H61 D12 R . -18.16 23.66 7.03
H62 D12 R . -19.65 23.73 7.45
H71 D12 R . -18.96 23.33 9.74
H72 D12 R . -17.49 23.45 9.26
H81 D12 R . -19.32 25.60 9.02
H82 D12 R . -18.36 25.47 10.24
H91 D12 R . -16.50 25.75 8.83
H92 D12 R . -17.43 25.82 7.58
H101 D12 R . -17.87 27.93 7.90
H102 D12 R . -18.14 27.73 9.41
H111 D12 R . -15.76 27.79 9.77
H112 D12 R . -15.59 28.22 8.29
H121 D12 R . -15.59 30.15 9.71
H122 D12 R . -16.81 30.22 8.73
H123 D12 R . -17.03 29.78 10.21
C1 D12 S . -14.36 15.45 16.04
C2 D12 S . -13.89 16.02 17.38
C3 D12 S . -13.28 14.97 18.28
C4 D12 S . -13.15 15.40 19.73
C5 D12 S . -12.29 14.48 20.58
C6 D12 S . -12.63 14.53 22.06
C7 D12 S . -11.54 13.94 22.96
C8 D12 S . -11.90 13.99 24.44
C9 D12 S . -10.76 13.62 25.38
C10 D12 S . -10.53 14.65 26.47
C11 D12 S . -9.77 14.11 27.67
C12 D12 S . -9.43 15.18 28.70
H11 D12 S . -15.06 14.82 16.16
H12 D12 S . -14.69 16.15 15.45
H13 D12 S . -13.63 15.00 15.58
H21 D12 S . -13.24 16.73 17.23
H22 D12 S . -14.63 16.44 17.83
H31 D12 S . -13.82 14.15 18.24
H32 D12 S . -12.41 14.71 17.94
H41 D12 S . -12.80 16.31 19.77
H42 D12 S . -14.04 15.46 20.13
H51 D12 S . -12.38 13.57 20.26
H52 D12 S . -11.35 14.72 20.46
H61 D12 S . -12.79 15.44 22.33
H62 D12 S . -13.45 14.05 22.21
H71 D12 S . -11.39 13.01 22.71
H72 D12 S . -10.71 14.40 22.81
H81 D12 S . -12.22 14.89 24.65
H82 D12 S . -12.66 13.41 24.61
H91 D12 S . -10.95 12.75 25.77
H92 D12 S . -9.95 13.51 24.86
H101 D12 S . -10.05 15.40 26.11
H102 D12 S . -11.39 15.00 26.77
H111 D12 S . -10.31 13.42 28.10
H112 D12 S . -8.97 13.66 27.37
H121 D12 S . -9.00 14.81 29.48
H122 D12 S . -8.82 15.84 28.31
H123 D12 S . -10.22 15.65 28.99
C1 D12 T . -8.96 7.59 21.43
C2 D12 T . -8.38 7.43 22.82
C3 D12 T . -8.12 8.76 23.53
C4 D12 T . -7.40 8.60 24.85
C5 D12 T . -7.09 9.92 25.54
C6 D12 T . -6.15 9.77 26.73
C7 D12 T . -6.06 11.00 27.62
C8 D12 T . -4.78 11.81 27.42
C9 D12 T . -4.64 12.98 28.38
C10 D12 T . -3.19 13.33 28.66
C11 D12 T . -3.01 14.64 29.43
C12 D12 T . -1.54 15.04 29.56
H11 D12 T . -9.05 6.74 20.98
H12 D12 T . -9.84 7.99 21.45
H13 D12 T . -8.40 8.15 20.87
H21 D12 T . -8.97 6.89 23.37
H22 D12 T . -7.55 6.93 22.76
H31 D12 T . -7.60 9.33 22.94
H32 D12 T . -8.97 9.21 23.66
H41 D12 T . -7.93 8.05 25.45
H42 D12 T . -6.57 8.11 24.72
H51 D12 T . -6.72 10.54 24.90
H52 D12 T . -7.93 10.32 25.84
H61 D12 T . -6.42 9.01 27.26
H62 D12 T . -5.26 9.56 26.40
H71 D12 T . -6.83 11.58 27.44
H72 D12 T . -6.13 10.73 28.54
H81 D12 T . -4.02 11.21 27.52
H82 D12 T . -4.75 12.14 26.51
H91 D12 T . -5.10 13.75 28.02
H92 D12 T . -5.08 12.77 29.21
H101 D12 T . -2.77 12.61 29.15
H102 D12 T . -2.70 13.39 27.82
H111 D12 T . -3.50 15.34 28.99
H112 D12 T . -3.39 14.55 30.31
H121 D12 T . -1.43 15.84 30.10
H122 D12 T . -1.02 14.33 29.96
H123 D12 T . -1.16 15.22 28.68
C1 D12 U . -13.80 8.53 20.91
C2 D12 U . -13.56 9.40 22.13
C3 D12 U . -13.10 8.59 23.34
C4 D12 U . -12.72 9.46 24.54
C5 D12 U . -12.02 8.67 25.65
C6 D12 U . -11.56 9.54 26.81
C7 D12 U . -10.82 8.77 27.90
C8 D12 U . -10.52 9.59 29.14
C9 D12 U . -9.47 10.66 28.94
C10 D12 U . -9.23 11.50 30.19
C11 D12 U . -7.77 11.69 30.56
C12 D12 U . -7.60 12.33 31.94
H11 D12 U . -14.44 7.83 21.11
H12 D12 U . -14.14 9.05 20.17
H13 D12 U . -12.99 8.10 20.62
H21 D12 U . -12.90 10.08 21.93
H22 D12 U . -14.37 9.88 22.36
H31 D12 U . -13.78 7.97 23.60
H32 D12 U . -12.32 8.05 23.09
H41 D12 U . -12.14 10.18 24.25
H42 D12 U . -13.52 9.87 24.90
H51 D12 U . -12.62 7.99 25.98
H52 D12 U . -11.26 8.20 25.28
H61 D12 U . -10.99 10.26 26.48
H62 D12 U . -12.33 10.00 27.20
H71 D12 U . -11.35 7.99 28.14
H72 D12 U . -9.99 8.42 27.53
H81 D12 U . -11.34 10.00 29.46
H82 D12 U . -10.24 8.99 29.85
H91 D12 U . -8.63 10.24 28.67
H92 D12 U . -9.73 11.23 28.21
H101 D12 U . -9.66 12.37 30.07
H102 D12 U . -9.69 11.08 30.92
H111 D12 U . -7.32 10.83 30.54
H112 D12 U . -7.33 12.24 29.89
H121 D12 U . -6.67 12.40 32.19
H122 D12 U . -8.00 13.21 31.97
H123 D12 U . -8.04 11.79 32.62
C1 D12 V . -7.72 -1.84 25.15
C2 D12 V . -6.93 -2.48 26.27
C3 D12 V . -6.42 -3.87 25.90
C4 D12 V . -5.95 -4.68 27.10
C5 D12 V . -5.17 -5.93 26.71
C6 D12 V . -5.23 -7.04 27.77
C7 D12 V . -4.16 -8.11 27.60
C8 D12 V . -4.24 -9.19 28.67
C9 D12 V . -3.06 -10.15 28.68
C10 D12 V . -2.43 -10.32 30.05
C11 D12 V . -1.61 -11.59 30.20
C12 D12 V . -0.87 -11.67 31.52
H11 D12 V . -8.52 -2.34 24.95
H12 D12 V . -7.99 -0.93 25.38
H13 D12 V . -7.20 -1.78 24.33
H21 D12 V . -6.18 -1.92 26.51
H22 D12 V . -7.48 -2.55 27.06
H31 D12 V . -7.12 -4.36 25.43
H32 D12 V . -5.69 -3.78 25.26
H41 D12 V . -5.40 -4.13 27.67
H42 D12 V . -6.72 -4.94 27.64
H51 D12 V . -5.49 -6.28 25.87
H52 D12 V . -4.24 -5.69 26.56
H61 D12 V . -5.16 -6.64 28.65
H62 D12 V . -6.10 -7.45 27.74
H71 D12 V . -4.24 -8.51 26.73
H72 D12 V . -3.28 -7.70 27.62
H81 D12 V . -4.31 -8.77 29.55
H82 D12 V . -5.05 -9.69 28.55
H91 D12 V . -3.35 -11.02 28.34
H92 D12 V . -2.39 -9.84 28.05
H101 D12 V . -1.87 -9.55 30.24
H102 D12 V . -3.12 -10.31 30.72
H111 D12 V . -2.20 -12.36 30.11
H112 D12 V . -0.97 -11.66 29.46
H121 D12 V . -0.40 -12.52 31.62
H122 D12 V . -0.21 -10.96 31.60
H123 D12 V . -1.48 -11.58 32.28
C1 D12 W . -3.29 -11.08 21.31
C2 D12 W . -2.52 -12.25 21.91
C3 D12 W . -1.87 -11.92 23.24
C4 D12 W . -0.98 -13.05 23.76
C5 D12 W . -0.29 -12.71 25.08
C6 D12 W . 0.80 -13.72 25.44
C7 D12 W . 1.29 -13.59 26.89
C8 D12 W . 2.66 -12.93 26.99
C9 D12 W . 3.21 -12.90 28.41
C10 D12 W . 4.73 -12.89 28.44
C11 D12 W . 5.31 -12.63 29.83
C12 D12 W . 6.83 -12.48 29.81
H11 D12 W . -3.62 -11.30 20.43
H12 D12 W . -4.05 -10.84 21.86
H13 D12 W . -2.72 -10.30 21.22
H21 D12 W . -3.12 -13.01 22.02
H22 D12 W . -1.84 -12.54 21.28
H31 D12 W . -1.35 -11.11 23.15
H32 D12 W . -2.56 -11.72 23.89
H41 D12 W . -1.51 -13.85 23.87
H42 D12 W . -0.32 -13.26 23.10
H51 D12 W . 0.10 -11.83 25.03
H52 D12 W . -0.95 -12.68 25.79
H61 D12 W . 0.46 -14.61 25.30
H62 D12 W . 1.54 -13.61 24.84
H71 D12 W . 0.65 -13.09 27.40
H72 D12 W . 1.33 -14.48 27.29
H81 D12 W . 3.28 -13.41 26.41
H82 D12 W . 2.61 -12.04 26.65
H91 D12 W . 2.87 -12.12 28.87
H92 D12 W . 2.88 -13.67 28.91
H101 D12 W . 5.07 -13.74 28.12
H102 D12 W . 5.06 -12.22 27.83
H111 D12 W . 4.92 -11.84 30.21
H112 D12 W . 5.07 -13.36 30.42
H121 D12 W . 7.19 -12.37 30.70
H122 D12 W . 7.26 -13.26 29.41
H123 D12 W . 7.09 -11.71 29.29
C1 D12 X . -7.83 -10.04 22.99
C2 D12 X . -7.20 -10.42 24.33
C3 D12 X . -6.72 -11.86 24.37
C4 D12 X . -5.97 -12.20 25.64
C5 D12 X . -5.27 -13.56 25.57
C6 D12 X . -4.44 -13.88 26.81
C7 D12 X . -3.72 -15.22 26.72
C8 D12 X . -3.05 -15.64 28.02
C9 D12 X . -1.83 -14.79 28.39
C10 D12 X . -1.21 -15.20 29.72
C11 D12 X . 0.30 -15.37 29.70
C12 D12 X . 0.83 -16.01 30.97
H11 D12 X . -8.57 -10.64 22.77
H12 D12 X . -8.18 -9.13 22.99
H13 D12 X . -7.19 -10.10 22.27
H21 D12 X . -6.45 -9.82 24.51
H22 D12 X . -7.84 -10.27 25.04
H31 D12 X . -7.48 -12.45 24.26
H32 D12 X . -6.15 -12.02 23.60
H41 D12 X . -5.32 -11.52 25.83
H42 D12 X . -6.59 -12.19 26.39
H51 D12 X . -5.94 -14.25 25.45
H52 D12 X . -4.70 -13.59 24.79
H61 D12 X . -3.80 -13.18 26.97
H62 D12 X . -5.02 -13.89 27.60
H71 D12 X . -4.35 -15.91 26.45
H72 D12 X . -3.06 -15.18 26.02
H81 D12 X . -3.68 -15.60 28.75
H82 D12 X . -2.77 -16.57 27.96
H91 D12 X . -1.16 -14.87 27.68
H92 D12 X . -2.09 -13.86 28.41
H101 D12 X . -1.45 -14.55 30.40
H102 D12 X . -1.61 -16.03 30.01
H111 D12 X . 0.54 -15.92 28.93
H112 D12 X . 0.72 -14.51 29.56
H121 D12 X . 1.79 -16.16 30.93
H122 D12 X . 0.64 -15.45 31.74
H123 D12 X . 0.41 -16.87 31.13
C1 D12 Y . -3.58 -20.11 16.70
C2 D12 Y . -2.77 -21.39 16.72
C3 D12 Y . -2.63 -22.02 15.34
C4 D12 Y . -2.15 -23.47 15.38
C5 D12 Y . -1.73 -24.01 14.02
C6 D12 Y . -1.85 -25.52 13.91
C7 D12 Y . -1.08 -26.11 12.73
C8 D12 Y . -1.20 -27.63 12.64
C9 D12 Y . -0.27 -28.27 11.61
C10 D12 Y . 0.54 -29.42 12.19
C11 D12 Y . 1.08 -30.37 11.13
C12 D12 Y . 2.01 -31.44 11.71
H11 D12 Y . -4.50 -20.29 16.44
H12 D12 Y . -3.61 -19.69 17.58
H13 D12 Y . -3.21 -19.46 16.08
H21 D12 Y . -1.88 -21.21 17.07
H22 D12 Y . -3.17 -22.03 17.33
H31 D12 Y . -3.49 -21.98 14.89
H32 D12 Y . -2.02 -21.50 14.80
H41 D12 Y . -1.41 -23.54 15.99
H42 D12 Y . -2.85 -24.04 15.74
H51 D12 Y . -2.27 -23.59 13.32
H52 D12 Y . -0.82 -23.74 13.83
H61 D12 Y . -1.54 -25.93 14.72
H62 D12 Y . -2.78 -25.77 13.82
H71 D12 Y . -1.40 -25.71 11.90
H72 D12 Y . -0.14 -25.87 12.80
H81 D12 Y . -1.02 -28.01 13.51
H82 D12 Y . -2.11 -27.86 12.43
H91 D12 Y . -0.79 -28.58 10.86
H92 D12 Y . 0.33 -27.60 11.26
H101 D12 Y . 1.27 -29.07 12.71
H102 D12 Y . -0.01 -29.92 12.82
H111 D12 Y . 0.33 -30.80 10.69
H112 D12 Y . 1.54 -29.87 10.45
H121 D12 Y . 2.29 -32.07 11.03
H122 D12 Y . 2.80 -31.04 12.09
H123 D12 Y . 1.57 -31.94 12.41
C1 D12 Z . -1.98 -23.31 6.36
C2 D12 Z . -1.39 -24.54 5.67
C3 D12 Z . -0.46 -25.34 6.57
C4 D12 Z . 0.25 -26.47 5.85
C5 D12 Z . 1.21 -27.26 6.73
C6 D12 Z . 2.10 -28.20 5.93
C7 D12 Z . 2.86 -29.21 6.79
C8 D12 Z . 4.33 -28.88 6.96
C9 D12 Z . 5.12 -29.93 7.72
C10 D12 Z . 6.59 -29.96 7.33
C11 D12 Z . 7.44 -30.85 8.23
C12 D12 Z . 8.93 -30.74 7.91
H11 D12 Z . -2.51 -22.79 5.73
H12 D12 Z . -2.56 -23.56 7.09
H13 D12 Z . -1.28 -22.74 6.71
H21 D12 Z . -2.10 -25.11 5.35
H22 D12 Z . -0.90 -24.26 4.88
H31 D12 Z . 0.21 -24.75 6.96
H32 D12 Z . -0.96 -25.69 7.31
H41 D12 Z . -0.41 -27.08 5.48
H42 D12 Z . 0.72 -26.12 5.09
H51 D12 Z . 1.77 -26.64 7.23
H52 D12 Z . 0.71 -27.76 7.38
H61 D12 Z . 1.57 -28.67 5.28
H62 D12 Z . 2.75 -27.68 5.42
H71 D12 Z . 2.43 -29.27 7.67
H72 D12 Z . 2.76 -30.09 6.39
H81 D12 Z . 4.73 -28.76 6.08
H82 D12 Z . 4.41 -28.02 7.42
H91 D12 Z . 5.04 -29.76 8.68
H92 D12 Z . 4.72 -30.80 7.58
H101 D12 Z . 6.67 -30.27 6.42
H102 D12 Z . 6.94 -29.07 7.34
H111 D12 Z . 7.30 -30.61 9.16
H112 D12 Z . 7.16 -31.77 8.15
H121 D12 Z . 9.46 -31.34 8.45
H122 D12 Z . 9.10 -30.95 6.98
H123 D12 Z . 9.26 -29.85 8.08
C1 D12 AA . -5.82 -23.86 9.43
C2 D12 AA . -5.07 -25.12 9.83
C3 D12 AA . -4.90 -26.10 8.67
C4 D12 AA . -4.03 -27.30 9.02
C5 D12 AA . -3.68 -28.15 7.80
C6 D12 AA . -2.73 -29.30 8.13
C7 D12 AA . -2.33 -30.11 6.90
C8 D12 AA . -1.55 -31.37 7.22
C9 D12 AA . -0.14 -31.11 7.72
C10 D12 AA . 0.60 -32.38 8.11
C11 D12 AA . 2.01 -32.49 7.55
C12 D12 AA . 2.61 -33.88 7.76
H11 D12 AA . -6.69 -24.08 9.06
H12 D12 AA . -5.97 -23.27 10.18
H13 D12 AA . -5.35 -23.36 8.74
H21 D12 AA . -4.19 -24.87 10.17
H22 D12 AA . -5.52 -25.55 10.56
H31 D12 AA . -5.78 -26.40 8.39
H32 D12 AA . -4.52 -25.63 7.91
H41 D12 AA . -3.23 -27.00 9.46
H42 D12 AA . -4.50 -27.85 9.66
H51 D12 AA . -4.48 -28.49 7.40
H52 D12 AA . -3.26 -27.57 7.13
H61 D12 AA . -1.93 -28.95 8.55
H62 D12 AA . -3.15 -29.88 8.77
H71 D12 AA . -3.13 -30.35 6.41
H72 D12 AA . -1.82 -29.55 6.30
H81 D12 AA . -2.03 -31.89 7.88
H82 D12 AA . -1.50 -31.93 6.43
H91 D12 AA . 0.37 -30.63 7.04
H92 D12 AA . -0.18 -30.51 8.49
H101 D12 AA . 0.63 -32.46 9.08
H102 D12 AA . 0.08 -33.14 7.79
H111 D12 AA . 2.00 -32.28 6.61
H112 D12 AA . 2.58 -31.83 7.97
H121 D12 AA . 3.49 -33.95 7.36
H122 D12 AA . 2.69 -34.10 8.69
H123 D12 AA . 2.05 -34.56 7.34
C1 D12 BA . -4.94 -25.89 -2.94
C2 D12 BA . -4.42 -26.76 -4.08
C3 D12 BA . -4.67 -26.14 -5.44
C4 D12 BA . -4.50 -27.13 -6.59
C5 D12 BA . -4.45 -26.46 -7.96
C6 D12 BA . -4.90 -27.38 -9.10
C7 D12 BA . -4.50 -26.88 -10.48
C8 D12 BA . -4.94 -27.82 -11.60
C9 D12 BA . -4.37 -27.49 -12.97
C10 D12 BA . -3.73 -28.68 -13.66
C11 D12 BA . -3.61 -28.52 -15.16
C12 D12 BA . -2.83 -29.66 -15.81
H11 D12 BA . -5.91 -25.80 -2.98
H12 D12 BA . -4.72 -26.27 -2.07
H13 D12 BA . -4.57 -25.00 -2.98
H21 D12 BA . -3.47 -26.91 -3.96
H22 D12 BA . -4.83 -27.64 -4.04
H31 D12 BA . -5.57 -25.77 -5.47
H32 D12 BA . -4.08 -25.39 -5.57
H41 D12 BA . -3.69 -27.65 -6.46
H42 D12 BA . -5.23 -27.77 -6.58
H51 D12 BA . -5.01 -25.67 -7.96
H52 D12 BA . -3.55 -26.15 -8.15
H61 D12 BA . -4.54 -28.26 -8.96
H62 D12 BA . -5.87 -27.47 -9.06
H71 D12 BA . -4.87 -26.01 -10.63
H72 D12 BA . -3.53 -26.78 -10.52
H81 D12 BA . -4.70 -28.73 -11.36
H82 D12 BA . -5.92 -27.81 -11.65
H91 D12 BA . -5.08 -27.13 -13.52
H92 D12 BA . -3.71 -26.77 -12.87
H101 D12 BA . -2.86 -28.85 -13.27
H102 D12 BA . -4.25 -29.47 -13.47
H111 D12 BA . -4.49 -28.46 -15.56
H112 D12 BA . -3.16 -27.68 -15.36
H121 D12 BA . -2.80 -29.58 -16.78
H122 D12 BA . -1.92 -29.68 -15.50
H123 D12 BA . -3.23 -30.52 -15.61
#